data_7MEX
#
_entry.id   7MEX
#
_cell.length_a   1.00
_cell.length_b   1.00
_cell.length_c   1.00
_cell.angle_alpha   90.00
_cell.angle_beta   90.00
_cell.angle_gamma   90.00
#
_symmetry.space_group_name_H-M   'P 1'
#
loop_
_entity.id
_entity.type
_entity.pdbx_description
1 polymer Ubiquitin
2 polymer 'Ubiquitin-conjugating enzyme E2 2'
3 polymer N-degron
4 polymer 'E3 ubiquitin-protein ligase UBR1'
5 non-polymer 'ZINC ION'
#
loop_
_entity_poly.entity_id
_entity_poly.type
_entity_poly.pdbx_seq_one_letter_code
_entity_poly.pdbx_strand_id
1 'polypeptide(L)' MQIFVKTLTGKTITLEVEPSDTIENVKAKIQDKEGIPPDQQRLIFAGKQLEDGRTLSDYNIQKESTLHLVLRLRGC C
2 'polypeptide(L)'
;TPARRRLMRDFKRMKEDAPPGVSASPLPDNVMVWNAMIIGPADTPYEDGTFRLLLEFDEEYPNKPPHVKFLSEMFHPNVY
ANGEICLDILQNRWTPTYDVASILTSIQSLFNDPNPASPANVEAATLFKDHKSQYVKRVKETVEKSWEDD
;
B
3 'polypeptide(L)' RHGSGSGAWLLPVSLVKRKTTLAPNTQTASPPSYRALADSLMQ D
4 'polypeptide(L)'
;MSVADDDLGSLQGHIRRTLRSIHNLPYFRYTRGPTERADMSRALKEFIYRYLYFVISNSGENLPTLFNAHPKQKLSNPEL
TVFPDSLEDAVDIDKITSQQTIPFYKIDESRIGDVHKHTGRNCGRKFKIGEPLYRCHECGCDDTCVLCIHCFNPKDHVNH
HVCTDICTEFTSGICDCGDEEAWNSPLHCKAEEQENDISEDPATNADIKEEDVWNDSVNIALVELVLAEVFDYFIDVFNQ
NIEPLPTIQKDITIKLREMTQQGKMYERAQFLNDLKYENDYMFDGTTTAKTSPSNSPEASPSLAKIDPENYTVIIYNDEY
HNYSQATTALRQGVPDNVHIDLLTSRIDGEGRAMLKCSQDLSSVLGGFFAVQTNGLSATLTSWSEYLHQETCKYIILWIT
HCLNIPNSSFQTTFRNMMGKTLCSEYLNATECRDMTPVVEKYFSNKFDKNDPYRYIDLSILADGNQIPLGHHKILPESST
HSLSPLINDVETPTSRTYSNTRLQHILYFDNRYWKRLRKDIQNVIIPTLASSNLYKPIFCQQVVEIFNHITRSVAYMDRE
PQLTAIRECVVQLFTCPTNAKNIFENQSFLDIVWSIIDIFKEFCKVEGGVLIWQRVQKSNLTKSYSISFKQGLYTVETLL
SKVHDPNIPLRPKEIISLLTLCKLFNGAWKIKRKEGEHVLHEDQNFISYLEYTTSIYSIIQTAEKVSEKSKDSIDSKLFL
NAIRIISSFLGNRSLTYKLIYDSHEVIKFSVSHERVAFMNPLQTMLSFLIEKVSLKDAYEALEDCSDFLKISDFSLRSVV
LCSQIDVGFWVRNGMSVLHQASYYKNNPELGSYSRDIHLNQLAILWERDDIPRIIYNILDRWELLDWFTGEVDYQHTVYE
DKISFIIQQFIAFIYQILTERQYFKTFSSLKDRRMDQIKNSIIYNLYMKPLSYSKLLRSVPDYLTEDTTEFDEALEEVSV
FVEPKGLADNGVFKLKASLYAKVDPLKLLNLENEFESSATIIKSHLAKDKDEIAKVVLIPQVSIKQLDKDALNLGAFTRN
TVFAKVVYKLLQVCLDMEDSTFLNELLHLVHGIFRDDELINGKDSIPEAYLSKPICNLLLSIANAKSDVFSESIVRKADY
LLEKMIMKKPNELFESLIASFGNQYVNDYKDKKLRQGVNLQETEKERKRRLAKKHQARLLAKFNNQQTKFMKEHESEFDE
QDNDVDMVGEKVYESEDFTCALCQDSSSTDFFVIPAYHDHSPIFRPGNIFNPNEFMPMWDGFYNDDEKQAYIDDDVLEAL
KENGSCGSRKVFVSCNHHIHHNCFKRYVQKKRFSSNAFICPLCQTFSNCTLPLCQTSKANTGLSLDMFLESELSLDTLSR
LFKPFTEENYRTINSIFSLMISQCQGFDKAVRKRANFSHKDVSLILSVHWANTISMLEIASRLEKPYSISFFRSREQKYK
TLKNILVCIMLFTFVIGKPSMEFEPYPQQPDTVWNQNQLFQYIVRSALFSPVSLRQTVTEALTTFSRQFLRDFLQGLSDA
EQVTKLYAKASKIGDVLKVSEQMLFALRTISDVRMEGLDSESIIYDLAYTFLLKSLLPTIRRCLVFIKVLHELVKDSENE
TLVINGHEVEEELEFEDTAEFVNKALKMITEKESLVDLLTTQESIVSHPYLENIPYEYCGIIKLIDLSKYLNTYVTQSKE
IKLREERSQHMKNADNRLDFKICLTCGVKVHLRADRHEMTKHLNKNCFKPFGAFLMPNSSEVCLHLTQPPSNIFISAPYL
NSHGEVGRNAMRRGDLTTLNLKRYEHLNRLWINNEIPGYISRVMGDEFRVTILSNGFLFAFNREPRPRRIPPTDEDDEDM
EEGEDGFFTEGNDEMDVDDETGQAANLFGVGAEGIAGGGVRDFFQFFENFRNTLQPQGNGDDDAPQNPPPILQFLGPQFD
GATIIRNTNPRNLDEDDSDDNDDSDEREIW
;
A
#
# COMPACT_ATOMS: atom_id res chain seq x y z
N MET A 1 -34.48 -21.84 -5.18
CA MET A 1 -34.10 -21.53 -6.55
C MET A 1 -33.11 -22.56 -7.09
N GLN A 2 -33.22 -22.83 -8.40
CA GLN A 2 -32.33 -23.75 -9.08
C GLN A 2 -31.65 -23.01 -10.23
N ILE A 3 -30.31 -23.07 -10.25
CA ILE A 3 -29.52 -22.44 -11.29
C ILE A 3 -28.59 -23.48 -11.90
N PHE A 4 -28.18 -23.21 -13.14
CA PHE A 4 -27.30 -24.09 -13.88
C PHE A 4 -25.93 -23.45 -14.04
N VAL A 5 -24.90 -24.30 -14.16
CA VAL A 5 -23.53 -23.86 -14.35
C VAL A 5 -22.92 -24.71 -15.47
N LYS A 6 -22.33 -24.04 -16.45
CA LYS A 6 -21.67 -24.72 -17.56
C LYS A 6 -20.16 -24.60 -17.36
N THR A 7 -19.51 -25.74 -17.16
CA THR A 7 -18.07 -25.76 -16.90
C THR A 7 -17.29 -25.62 -18.20
N LEU A 8 -15.96 -25.65 -18.08
CA LEU A 8 -15.10 -25.59 -19.25
C LEU A 8 -15.27 -26.81 -20.14
N THR A 9 -15.50 -27.98 -19.53
CA THR A 9 -15.66 -29.20 -20.30
C THR A 9 -16.89 -29.15 -21.21
N GLY A 10 -17.89 -28.36 -20.83
CA GLY A 10 -19.11 -28.25 -21.59
C GLY A 10 -20.33 -28.89 -20.96
N LYS A 11 -20.14 -29.76 -19.97
CA LYS A 11 -21.28 -30.35 -19.28
C LYS A 11 -21.93 -29.31 -18.35
N THR A 12 -23.24 -29.44 -18.18
CA THR A 12 -24.01 -28.55 -17.32
C THR A 12 -24.30 -29.24 -15.99
N ILE A 13 -23.91 -28.59 -14.90
CA ILE A 13 -24.18 -29.08 -13.56
C ILE A 13 -25.31 -28.23 -12.97
N THR A 14 -26.06 -28.82 -12.05
CA THR A 14 -27.23 -28.19 -11.47
C THR A 14 -26.95 -27.83 -10.01
N LEU A 15 -27.14 -26.55 -9.68
CA LEU A 15 -26.93 -26.04 -8.34
C LEU A 15 -28.24 -25.60 -7.73
N GLU A 16 -28.50 -26.03 -6.50
CA GLU A 16 -29.66 -25.59 -5.74
C GLU A 16 -29.21 -24.50 -4.77
N VAL A 17 -29.56 -23.26 -5.07
CA VAL A 17 -29.06 -22.10 -4.35
C VAL A 17 -30.23 -21.27 -3.84
N GLU A 18 -29.89 -20.18 -3.17
CA GLU A 18 -30.83 -19.24 -2.57
C GLU A 18 -30.55 -17.86 -3.16
N PRO A 19 -31.59 -17.05 -3.39
CA PRO A 19 -31.36 -15.70 -3.91
C PRO A 19 -30.51 -14.82 -3.01
N SER A 20 -30.37 -15.17 -1.73
CA SER A 20 -29.57 -14.38 -0.81
C SER A 20 -28.17 -14.96 -0.59
N ASP A 21 -27.79 -16.01 -1.30
CA ASP A 21 -26.45 -16.56 -1.16
C ASP A 21 -25.45 -15.74 -1.97
N THR A 22 -24.27 -15.53 -1.38
CA THR A 22 -23.22 -14.80 -2.05
C THR A 22 -22.60 -15.63 -3.17
N ILE A 23 -21.75 -14.98 -3.96
CA ILE A 23 -21.03 -15.69 -5.03
C ILE A 23 -20.05 -16.69 -4.44
N GLU A 24 -19.53 -16.42 -3.22
CA GLU A 24 -18.59 -17.34 -2.61
C GLU A 24 -19.24 -18.69 -2.31
N ASN A 25 -20.49 -18.69 -1.84
CA ASN A 25 -21.18 -19.94 -1.60
C ASN A 25 -21.41 -20.71 -2.89
N VAL A 26 -21.76 -20.00 -3.97
CA VAL A 26 -21.92 -20.64 -5.27
C VAL A 26 -20.61 -21.26 -5.71
N LYS A 27 -19.50 -20.55 -5.51
CA LYS A 27 -18.19 -21.08 -5.89
C LYS A 27 -17.83 -22.31 -5.05
N ALA A 28 -18.19 -22.30 -3.77
CA ALA A 28 -17.95 -23.46 -2.93
C ALA A 28 -18.75 -24.67 -3.41
N LYS A 29 -20.01 -24.44 -3.79
CA LYS A 29 -20.83 -25.53 -4.32
C LYS A 29 -20.25 -26.06 -5.63
N ILE A 30 -19.75 -25.15 -6.49
CA ILE A 30 -19.12 -25.58 -7.73
C ILE A 30 -17.88 -26.39 -7.45
N GLN A 31 -17.11 -26.00 -6.42
CA GLN A 31 -15.94 -26.79 -6.04
C GLN A 31 -16.36 -28.18 -5.56
N ASP A 32 -17.43 -28.26 -4.78
CA ASP A 32 -17.92 -29.55 -4.31
C ASP A 32 -18.34 -30.44 -5.47
N LYS A 33 -19.03 -29.86 -6.45
CA LYS A 33 -19.52 -30.67 -7.58
C LYS A 33 -18.39 -31.06 -8.54
N GLU A 34 -17.51 -30.13 -8.87
CA GLU A 34 -16.52 -30.31 -9.94
C GLU A 34 -15.09 -30.46 -9.44
N GLY A 35 -14.68 -29.70 -8.44
CA GLY A 35 -13.34 -29.79 -7.90
C GLY A 35 -12.48 -28.56 -8.12
N ILE A 36 -12.92 -27.62 -8.95
CA ILE A 36 -12.15 -26.38 -9.13
C ILE A 36 -12.24 -25.54 -7.86
N PRO A 37 -11.13 -25.16 -7.23
CA PRO A 37 -11.20 -24.39 -6.00
C PRO A 37 -11.77 -23.00 -6.27
N PRO A 38 -12.38 -22.38 -5.26
CA PRO A 38 -12.90 -21.01 -5.47
C PRO A 38 -11.82 -20.00 -5.83
N ASP A 39 -10.54 -20.37 -5.67
CA ASP A 39 -9.45 -19.48 -6.08
C ASP A 39 -9.46 -19.28 -7.58
N GLN A 40 -9.77 -20.33 -8.33
CA GLN A 40 -9.64 -20.31 -9.78
C GLN A 40 -10.94 -19.97 -10.50
N GLN A 41 -12.08 -20.30 -9.91
CA GLN A 41 -13.35 -20.12 -10.61
C GLN A 41 -13.63 -18.65 -10.86
N ARG A 42 -14.06 -18.34 -12.08
CA ARG A 42 -14.64 -17.05 -12.41
C ARG A 42 -16.02 -17.33 -13.01
N LEU A 43 -17.05 -16.71 -12.46
CA LEU A 43 -18.42 -16.96 -12.87
C LEU A 43 -18.87 -15.86 -13.83
N ILE A 44 -19.21 -16.24 -15.06
CA ILE A 44 -19.59 -15.30 -16.10
C ILE A 44 -21.09 -15.35 -16.27
N PHE A 45 -21.76 -14.23 -16.05
CA PHE A 45 -23.19 -14.10 -16.30
C PHE A 45 -23.42 -12.85 -17.14
N ALA A 46 -24.16 -13.01 -18.25
CA ALA A 46 -24.45 -11.92 -19.17
C ALA A 46 -23.16 -11.28 -19.70
N GLY A 47 -22.15 -12.12 -19.93
CA GLY A 47 -20.89 -11.66 -20.49
C GLY A 47 -19.96 -10.97 -19.52
N LYS A 48 -20.32 -10.88 -18.23
CA LYS A 48 -19.50 -10.21 -17.24
C LYS A 48 -19.26 -11.13 -16.06
N GLN A 49 -18.12 -10.94 -15.41
CA GLN A 49 -17.76 -11.77 -14.26
C GLN A 49 -18.64 -11.41 -13.05
N LEU A 50 -18.61 -12.27 -12.05
CA LEU A 50 -19.38 -12.09 -10.82
C LEU A 50 -18.43 -11.83 -9.67
N GLU A 51 -18.67 -10.75 -8.93
CA GLU A 51 -17.81 -10.36 -7.83
C GLU A 51 -18.16 -11.14 -6.57
N ASP A 52 -17.11 -11.57 -5.85
CA ASP A 52 -17.33 -12.45 -4.70
C ASP A 52 -18.13 -11.76 -3.60
N GLY A 53 -17.85 -10.49 -3.34
CA GLY A 53 -18.51 -9.79 -2.26
C GLY A 53 -20.01 -9.61 -2.44
N ARG A 54 -20.49 -9.67 -3.68
CA ARG A 54 -21.90 -9.47 -3.98
C ARG A 54 -22.67 -10.78 -3.88
N THR A 55 -23.98 -10.66 -3.79
CA THR A 55 -24.88 -11.80 -3.67
C THR A 55 -25.51 -12.13 -5.01
N LEU A 56 -26.34 -13.17 -5.02
CA LEU A 56 -27.00 -13.58 -6.27
C LEU A 56 -28.13 -12.63 -6.66
N SER A 57 -28.75 -11.98 -5.68
CA SER A 57 -29.84 -11.06 -5.98
C SER A 57 -29.36 -9.79 -6.67
N ASP A 58 -28.13 -9.35 -6.39
CA ASP A 58 -27.60 -8.12 -6.97
C ASP A 58 -27.35 -8.22 -8.47
N TYR A 59 -27.33 -9.43 -9.03
CA TYR A 59 -27.11 -9.62 -10.46
C TYR A 59 -28.38 -10.05 -11.20
N ASN A 60 -29.54 -10.00 -10.55
CA ASN A 60 -30.81 -10.40 -11.15
C ASN A 60 -30.75 -11.82 -11.70
N ILE A 61 -30.14 -12.72 -10.93
CA ILE A 61 -30.04 -14.13 -11.30
C ILE A 61 -31.25 -14.86 -10.74
N GLN A 62 -31.97 -15.55 -11.62
CA GLN A 62 -33.24 -16.19 -11.28
C GLN A 62 -33.17 -17.68 -11.59
N LYS A 63 -34.33 -18.34 -11.50
CA LYS A 63 -34.40 -19.77 -11.73
C LYS A 63 -34.01 -20.12 -13.17
N GLU A 64 -33.34 -21.25 -13.32
CA GLU A 64 -32.91 -21.82 -14.61
C GLU A 64 -31.96 -20.91 -15.37
N SER A 65 -31.38 -19.91 -14.72
CA SER A 65 -30.40 -19.05 -15.36
C SER A 65 -29.02 -19.71 -15.33
N THR A 66 -28.29 -19.56 -16.43
CA THR A 66 -27.01 -20.25 -16.61
C THR A 66 -25.87 -19.28 -16.33
N LEU A 67 -24.97 -19.66 -15.42
CA LEU A 67 -23.75 -18.94 -15.13
C LEU A 67 -22.58 -19.76 -15.65
N HIS A 68 -21.78 -19.18 -16.55
CA HIS A 68 -20.67 -19.89 -17.13
C HIS A 68 -19.49 -19.93 -16.16
N LEU A 69 -18.64 -20.93 -16.33
CA LEU A 69 -17.49 -21.14 -15.45
C LEU A 69 -16.20 -21.02 -16.26
N VAL A 70 -15.29 -20.17 -15.79
CA VAL A 70 -14.00 -19.93 -16.42
C VAL A 70 -12.95 -19.80 -15.34
N LEU A 71 -11.74 -20.29 -15.62
CA LEU A 71 -10.64 -20.15 -14.69
C LEU A 71 -10.28 -18.67 -14.51
N ARG A 72 -9.69 -18.36 -13.36
CA ARG A 72 -9.34 -16.98 -13.02
C ARG A 72 -8.36 -16.41 -14.03
N LEU A 73 -8.50 -15.10 -14.29
CA LEU A 73 -7.63 -14.43 -15.25
C LEU A 73 -7.43 -12.98 -14.83
N ARG A 74 -6.44 -12.35 -15.47
CA ARG A 74 -6.14 -10.94 -15.26
C ARG A 74 -5.49 -10.40 -16.53
N GLY A 75 -5.54 -9.09 -16.70
CA GLY A 75 -5.02 -8.45 -17.89
C GLY A 75 -3.51 -8.39 -17.93
N CYS A 76 -2.99 -8.21 -19.14
CA CYS A 76 -1.55 -8.10 -19.41
C CYS A 76 -1.16 -6.75 -19.99
N THR B 1 -3.92 -35.69 -37.90
CA THR B 1 -3.52 -34.79 -36.83
C THR B 1 -4.63 -34.64 -35.80
N PRO B 2 -4.29 -34.81 -34.52
CA PRO B 2 -5.30 -34.65 -33.47
C PRO B 2 -5.76 -33.22 -33.28
N ALA B 3 -5.02 -32.23 -33.80
CA ALA B 3 -5.41 -30.84 -33.63
C ALA B 3 -6.72 -30.54 -34.34
N ARG B 4 -6.90 -31.07 -35.55
CA ARG B 4 -8.12 -30.80 -36.30
C ARG B 4 -9.32 -31.50 -35.66
N ARG B 5 -9.10 -32.64 -35.00
CA ARG B 5 -10.22 -33.36 -34.37
C ARG B 5 -10.81 -32.55 -33.22
N ARG B 6 -9.96 -32.03 -32.34
CA ARG B 6 -10.45 -31.19 -31.25
C ARG B 6 -11.07 -29.91 -31.79
N LEU B 7 -10.57 -29.41 -32.93
CA LEU B 7 -11.22 -28.27 -33.57
C LEU B 7 -12.61 -28.63 -34.06
N MET B 8 -12.79 -29.85 -34.58
CA MET B 8 -14.11 -30.30 -34.97
C MET B 8 -15.04 -30.40 -33.76
N ARG B 9 -14.51 -30.90 -32.63
CA ARG B 9 -15.30 -30.92 -31.40
C ARG B 9 -15.68 -29.50 -30.96
N ASP B 10 -14.75 -28.56 -31.10
CA ASP B 10 -15.03 -27.17 -30.77
C ASP B 10 -16.14 -26.62 -31.64
N PHE B 11 -16.10 -26.94 -32.94
CA PHE B 11 -17.15 -26.50 -33.85
C PHE B 11 -18.49 -27.12 -33.49
N LYS B 12 -18.50 -28.40 -33.12
CA LYS B 12 -19.74 -29.04 -32.71
C LYS B 12 -20.30 -28.38 -31.46
N ARG B 13 -19.45 -28.03 -30.51
CA ARG B 13 -19.92 -27.35 -29.31
C ARG B 13 -20.48 -25.97 -29.64
N MET B 14 -19.80 -25.23 -30.52
CA MET B 14 -20.23 -23.87 -30.84
C MET B 14 -21.47 -23.84 -31.73
N LYS B 15 -21.72 -24.91 -32.48
CA LYS B 15 -22.85 -24.92 -33.40
C LYS B 15 -24.17 -25.00 -32.64
N GLU B 16 -24.22 -25.81 -31.59
CA GLU B 16 -25.47 -26.08 -30.88
C GLU B 16 -25.57 -25.41 -29.51
N ASP B 17 -24.45 -25.14 -28.84
CA ASP B 17 -24.47 -24.62 -27.48
C ASP B 17 -23.49 -23.46 -27.33
N ALA B 18 -23.51 -22.53 -28.28
CA ALA B 18 -22.65 -21.36 -28.21
C ALA B 18 -23.03 -20.49 -27.01
N PRO B 19 -22.05 -19.86 -26.37
CA PRO B 19 -22.37 -18.99 -25.24
C PRO B 19 -23.17 -17.79 -25.71
N PRO B 20 -24.02 -17.24 -24.83
CA PRO B 20 -24.80 -16.05 -25.21
C PRO B 20 -23.88 -14.87 -25.52
N GLY B 21 -24.28 -14.10 -26.53
CA GLY B 21 -23.50 -12.93 -26.91
C GLY B 21 -22.21 -13.23 -27.63
N VAL B 22 -21.98 -14.49 -28.02
CA VAL B 22 -20.76 -14.91 -28.68
C VAL B 22 -21.11 -15.84 -29.82
N SER B 23 -20.46 -15.66 -30.97
CA SER B 23 -20.59 -16.56 -32.10
C SER B 23 -19.21 -16.78 -32.70
N ALA B 24 -19.05 -17.91 -33.40
CA ALA B 24 -17.78 -18.23 -34.03
C ALA B 24 -18.03 -19.22 -35.16
N SER B 25 -17.14 -19.19 -36.16
CA SER B 25 -17.22 -20.10 -37.29
C SER B 25 -15.91 -20.10 -38.05
N PRO B 26 -15.33 -21.27 -38.32
CA PRO B 26 -14.12 -21.32 -39.15
C PRO B 26 -14.47 -21.23 -40.63
N LEU B 27 -13.46 -20.89 -41.41
CA LEU B 27 -13.62 -20.90 -42.86
C LEU B 27 -13.85 -22.33 -43.34
N PRO B 28 -14.87 -22.59 -44.14
CA PRO B 28 -15.08 -23.96 -44.65
C PRO B 28 -13.92 -24.49 -45.47
N ASP B 29 -13.06 -23.62 -45.98
CA ASP B 29 -11.86 -24.09 -46.67
C ASP B 29 -10.95 -24.87 -45.73
N ASN B 30 -10.68 -24.31 -44.55
CA ASN B 30 -9.84 -24.98 -43.57
C ASN B 30 -10.21 -24.53 -42.18
N VAL B 31 -10.18 -25.47 -41.23
CA VAL B 31 -10.52 -25.17 -39.83
C VAL B 31 -9.38 -24.48 -39.08
N MET B 32 -8.24 -24.25 -39.73
CA MET B 32 -7.08 -23.75 -39.03
C MET B 32 -7.20 -22.27 -38.64
N VAL B 33 -8.18 -21.56 -39.20
CA VAL B 33 -8.45 -20.17 -38.85
C VAL B 33 -9.94 -20.00 -38.59
N TRP B 34 -10.28 -19.21 -37.59
CA TRP B 34 -11.66 -19.01 -37.16
C TRP B 34 -12.00 -17.53 -37.15
N ASN B 35 -13.26 -17.22 -37.43
CA ASN B 35 -13.80 -15.88 -37.29
C ASN B 35 -14.83 -15.89 -36.17
N ALA B 36 -14.62 -15.05 -35.17
CA ALA B 36 -15.47 -15.01 -33.99
C ALA B 36 -15.90 -13.58 -33.70
N MET B 37 -17.04 -13.45 -33.02
CA MET B 37 -17.60 -12.15 -32.72
C MET B 37 -18.07 -12.12 -31.28
N ILE B 38 -17.70 -11.04 -30.58
CA ILE B 38 -18.08 -10.84 -29.19
C ILE B 38 -19.00 -9.64 -29.14
N ILE B 39 -20.27 -9.87 -28.84
CA ILE B 39 -21.21 -8.78 -28.64
C ILE B 39 -20.92 -8.15 -27.28
N GLY B 40 -20.83 -6.82 -27.27
CA GLY B 40 -20.51 -6.09 -26.06
C GLY B 40 -21.51 -6.35 -24.95
N PRO B 41 -21.01 -6.66 -23.76
CA PRO B 41 -21.90 -6.96 -22.64
C PRO B 41 -22.71 -5.75 -22.23
N ALA B 42 -23.91 -6.02 -21.70
CA ALA B 42 -24.77 -4.95 -21.24
C ALA B 42 -24.17 -4.28 -20.00
N ASP B 43 -24.65 -3.07 -19.71
CA ASP B 43 -24.17 -2.27 -18.58
C ASP B 43 -22.66 -2.07 -18.64
N THR B 44 -22.12 -1.95 -19.85
CA THR B 44 -20.70 -1.77 -20.11
C THR B 44 -20.54 -0.66 -21.15
N PRO B 45 -19.46 0.12 -21.07
CA PRO B 45 -19.21 1.11 -22.13
C PRO B 45 -19.13 0.49 -23.52
N TYR B 46 -18.69 -0.77 -23.62
CA TYR B 46 -18.60 -1.48 -24.89
C TYR B 46 -19.93 -2.10 -25.31
N GLU B 47 -21.04 -1.65 -24.75
CA GLU B 47 -22.33 -2.29 -24.99
C GLU B 47 -22.70 -2.25 -26.47
N ASP B 48 -23.26 -3.36 -26.95
CA ASP B 48 -23.78 -3.54 -28.31
C ASP B 48 -22.69 -3.51 -29.37
N GLY B 49 -21.42 -3.34 -29.00
CA GLY B 49 -20.35 -3.34 -29.98
C GLY B 49 -20.16 -4.72 -30.56
N THR B 50 -20.38 -4.87 -31.87
CA THR B 50 -20.20 -6.14 -32.55
C THR B 50 -18.71 -6.30 -32.91
N PHE B 51 -17.90 -6.45 -31.87
CA PHE B 51 -16.46 -6.55 -32.05
C PHE B 51 -16.12 -7.90 -32.67
N ARG B 52 -15.32 -7.87 -33.74
CA ARG B 52 -14.93 -9.06 -34.46
C ARG B 52 -13.53 -9.50 -34.07
N LEU B 53 -13.26 -10.79 -34.26
CA LEU B 53 -11.95 -11.36 -33.97
C LEU B 53 -11.62 -12.39 -35.04
N LEU B 54 -10.33 -12.66 -35.19
CA LEU B 54 -9.83 -13.72 -36.06
C LEU B 54 -8.98 -14.64 -35.22
N LEU B 55 -9.35 -15.91 -35.17
CA LEU B 55 -8.68 -16.90 -34.33
C LEU B 55 -7.73 -17.70 -35.19
N GLU B 56 -6.44 -17.69 -34.83
CA GLU B 56 -5.43 -18.44 -35.56
C GLU B 56 -4.95 -19.58 -34.67
N PHE B 57 -5.17 -20.81 -35.13
CA PHE B 57 -4.80 -22.01 -34.39
C PHE B 57 -3.54 -22.63 -34.99
N ASP B 58 -2.63 -23.04 -34.11
CA ASP B 58 -1.42 -23.71 -34.54
C ASP B 58 -1.72 -25.16 -34.87
N GLU B 59 -0.74 -25.84 -35.48
CA GLU B 59 -0.90 -27.25 -35.81
C GLU B 59 -0.86 -28.14 -34.57
N GLU B 60 -0.53 -27.58 -33.41
CA GLU B 60 -0.57 -28.29 -32.13
C GLU B 60 -1.42 -27.50 -31.13
N TYR B 61 -2.62 -27.13 -31.59
CA TYR B 61 -3.55 -26.37 -30.75
C TYR B 61 -3.82 -27.02 -29.39
N PRO B 62 -4.01 -28.36 -29.27
CA PRO B 62 -4.23 -28.94 -27.93
C PRO B 62 -3.25 -28.50 -26.87
N ASN B 63 -2.03 -28.15 -27.27
CA ASN B 63 -1.04 -27.64 -26.33
C ASN B 63 -0.64 -26.19 -26.58
N LYS B 64 -0.50 -25.77 -27.84
CA LYS B 64 -0.13 -24.39 -28.14
C LYS B 64 -1.38 -23.52 -28.17
N PRO B 65 -1.41 -22.42 -27.41
CA PRO B 65 -2.60 -21.58 -27.40
C PRO B 65 -2.80 -20.90 -28.74
N PRO B 66 -4.03 -20.57 -29.10
CA PRO B 66 -4.28 -19.90 -30.37
C PRO B 66 -3.82 -18.44 -30.35
N HIS B 67 -3.65 -17.90 -31.56
CA HIS B 67 -3.33 -16.49 -31.73
C HIS B 67 -4.63 -15.71 -31.91
N VAL B 68 -5.02 -14.96 -30.88
CA VAL B 68 -6.29 -14.25 -30.86
C VAL B 68 -5.99 -12.77 -31.06
N LYS B 69 -6.72 -12.14 -31.97
CA LYS B 69 -6.52 -10.72 -32.27
C LYS B 69 -7.87 -10.10 -32.58
N PHE B 70 -7.93 -8.77 -32.47
CA PHE B 70 -9.13 -8.01 -32.78
C PHE B 70 -8.98 -7.36 -34.15
N LEU B 71 -9.96 -7.61 -35.02
CA LEU B 71 -9.99 -6.96 -36.33
C LEU B 71 -10.65 -5.59 -36.26
N SER B 72 -11.87 -5.54 -35.75
CA SER B 72 -12.51 -4.26 -35.48
C SER B 72 -11.73 -3.51 -34.42
N GLU B 73 -11.54 -2.21 -34.63
CA GLU B 73 -10.70 -1.41 -33.74
C GLU B 73 -11.27 -1.41 -32.33
N MET B 74 -10.40 -1.66 -31.36
CA MET B 74 -10.78 -1.77 -29.96
C MET B 74 -9.94 -0.81 -29.13
N PHE B 75 -10.57 -0.20 -28.13
CA PHE B 75 -9.90 0.74 -27.22
C PHE B 75 -10.05 0.17 -25.81
N HIS B 76 -9.11 -0.70 -25.43
CA HIS B 76 -9.14 -1.37 -24.15
C HIS B 76 -7.74 -1.34 -23.54
N PRO B 77 -7.64 -1.18 -22.22
CA PRO B 77 -6.31 -1.12 -21.59
C PRO B 77 -5.46 -2.36 -21.82
N ASN B 78 -6.07 -3.54 -21.89
CA ASN B 78 -5.33 -4.79 -22.04
C ASN B 78 -5.34 -5.31 -23.47
N VAL B 79 -5.70 -4.47 -24.44
CA VAL B 79 -5.68 -4.84 -25.85
C VAL B 79 -4.71 -3.91 -26.57
N TYR B 80 -3.77 -4.49 -27.30
CA TYR B 80 -2.79 -3.72 -28.04
C TYR B 80 -3.45 -2.92 -29.16
N ALA B 81 -2.78 -1.84 -29.55
CA ALA B 81 -3.23 -1.08 -30.72
C ALA B 81 -3.11 -1.90 -32.00
N ASN B 82 -2.23 -2.90 -32.01
CA ASN B 82 -2.15 -3.83 -33.14
C ASN B 82 -3.45 -4.63 -33.26
N GLY B 83 -4.16 -4.83 -32.16
CA GLY B 83 -5.28 -5.74 -32.10
C GLY B 83 -4.99 -6.99 -31.30
N GLU B 84 -3.72 -7.24 -30.95
CA GLU B 84 -3.37 -8.36 -30.11
C GLU B 84 -3.95 -8.18 -28.71
N ILE B 85 -4.19 -9.30 -28.04
CA ILE B 85 -4.75 -9.30 -26.68
C ILE B 85 -3.73 -9.95 -25.75
N CYS B 86 -3.43 -9.26 -24.66
CA CYS B 86 -2.69 -9.85 -23.55
C CYS B 86 -3.66 -10.44 -22.55
N LEU B 87 -3.65 -11.77 -22.43
CA LEU B 87 -4.44 -12.48 -21.43
C LEU B 87 -3.58 -13.59 -20.85
N ASP B 88 -3.55 -13.69 -19.53
CA ASP B 88 -2.85 -14.81 -18.90
C ASP B 88 -3.46 -16.14 -19.30
N ILE B 89 -4.75 -16.15 -19.65
CA ILE B 89 -5.35 -17.36 -20.21
C ILE B 89 -4.64 -17.74 -21.51
N LEU B 90 -4.38 -16.76 -22.35
CA LEU B 90 -3.56 -16.96 -23.55
C LEU B 90 -2.10 -16.99 -23.13
N GLN B 91 -1.20 -16.93 -24.12
CA GLN B 91 0.26 -16.99 -23.92
C GLN B 91 0.65 -18.00 -22.84
N ASN B 92 1.41 -17.58 -21.83
CA ASN B 92 1.86 -18.50 -20.79
C ASN B 92 0.69 -18.93 -19.91
N ARG B 93 0.87 -20.09 -19.27
CA ARG B 93 -0.07 -20.71 -18.33
C ARG B 93 -1.41 -21.09 -19.00
N TRP B 94 -1.47 -21.08 -20.33
CA TRP B 94 -2.63 -21.60 -21.04
C TRP B 94 -2.79 -23.09 -20.76
N THR B 95 -4.03 -23.49 -20.43
CA THR B 95 -4.30 -24.87 -20.08
C THR B 95 -4.96 -25.61 -21.25
N PRO B 96 -4.64 -26.90 -21.43
CA PRO B 96 -5.15 -27.63 -22.61
C PRO B 96 -6.63 -27.95 -22.54
N THR B 97 -7.32 -27.45 -21.51
CA THR B 97 -8.73 -27.74 -21.31
C THR B 97 -9.65 -26.67 -21.88
N TYR B 98 -9.12 -25.71 -22.63
CA TYR B 98 -9.86 -24.52 -23.03
C TYR B 98 -10.56 -24.76 -24.36
N ASP B 99 -11.87 -24.94 -24.30
CA ASP B 99 -12.73 -24.91 -25.47
C ASP B 99 -12.70 -23.50 -26.08
N VAL B 100 -12.94 -23.42 -27.39
CA VAL B 100 -12.94 -22.12 -28.06
C VAL B 100 -14.00 -21.21 -27.44
N ALA B 101 -15.17 -21.77 -27.14
CA ALA B 101 -16.22 -21.00 -26.47
C ALA B 101 -15.72 -20.46 -25.14
N SER B 102 -14.89 -21.22 -24.43
CA SER B 102 -14.34 -20.74 -23.17
C SER B 102 -13.41 -19.55 -23.38
N ILE B 103 -12.56 -19.60 -24.42
CA ILE B 103 -11.68 -18.48 -24.71
C ILE B 103 -12.49 -17.24 -25.06
N LEU B 104 -13.53 -17.41 -25.88
CA LEU B 104 -14.37 -16.28 -26.25
C LEU B 104 -15.10 -15.70 -25.05
N THR B 105 -15.60 -16.57 -24.16
CA THR B 105 -16.25 -16.08 -22.95
C THR B 105 -15.27 -15.32 -22.06
N SER B 106 -14.02 -15.82 -21.97
CA SER B 106 -13.01 -15.13 -21.19
C SER B 106 -12.75 -13.73 -21.75
N ILE B 107 -12.58 -13.64 -23.07
CA ILE B 107 -12.32 -12.33 -23.68
C ILE B 107 -13.52 -11.41 -23.51
N GLN B 108 -14.74 -11.94 -23.64
CA GLN B 108 -15.93 -11.13 -23.44
C GLN B 108 -16.00 -10.60 -22.02
N SER B 109 -15.65 -11.42 -21.02
CA SER B 109 -15.67 -10.98 -19.64
C SER B 109 -14.52 -10.04 -19.32
N LEU B 110 -13.46 -10.05 -20.13
CA LEU B 110 -12.36 -9.12 -19.92
C LEU B 110 -12.76 -7.67 -20.16
N PHE B 111 -13.85 -7.43 -20.91
CA PHE B 111 -14.23 -6.07 -21.28
C PHE B 111 -14.53 -5.21 -20.07
N ASN B 112 -15.32 -5.73 -19.13
CA ASN B 112 -15.78 -4.92 -18.00
C ASN B 112 -14.74 -4.80 -16.89
N ASP B 113 -13.69 -5.62 -16.90
CA ASP B 113 -12.66 -5.60 -15.87
C ASP B 113 -11.29 -5.51 -16.52
N PRO B 114 -10.87 -4.32 -16.96
CA PRO B 114 -9.51 -4.16 -17.47
C PRO B 114 -8.50 -4.12 -16.33
N ASN B 115 -7.23 -4.21 -16.71
CA ASN B 115 -6.14 -4.13 -15.74
C ASN B 115 -5.34 -2.87 -16.01
N PRO B 116 -5.60 -1.78 -15.29
CA PRO B 116 -4.79 -0.57 -15.49
C PRO B 116 -3.31 -0.78 -15.21
N ALA B 117 -2.97 -1.62 -14.25
CA ALA B 117 -1.57 -1.99 -14.04
C ALA B 117 -1.08 -2.86 -15.19
N SER B 118 0.21 -2.73 -15.51
CA SER B 118 0.82 -3.41 -16.64
C SER B 118 0.01 -3.18 -17.92
N PRO B 119 -0.11 -1.94 -18.38
CA PRO B 119 -1.00 -1.67 -19.52
C PRO B 119 -0.47 -2.26 -20.81
N ALA B 120 -1.40 -2.66 -21.67
CA ALA B 120 -1.08 -3.01 -23.04
C ALA B 120 -1.25 -1.82 -23.99
N ASN B 121 -2.24 -0.98 -23.72
CA ASN B 121 -2.41 0.31 -24.39
C ASN B 121 -2.29 1.36 -23.31
N VAL B 122 -1.14 2.05 -23.27
CA VAL B 122 -0.84 2.95 -22.16
C VAL B 122 -1.84 4.09 -22.10
N GLU B 123 -2.19 4.67 -23.25
CA GLU B 123 -3.18 5.75 -23.27
C GLU B 123 -4.53 5.25 -22.78
N ALA B 124 -4.95 4.06 -23.22
CA ALA B 124 -6.23 3.51 -22.81
C ALA B 124 -6.28 3.29 -21.30
N ALA B 125 -5.22 2.69 -20.75
CA ALA B 125 -5.20 2.44 -19.32
C ALA B 125 -5.15 3.73 -18.52
N THR B 126 -4.37 4.71 -18.98
CA THR B 126 -4.29 5.99 -18.27
C THR B 126 -5.64 6.69 -18.27
N LEU B 127 -6.35 6.66 -19.41
CA LEU B 127 -7.68 7.26 -19.46
C LEU B 127 -8.66 6.50 -18.57
N PHE B 128 -8.55 5.16 -18.54
CA PHE B 128 -9.46 4.37 -17.73
C PHE B 128 -9.24 4.62 -16.24
N LYS B 129 -7.99 4.82 -15.82
CA LYS B 129 -7.69 4.94 -14.41
C LYS B 129 -8.11 6.30 -13.83
N ASP B 130 -7.89 7.39 -14.57
CA ASP B 130 -8.08 8.73 -14.06
C ASP B 130 -9.13 9.55 -14.79
N HIS B 131 -9.58 9.13 -15.98
CA HIS B 131 -10.34 9.97 -16.90
C HIS B 131 -11.56 9.21 -17.43
N LYS B 132 -12.35 8.67 -16.51
CA LYS B 132 -13.42 7.74 -16.85
C LYS B 132 -14.33 8.29 -17.95
N SER B 133 -14.63 9.59 -17.93
CA SER B 133 -15.53 10.16 -18.92
C SER B 133 -14.93 10.11 -20.32
N GLN B 134 -13.65 10.50 -20.44
CA GLN B 134 -13.00 10.43 -21.74
C GLN B 134 -12.88 8.99 -22.21
N TYR B 135 -12.56 8.07 -21.29
CA TYR B 135 -12.43 6.66 -21.64
C TYR B 135 -13.74 6.12 -22.19
N VAL B 136 -14.85 6.39 -21.50
CA VAL B 136 -16.14 5.86 -21.96
C VAL B 136 -16.55 6.54 -23.26
N LYS B 137 -16.22 7.82 -23.44
CA LYS B 137 -16.51 8.49 -24.72
C LYS B 137 -15.76 7.81 -25.87
N ARG B 138 -14.49 7.49 -25.66
CA ARG B 138 -13.71 6.83 -26.70
C ARG B 138 -14.21 5.41 -26.95
N VAL B 139 -14.66 4.72 -25.89
CA VAL B 139 -15.24 3.39 -26.07
C VAL B 139 -16.51 3.45 -26.90
N LYS B 140 -17.37 4.46 -26.64
CA LYS B 140 -18.54 4.64 -27.49
C LYS B 140 -18.13 4.94 -28.93
N GLU B 141 -17.08 5.74 -29.12
CA GLU B 141 -16.61 6.03 -30.46
C GLU B 141 -16.20 4.75 -31.19
N THR B 142 -15.44 3.89 -30.52
CA THR B 142 -15.00 2.65 -31.19
C THR B 142 -16.16 1.69 -31.37
N VAL B 143 -17.18 1.73 -30.51
CA VAL B 143 -18.38 0.91 -30.73
C VAL B 143 -19.11 1.37 -32.00
N GLU B 144 -19.29 2.69 -32.15
CA GLU B 144 -19.93 3.20 -33.36
C GLU B 144 -19.13 2.85 -34.59
N LYS B 145 -17.80 2.93 -34.51
CA LYS B 145 -16.98 2.49 -35.63
C LYS B 145 -17.14 1.01 -35.91
N SER B 146 -17.32 0.20 -34.86
CA SER B 146 -17.52 -1.24 -35.05
C SER B 146 -18.82 -1.53 -35.78
N TRP B 147 -19.90 -0.79 -35.45
CA TRP B 147 -21.17 -1.02 -36.12
C TRP B 147 -21.11 -0.79 -37.62
N GLU B 148 -20.15 0.00 -38.10
CA GLU B 148 -20.14 0.43 -39.49
C GLU B 148 -19.88 -0.70 -40.48
N ASP B 149 -19.32 -1.83 -40.02
CA ASP B 149 -18.97 -2.91 -40.95
C ASP B 149 -20.21 -3.53 -41.57
N ASP B 150 -21.08 -4.10 -40.75
CA ASP B 150 -22.28 -4.79 -41.21
C ASP B 150 -21.94 -5.87 -42.22
N ARG C 1 11.39 15.75 16.66
CA ARG C 1 10.66 15.83 15.41
C ARG C 1 11.23 14.89 14.36
N HIS C 2 10.38 14.45 13.44
CA HIS C 2 10.79 13.56 12.37
C HIS C 2 10.10 13.98 11.08
N GLY C 3 10.75 13.68 9.95
CA GLY C 3 10.20 14.00 8.65
C GLY C 3 8.98 13.17 8.29
N LYS C 17 6.26 -5.45 -18.38
CA LYS C 17 5.21 -4.59 -18.91
C LYS C 17 4.30 -4.07 -17.80
N GLY D 9 43.45 24.07 33.93
CA GLY D 9 44.57 24.98 33.85
C GLY D 9 45.65 24.51 32.90
N SER D 10 46.70 23.90 33.46
CA SER D 10 47.80 23.39 32.64
C SER D 10 47.41 22.17 31.83
N LEU D 11 46.29 21.52 32.14
CA LEU D 11 45.80 20.43 31.31
C LEU D 11 45.44 20.91 29.91
N GLN D 12 44.95 22.15 29.80
CA GLN D 12 44.63 22.72 28.49
C GLN D 12 45.86 22.76 27.58
N GLY D 13 47.00 23.16 28.14
CA GLY D 13 48.22 23.18 27.34
C GLY D 13 48.62 21.81 26.84
N HIS D 14 48.51 20.80 27.70
CA HIS D 14 48.83 19.43 27.28
C HIS D 14 47.87 18.93 26.22
N ILE D 15 46.59 19.24 26.35
CA ILE D 15 45.61 18.85 25.33
C ILE D 15 45.96 19.50 23.99
N ARG D 16 46.26 20.80 24.02
CA ARG D 16 46.63 21.49 22.78
C ARG D 16 47.88 20.87 22.16
N ARG D 17 48.89 20.60 22.98
CA ARG D 17 50.15 20.06 22.48
C ARG D 17 49.95 18.69 21.85
N THR D 18 49.19 17.81 22.54
CA THR D 18 49.02 16.46 22.02
C THR D 18 48.09 16.44 20.80
N LEU D 19 47.15 17.38 20.70
CA LEU D 19 46.31 17.43 19.51
C LEU D 19 47.05 18.03 18.32
N ARG D 20 47.97 18.96 18.56
CA ARG D 20 48.72 19.58 17.49
C ARG D 20 50.04 18.88 17.18
N SER D 21 50.38 17.82 17.91
CA SER D 21 51.63 17.10 17.71
C SER D 21 51.43 15.70 17.14
N ILE D 22 50.26 15.40 16.58
CA ILE D 22 50.01 14.07 16.04
C ILE D 22 50.94 13.79 14.86
N HIS D 23 51.08 14.75 13.95
CA HIS D 23 51.83 14.52 12.73
C HIS D 23 53.33 14.37 12.98
N ASN D 24 53.84 14.91 14.08
CA ASN D 24 55.27 14.83 14.38
C ASN D 24 55.68 13.51 15.01
N LEU D 25 54.73 12.67 15.40
CA LEU D 25 55.07 11.38 15.97
C LEU D 25 55.74 10.50 14.91
N PRO D 26 56.78 9.75 15.28
CA PRO D 26 57.50 8.95 14.27
C PRO D 26 56.62 7.93 13.55
N TYR D 27 55.60 7.40 14.23
CA TYR D 27 54.74 6.42 13.58
C TYR D 27 53.82 7.06 12.55
N PHE D 28 53.38 8.29 12.81
CA PHE D 28 52.43 8.98 11.95
C PHE D 28 53.10 9.81 10.85
N ARG D 29 54.44 9.88 10.84
CA ARG D 29 55.12 10.82 9.95
C ARG D 29 54.94 10.45 8.48
N TYR D 30 55.20 9.20 8.12
CA TYR D 30 55.36 8.83 6.73
C TYR D 30 54.05 8.37 6.11
N THR D 31 54.01 8.41 4.78
CA THR D 31 52.88 7.91 4.02
C THR D 31 52.91 6.39 3.95
N ARG D 32 51.81 5.80 3.51
CA ARG D 32 51.70 4.35 3.44
C ARG D 32 50.61 3.98 2.44
N GLY D 33 50.66 2.73 2.00
CA GLY D 33 49.68 2.23 1.06
C GLY D 33 48.35 1.96 1.72
N PRO D 34 47.35 1.62 0.90
CA PRO D 34 46.01 1.35 1.45
C PRO D 34 45.98 0.22 2.46
N THR D 35 46.79 -0.81 2.27
CA THR D 35 46.79 -1.95 3.20
C THR D 35 47.32 -1.56 4.57
N GLU D 36 48.30 -0.65 4.62
CA GLU D 36 48.85 -0.18 5.88
C GLU D 36 48.12 1.04 6.43
N ARG D 37 47.19 1.61 5.65
CA ARG D 37 46.46 2.79 6.10
C ARG D 37 45.38 2.44 7.12
N ALA D 38 44.76 1.26 7.01
CA ALA D 38 43.72 0.88 7.95
C ALA D 38 44.27 0.72 9.36
N ASP D 39 45.47 0.14 9.49
CA ASP D 39 46.09 0.01 10.80
C ASP D 39 46.40 1.36 11.41
N MET D 40 46.88 2.31 10.60
CA MET D 40 47.13 3.66 11.08
C MET D 40 45.82 4.32 11.51
N SER D 41 44.74 4.11 10.77
CA SER D 41 43.45 4.67 11.14
C SER D 41 42.98 4.10 12.48
N ARG D 42 43.11 2.79 12.66
CA ARG D 42 42.73 2.18 13.93
C ARG D 42 43.59 2.71 15.07
N ALA D 43 44.89 2.89 14.83
CA ALA D 43 45.77 3.44 15.85
C ALA D 43 45.36 4.86 16.24
N LEU D 44 45.05 5.70 15.25
CA LEU D 44 44.58 7.04 15.55
C LEU D 44 43.26 7.00 16.33
N LYS D 45 42.34 6.13 15.93
CA LYS D 45 41.07 6.01 16.63
C LYS D 45 41.28 5.64 18.10
N GLU D 46 42.08 4.60 18.34
CA GLU D 46 42.33 4.15 19.70
C GLU D 46 43.05 5.21 20.51
N PHE D 47 44.05 5.86 19.93
CA PHE D 47 44.79 6.90 20.64
C PHE D 47 43.87 8.05 21.05
N ILE D 48 43.03 8.50 20.11
CA ILE D 48 42.15 9.63 20.40
C ILE D 48 41.14 9.25 21.47
N TYR D 49 40.49 8.08 21.34
CA TYR D 49 39.54 7.67 22.36
C TYR D 49 40.21 7.57 23.72
N ARG D 50 41.38 6.93 23.78
CA ARG D 50 42.04 6.70 25.06
C ARG D 50 42.41 8.03 25.72
N TYR D 51 43.08 8.92 24.98
CA TYR D 51 43.50 10.19 25.57
C TYR D 51 42.29 11.03 25.97
N LEU D 52 41.29 11.15 25.09
CA LEU D 52 40.15 12.00 25.38
C LEU D 52 39.33 11.45 26.55
N TYR D 53 39.23 10.13 26.67
CA TYR D 53 38.47 9.55 27.77
C TYR D 53 39.23 9.63 29.08
N PHE D 54 40.56 9.50 29.04
CA PHE D 54 41.32 9.73 30.26
C PHE D 54 41.20 11.17 30.73
N VAL D 55 41.29 12.12 29.79
CA VAL D 55 41.26 13.53 30.16
C VAL D 55 39.87 13.95 30.61
N ILE D 56 38.82 13.46 29.94
CA ILE D 56 37.45 13.89 30.24
C ILE D 56 37.05 13.52 31.66
N SER D 57 37.79 12.61 32.30
CA SER D 57 37.60 12.25 33.69
C SER D 57 38.70 12.90 34.53
N ASN D 58 38.39 13.11 35.81
CA ASN D 58 39.31 13.79 36.71
C ASN D 58 40.51 12.89 36.98
N SER D 59 41.61 13.13 36.26
CA SER D 59 42.87 12.41 36.45
C SER D 59 42.71 10.89 36.28
N GLY D 60 41.72 10.48 35.47
CA GLY D 60 41.51 9.08 35.23
C GLY D 60 40.82 8.31 36.33
N GLU D 61 40.30 9.00 37.35
CA GLU D 61 39.68 8.36 38.49
C GLU D 61 38.18 8.17 38.34
N ASN D 62 37.59 8.64 37.26
CA ASN D 62 36.14 8.58 37.06
C ASN D 62 35.72 7.60 35.97
N LEU D 63 36.67 6.89 35.36
CA LEU D 63 36.30 5.91 34.34
C LEU D 63 35.35 4.82 34.82
N PRO D 64 35.53 4.22 36.01
CA PRO D 64 34.59 3.16 36.42
C PRO D 64 33.16 3.62 36.55
N THR D 65 32.91 4.91 36.73
CA THR D 65 31.53 5.40 36.79
C THR D 65 30.83 5.25 35.44
N LEU D 66 31.57 5.35 34.34
CA LEU D 66 31.01 5.22 33.00
C LEU D 66 31.15 3.82 32.42
N PHE D 67 32.28 3.16 32.65
CA PHE D 67 32.58 1.90 31.99
C PHE D 67 32.72 0.78 33.00
N ASN D 68 32.76 -0.45 32.49
CA ASN D 68 32.96 -1.62 33.32
C ASN D 68 34.44 -1.77 33.65
N ALA D 69 34.76 -1.79 34.96
CA ALA D 69 36.15 -1.86 35.37
C ALA D 69 36.78 -3.21 35.09
N HIS D 70 35.97 -4.27 35.01
CA HIS D 70 36.46 -5.64 34.82
C HIS D 70 35.75 -6.26 33.63
N PRO D 71 36.11 -5.88 32.41
CA PRO D 71 35.51 -6.51 31.23
C PRO D 71 36.18 -7.84 30.89
N LYS D 72 35.77 -8.44 29.78
CA LYS D 72 36.44 -9.64 29.30
C LYS D 72 37.70 -9.24 28.53
N GLN D 73 38.42 -10.24 28.02
CA GLN D 73 39.66 -10.04 27.27
C GLN D 73 40.70 -9.28 28.09
N LYS D 74 40.63 -9.40 29.42
CA LYS D 74 41.55 -8.67 30.28
C LYS D 74 42.93 -9.32 30.30
N LEU D 75 43.01 -10.63 30.16
CA LEU D 75 44.29 -11.34 30.20
C LEU D 75 44.44 -12.28 29.02
N LEU D 80 47.33 -5.52 29.79
CA LEU D 80 46.28 -6.18 30.54
C LEU D 80 45.48 -5.19 31.38
N THR D 81 46.11 -4.07 31.71
CA THR D 81 45.45 -3.03 32.49
C THR D 81 44.32 -2.40 31.68
N VAL D 82 43.19 -2.17 32.33
CA VAL D 82 42.00 -1.67 31.64
C VAL D 82 42.12 -0.17 31.40
N PHE D 83 42.23 0.61 32.49
CA PHE D 83 42.22 2.06 32.36
C PHE D 83 43.65 2.60 32.30
N PRO D 84 43.86 3.74 31.63
CA PRO D 84 45.19 4.35 31.60
C PRO D 84 45.65 4.75 33.00
N ASP D 85 46.96 4.59 33.24
CA ASP D 85 47.51 4.92 34.54
C ASP D 85 47.60 6.44 34.74
N SER D 86 48.06 7.16 33.74
CA SER D 86 48.23 8.60 33.85
C SER D 86 48.21 9.19 32.44
N LEU D 87 48.61 10.47 32.31
CA LEU D 87 48.62 11.12 31.01
C LEU D 87 49.59 10.44 30.06
N GLU D 88 50.78 10.07 30.55
CA GLU D 88 51.75 9.42 29.69
C GLU D 88 51.37 7.97 29.40
N ASP D 89 50.52 7.37 30.24
CA ASP D 89 50.06 6.01 29.99
C ASP D 89 48.97 5.94 28.93
N ALA D 90 48.44 7.09 28.50
CA ALA D 90 47.45 7.13 27.43
C ALA D 90 47.98 7.70 26.13
N VAL D 91 48.94 8.62 26.19
CA VAL D 91 49.54 9.19 24.98
C VAL D 91 50.59 8.29 24.37
N ASP D 92 51.07 7.29 25.11
CA ASP D 92 52.12 6.41 24.62
C ASP D 92 51.59 5.53 23.49
N ILE D 93 51.95 5.86 22.25
CA ILE D 93 51.51 5.11 21.08
C ILE D 93 52.18 3.75 20.99
N ASP D 94 53.27 3.53 21.74
CA ASP D 94 53.99 2.25 21.66
C ASP D 94 53.11 1.08 22.06
N LYS D 95 52.31 1.25 23.12
CA LYS D 95 51.40 0.18 23.54
C LYS D 95 50.36 -0.11 22.47
N ILE D 96 49.83 0.92 21.83
CA ILE D 96 48.85 0.73 20.77
C ILE D 96 49.48 -0.02 19.60
N THR D 97 50.69 0.35 19.22
CA THR D 97 51.38 -0.33 18.14
C THR D 97 51.88 -1.71 18.55
N SER D 98 51.96 -1.98 19.84
CA SER D 98 52.32 -3.30 20.34
C SER D 98 51.11 -4.17 20.66
N GLN D 99 49.90 -3.65 20.45
CA GLN D 99 48.65 -4.38 20.66
C GLN D 99 48.49 -4.83 22.11
N GLN D 100 49.12 -4.12 23.03
CA GLN D 100 49.03 -4.44 24.46
C GLN D 100 47.89 -3.73 25.16
N THR D 101 47.12 -2.91 24.45
CA THR D 101 46.03 -2.15 25.04
C THR D 101 44.68 -2.77 24.65
N ILE D 102 43.67 -2.50 25.48
CA ILE D 102 42.34 -3.07 25.28
C ILE D 102 41.33 -1.96 25.01
N PRO D 103 40.28 -2.23 24.25
CA PRO D 103 39.20 -1.24 24.08
C PRO D 103 38.31 -1.15 25.31
N PHE D 104 38.75 -0.37 26.30
CA PHE D 104 38.01 -0.28 27.56
C PHE D 104 36.70 0.49 27.40
N TYR D 105 36.66 1.45 26.47
CA TYR D 105 35.51 2.34 26.36
C TYR D 105 34.25 1.64 25.86
N LYS D 106 34.38 0.44 25.31
CA LYS D 106 33.21 -0.26 24.79
C LYS D 106 32.23 -0.59 25.90
N ILE D 107 30.93 -0.46 25.59
CA ILE D 107 29.87 -0.73 26.54
C ILE D 107 28.90 -1.79 26.01
N ASP D 108 29.34 -2.58 25.03
CA ASP D 108 28.49 -3.59 24.41
C ASP D 108 28.34 -4.77 25.37
N GLU D 109 27.44 -4.59 26.34
CA GLU D 109 27.20 -5.58 27.39
C GLU D 109 25.70 -5.82 27.53
N SER D 110 25.36 -6.87 28.29
CA SER D 110 23.97 -7.24 28.48
C SER D 110 23.23 -6.27 29.40
N ARG D 111 23.95 -5.53 30.24
CA ARG D 111 23.31 -4.60 31.18
C ARG D 111 22.67 -3.40 30.48
N ILE D 112 22.92 -3.21 29.18
CA ILE D 112 22.43 -2.03 28.48
C ILE D 112 20.99 -2.26 28.05
N GLY D 113 20.05 -1.89 28.92
CA GLY D 113 18.63 -1.98 28.59
C GLY D 113 18.04 -0.65 28.22
N ASP D 114 18.90 0.33 27.95
CA ASP D 114 18.55 1.71 27.61
C ASP D 114 17.39 2.25 28.46
N VAL D 115 17.44 2.00 29.76
CA VAL D 115 16.41 2.49 30.67
C VAL D 115 16.71 3.94 31.01
N HIS D 116 15.77 4.83 30.71
CA HIS D 116 15.95 6.26 30.92
C HIS D 116 14.70 6.84 31.57
N LYS D 117 14.87 7.79 32.48
CA LYS D 117 13.77 8.45 33.15
C LYS D 117 13.99 9.96 33.09
N HIS D 118 12.98 10.68 32.62
CA HIS D 118 13.04 12.13 32.50
C HIS D 118 11.75 12.74 33.03
N THR D 119 11.89 13.88 33.71
CA THR D 119 10.75 14.64 34.22
C THR D 119 10.96 16.10 33.86
N GLY D 120 10.14 16.61 32.93
CA GLY D 120 10.27 17.96 32.42
C GLY D 120 11.23 18.10 31.26
N ARG D 121 12.29 17.30 31.26
CA ARG D 121 13.27 17.33 30.18
C ARG D 121 12.71 16.68 28.93
N ASN D 122 13.25 17.08 27.78
CA ASN D 122 12.92 16.46 26.51
C ASN D 122 13.70 15.15 26.38
N CYS D 123 13.02 14.11 25.89
CA CYS D 123 13.66 12.80 25.75
C CYS D 123 14.88 12.88 24.85
N GLY D 124 14.71 13.43 23.65
CA GLY D 124 15.84 13.60 22.75
C GLY D 124 16.49 12.32 22.31
N ARG D 125 15.83 11.18 22.51
CA ARG D 125 16.40 9.89 22.17
C ARG D 125 16.38 9.70 20.67
N LYS D 126 17.55 9.78 20.04
CA LYS D 126 17.63 9.58 18.59
C LYS D 126 17.17 8.18 18.22
N PHE D 127 16.36 8.10 17.17
CA PHE D 127 15.74 6.83 16.79
C PHE D 127 16.77 5.92 16.16
N LYS D 128 16.97 4.75 16.76
CA LYS D 128 17.81 3.73 16.16
C LYS D 128 17.10 3.10 14.97
N ILE D 129 17.89 2.57 14.04
CA ILE D 129 17.34 2.03 12.81
C ILE D 129 16.50 0.79 13.12
N GLY D 130 15.27 0.77 12.61
CA GLY D 130 14.34 -0.28 12.89
C GLY D 130 13.37 0.00 14.02
N GLU D 131 13.63 1.02 14.83
CA GLU D 131 12.71 1.38 15.89
C GLU D 131 11.43 1.98 15.30
N PRO D 132 10.31 1.86 15.99
CA PRO D 132 9.06 2.45 15.51
C PRO D 132 8.91 3.90 15.96
N LEU D 133 8.03 4.60 15.23
CA LEU D 133 7.66 5.97 15.54
C LEU D 133 6.16 6.02 15.77
N TYR D 134 5.75 6.60 16.90
CA TYR D 134 4.35 6.62 17.31
C TYR D 134 3.80 8.03 17.10
N ARG D 135 3.29 8.28 15.90
CA ARG D 135 2.69 9.56 15.54
C ARG D 135 1.20 9.50 15.84
N CYS D 136 0.79 10.02 17.00
CA CYS D 136 -0.63 10.14 17.30
C CYS D 136 -1.19 11.34 16.56
N HIS D 137 -2.15 11.09 15.67
CA HIS D 137 -2.74 12.18 14.90
C HIS D 137 -3.59 13.10 15.78
N GLU D 138 -4.28 12.53 16.77
CA GLU D 138 -5.14 13.31 17.65
C GLU D 138 -4.41 13.93 18.82
N CYS D 139 -3.15 13.57 19.06
CA CYS D 139 -2.39 14.15 20.16
C CYS D 139 -1.23 15.01 19.70
N GLY D 140 -0.57 14.68 18.59
CA GLY D 140 0.49 15.52 18.09
C GLY D 140 -0.04 16.84 17.55
N CYS D 141 0.79 17.88 17.65
CA CYS D 141 0.42 19.18 17.13
C CYS D 141 0.61 19.29 15.62
N ASP D 142 1.40 18.39 15.03
CA ASP D 142 1.58 18.33 13.58
C ASP D 142 2.04 16.92 13.23
N ASP D 143 2.51 16.74 12.00
CA ASP D 143 2.91 15.42 11.52
C ASP D 143 4.38 15.11 11.79
N THR D 144 5.12 16.00 12.45
CA THR D 144 6.53 15.77 12.73
C THR D 144 6.79 15.25 14.14
N CYS D 145 5.92 15.57 15.09
CA CYS D 145 6.11 15.10 16.46
C CYS D 145 5.99 13.59 16.52
N VAL D 146 6.94 12.94 17.19
CA VAL D 146 7.02 11.49 17.26
C VAL D 146 7.34 11.07 18.69
N LEU D 147 7.31 9.77 18.93
CA LEU D 147 7.61 9.19 20.23
C LEU D 147 8.36 7.88 20.05
N CYS D 148 9.16 7.52 21.05
CA CYS D 148 9.85 6.25 21.08
C CYS D 148 9.10 5.27 21.98
N ILE D 149 9.51 3.99 21.90
CA ILE D 149 8.83 2.94 22.66
C ILE D 149 8.86 3.26 24.16
N HIS D 150 10.02 3.72 24.64
CA HIS D 150 10.20 3.96 26.07
C HIS D 150 9.26 5.05 26.60
N CYS D 151 8.69 5.87 25.73
CA CYS D 151 7.84 6.98 26.15
C CYS D 151 6.37 6.77 25.83
N PHE D 152 6.03 5.94 24.85
CA PHE D 152 4.65 5.84 24.38
C PHE D 152 3.80 5.09 25.39
N ASN D 153 2.85 5.79 26.02
CA ASN D 153 1.93 5.16 26.96
C ASN D 153 0.58 4.98 26.29
N PRO D 154 0.15 3.74 26.01
CA PRO D 154 -1.14 3.54 25.35
C PRO D 154 -2.33 3.97 26.18
N LYS D 155 -2.18 4.14 27.49
CA LYS D 155 -3.31 4.48 28.34
C LYS D 155 -3.90 5.84 28.01
N ASP D 156 -3.07 6.74 27.46
CA ASP D 156 -3.52 8.09 27.13
C ASP D 156 -4.24 8.16 25.79
N HIS D 157 -4.25 7.08 25.01
CA HIS D 157 -4.73 7.15 23.64
C HIS D 157 -5.85 6.16 23.37
N VAL D 158 -6.84 6.10 24.25
CA VAL D 158 -8.01 5.29 24.01
C VAL D 158 -8.80 5.90 22.85
N ASN D 159 -8.99 5.12 21.78
CA ASN D 159 -9.65 5.57 20.56
C ASN D 159 -8.91 6.75 19.94
N HIS D 160 -7.64 6.50 19.60
CA HIS D 160 -6.80 7.47 18.92
C HIS D 160 -6.15 6.84 17.70
N HIS D 161 -5.99 7.64 16.65
CA HIS D 161 -5.35 7.20 15.41
C HIS D 161 -3.85 7.33 15.58
N VAL D 162 -3.23 6.29 16.14
CA VAL D 162 -1.80 6.27 16.42
C VAL D 162 -1.12 5.54 15.27
N CYS D 163 -0.59 6.31 14.31
CA CYS D 163 0.12 5.73 13.19
C CYS D 163 1.53 5.32 13.63
N THR D 164 1.87 4.05 13.43
CA THR D 164 3.19 3.53 13.77
C THR D 164 4.00 3.35 12.50
N ASP D 165 5.19 3.94 12.47
CA ASP D 165 6.06 3.92 11.31
C ASP D 165 7.42 3.36 11.70
N ILE D 166 8.06 2.68 10.76
CA ILE D 166 9.35 2.06 10.98
C ILE D 166 10.45 3.01 10.51
N CYS D 167 11.41 3.29 11.38
CA CYS D 167 12.49 4.20 11.05
C CYS D 167 13.45 3.55 10.06
N THR D 168 13.87 4.33 9.07
CA THR D 168 14.83 3.89 8.07
C THR D 168 16.20 4.51 8.37
N GLU D 169 17.24 3.89 7.80
CA GLU D 169 18.60 4.37 8.03
C GLU D 169 18.83 5.73 7.40
N PHE D 170 18.15 6.03 6.29
CA PHE D 170 18.33 7.28 5.59
C PHE D 170 17.55 8.44 6.23
N THR D 171 16.75 8.17 7.24
CA THR D 171 15.98 9.20 7.94
C THR D 171 16.36 9.20 9.42
N SER D 172 16.35 10.40 10.01
CA SER D 172 16.76 10.57 11.40
C SER D 172 15.77 11.48 12.11
N GLY D 173 15.72 11.33 13.43
CA GLY D 173 14.83 12.15 14.25
C GLY D 173 15.02 11.80 15.71
N ILE D 174 14.35 12.57 16.55
CA ILE D 174 14.43 12.40 18.00
C ILE D 174 13.03 12.34 18.58
N CYS D 175 12.92 11.67 19.73
CA CYS D 175 11.66 11.64 20.46
C CYS D 175 11.32 13.02 21.00
N ASP D 176 10.03 13.30 21.11
CA ASP D 176 9.55 14.61 21.57
C ASP D 176 8.77 14.51 22.87
N CYS D 177 9.12 13.54 23.71
CA CYS D 177 8.47 13.44 25.02
C CYS D 177 8.90 14.59 25.92
N GLY D 178 7.96 15.05 26.75
CA GLY D 178 8.22 16.15 27.66
C GLY D 178 7.96 17.52 27.09
N ASP D 179 7.84 17.64 25.77
CA ASP D 179 7.52 18.92 25.13
C ASP D 179 6.05 19.23 25.35
N GLU D 180 5.76 20.12 26.30
CA GLU D 180 4.39 20.50 26.60
C GLU D 180 3.74 21.29 25.48
N GLU D 181 4.51 21.76 24.50
CA GLU D 181 3.96 22.48 23.35
C GLU D 181 3.80 21.63 22.11
N ALA D 182 4.52 20.52 22.00
CA ALA D 182 4.47 19.70 20.80
C ALA D 182 3.28 18.74 20.78
N TRP D 183 2.60 18.56 21.91
CA TRP D 183 1.44 17.67 22.01
C TRP D 183 0.24 18.48 22.47
N ASN D 184 -0.90 18.27 21.80
CA ASN D 184 -2.11 19.02 22.15
C ASN D 184 -2.61 18.70 23.55
N SER D 185 -2.29 17.53 24.08
CA SER D 185 -2.67 17.14 25.43
C SER D 185 -1.47 16.55 26.15
N PRO D 186 -1.42 16.71 27.48
CA PRO D 186 -0.32 16.09 28.22
C PRO D 186 -0.33 14.57 28.08
N LEU D 187 0.86 13.99 28.01
CA LEU D 187 1.02 12.55 27.85
C LEU D 187 1.98 12.05 28.91
N HIS D 188 1.45 11.32 29.89
CA HIS D 188 2.27 10.79 30.97
C HIS D 188 3.21 9.73 30.41
N CYS D 189 4.51 9.89 30.66
CA CYS D 189 5.49 8.95 30.13
C CYS D 189 5.30 7.57 30.73
N LYS D 190 5.48 6.55 29.89
CA LYS D 190 5.35 5.17 30.38
C LYS D 190 6.47 4.82 31.35
N ALA D 191 7.66 5.39 31.17
CA ALA D 191 8.74 5.18 32.12
C ALA D 191 8.40 5.76 33.48
N GLU D 192 7.82 6.97 33.51
CA GLU D 192 7.43 7.58 34.77
C GLU D 192 6.30 6.80 35.43
N GLU D 193 5.46 6.13 34.63
CA GLU D 193 4.48 5.20 35.20
C GLU D 193 5.18 4.04 35.92
N GLN D 194 6.26 3.54 35.33
CA GLN D 194 7.02 2.45 35.94
C GLN D 194 8.05 2.99 36.93
N GLU D 211 28.06 11.26 46.72
CA GLU D 211 27.17 10.30 46.06
C GLU D 211 27.23 10.46 44.55
N ASP D 212 27.19 11.71 44.09
CA ASP D 212 27.25 12.03 42.67
C ASP D 212 28.58 12.72 42.36
N VAL D 213 29.23 12.29 41.29
CA VAL D 213 30.56 12.78 40.93
C VAL D 213 30.57 13.64 39.68
N TRP D 214 29.56 13.52 38.82
CA TRP D 214 29.52 14.30 37.57
C TRP D 214 28.78 15.62 37.72
N ASN D 215 28.33 15.97 38.93
CA ASN D 215 27.62 17.22 39.17
C ASN D 215 28.50 18.29 39.80
N ASP D 216 29.57 17.91 40.49
CA ASP D 216 30.39 18.86 41.20
C ASP D 216 31.09 19.81 40.22
N SER D 217 31.60 20.93 40.77
CA SER D 217 32.11 22.00 39.93
C SER D 217 33.37 21.60 39.19
N VAL D 218 34.25 20.81 39.82
CA VAL D 218 35.54 20.50 39.21
C VAL D 218 35.34 19.66 37.94
N ASN D 219 34.48 18.64 38.01
CA ASN D 219 34.32 17.75 36.85
C ASN D 219 33.54 18.45 35.74
N ILE D 220 32.55 19.27 36.08
CA ILE D 220 31.79 19.98 35.05
C ILE D 220 32.67 21.01 34.36
N ALA D 221 33.52 21.70 35.13
CA ALA D 221 34.47 22.63 34.51
C ALA D 221 35.47 21.89 33.63
N LEU D 222 35.91 20.72 34.07
CA LEU D 222 36.87 19.94 33.29
C LEU D 222 36.26 19.46 31.98
N VAL D 223 35.03 18.96 32.01
CA VAL D 223 34.40 18.50 30.77
C VAL D 223 34.11 19.68 29.85
N GLU D 224 33.75 20.83 30.42
CA GLU D 224 33.59 22.03 29.60
C GLU D 224 34.89 22.40 28.91
N LEU D 225 36.01 22.34 29.63
CA LEU D 225 37.30 22.67 29.02
C LEU D 225 37.65 21.68 27.92
N VAL D 226 37.41 20.39 28.15
CA VAL D 226 37.73 19.38 27.14
C VAL D 226 36.93 19.62 25.87
N LEU D 227 35.62 19.86 26.02
CA LEU D 227 34.78 20.09 24.85
C LEU D 227 35.18 21.38 24.15
N ALA D 228 35.52 22.42 24.91
CA ALA D 228 35.93 23.69 24.30
C ALA D 228 37.18 23.52 23.47
N GLU D 229 38.18 22.80 24.01
CA GLU D 229 39.41 22.59 23.25
C GLU D 229 39.16 21.70 22.03
N VAL D 230 38.28 20.70 22.17
CA VAL D 230 37.91 19.88 21.02
C VAL D 230 37.36 20.75 19.90
N PHE D 231 36.39 21.60 20.23
CA PHE D 231 35.74 22.41 19.20
C PHE D 231 36.69 23.45 18.64
N ASP D 232 37.56 24.03 19.48
CA ASP D 232 38.53 24.99 19.00
C ASP D 232 39.50 24.35 18.02
N TYR D 233 40.00 23.15 18.34
CA TYR D 233 40.91 22.46 17.43
C TYR D 233 40.22 22.12 16.12
N PHE D 234 38.97 21.65 16.19
CA PHE D 234 38.21 21.34 14.98
C PHE D 234 38.05 22.57 14.10
N ILE D 235 37.62 23.68 14.69
CA ILE D 235 37.41 24.92 13.92
C ILE D 235 38.73 25.41 13.35
N ASP D 236 39.81 25.33 14.12
CA ASP D 236 41.10 25.81 13.64
C ASP D 236 41.58 24.98 12.45
N VAL D 237 41.39 23.66 12.50
CA VAL D 237 41.88 22.83 11.40
C VAL D 237 41.01 23.02 10.16
N PHE D 238 39.70 23.20 10.33
CA PHE D 238 38.82 23.28 9.17
C PHE D 238 38.66 24.69 8.63
N ASN D 239 39.09 25.71 9.37
CA ASN D 239 39.13 27.06 8.82
C ASN D 239 40.16 27.16 7.70
N GLN D 240 41.25 26.41 7.79
CA GLN D 240 42.30 26.40 6.79
C GLN D 240 42.09 25.31 5.74
N ASN D 241 40.96 24.62 5.77
CA ASN D 241 40.65 23.59 4.78
C ASN D 241 39.84 24.19 3.64
N ILE D 242 40.42 25.20 2.99
CA ILE D 242 39.81 25.83 1.83
C ILE D 242 40.12 25.08 0.54
N GLU D 243 40.97 24.06 0.60
CA GLU D 243 41.31 23.30 -0.61
C GLU D 243 40.10 22.65 -1.27
N PRO D 244 39.19 21.97 -0.55
CA PRO D 244 38.03 21.37 -1.21
C PRO D 244 36.85 22.31 -1.40
N LEU D 245 37.05 23.61 -1.23
CA LEU D 245 35.95 24.55 -1.44
C LEU D 245 35.56 24.59 -2.92
N PRO D 246 34.28 24.46 -3.25
CA PRO D 246 33.89 24.47 -4.67
C PRO D 246 34.25 25.76 -5.39
N THR D 247 34.23 26.90 -4.71
CA THR D 247 34.53 28.17 -5.35
C THR D 247 36.01 28.32 -5.70
N ILE D 248 36.90 27.68 -4.94
CA ILE D 248 38.33 27.86 -5.12
C ILE D 248 38.99 26.66 -5.80
N GLN D 249 38.40 25.47 -5.72
CA GLN D 249 39.08 24.26 -6.16
C GLN D 249 39.46 24.32 -7.64
N LYS D 250 38.54 24.79 -8.50
CA LYS D 250 38.87 24.96 -9.90
C LYS D 250 40.01 25.96 -10.08
N ASP D 251 40.00 27.03 -9.30
CA ASP D 251 41.11 27.98 -9.34
C ASP D 251 42.39 27.38 -8.80
N ILE D 252 42.30 26.50 -7.79
CA ILE D 252 43.47 25.76 -7.34
C ILE D 252 44.07 24.96 -8.48
N THR D 253 43.23 24.21 -9.19
CA THR D 253 43.73 23.40 -10.31
C THR D 253 44.34 24.27 -11.39
N ILE D 254 43.70 25.40 -11.70
CA ILE D 254 44.20 26.29 -12.75
C ILE D 254 45.56 26.85 -12.35
N LYS D 255 45.70 27.32 -11.10
CA LYS D 255 46.96 27.89 -10.66
C LYS D 255 48.07 26.85 -10.64
N LEU D 256 47.76 25.64 -10.17
CA LEU D 256 48.76 24.57 -10.17
C LEU D 256 49.19 24.22 -11.59
N ARG D 257 48.24 24.13 -12.52
CA ARG D 257 48.59 23.83 -13.90
C ARG D 257 49.48 24.92 -14.50
N GLU D 258 49.14 26.19 -14.24
CA GLU D 258 49.95 27.29 -14.77
C GLU D 258 51.35 27.29 -14.18
N MET D 259 51.46 27.03 -12.88
CA MET D 259 52.78 27.00 -12.25
C MET D 259 53.58 25.76 -12.61
N THR D 260 52.91 24.69 -13.04
CA THR D 260 53.62 23.47 -13.42
C THR D 260 54.10 23.52 -14.87
N GLN D 261 53.25 24.00 -15.78
CA GLN D 261 53.66 24.09 -17.18
C GLN D 261 54.83 25.05 -17.36
N GLN D 262 54.78 26.21 -16.69
CA GLN D 262 55.88 27.16 -16.71
C GLN D 262 57.05 26.73 -15.85
N GLY D 263 56.87 25.76 -14.95
CA GLY D 263 57.97 25.22 -14.19
C GLY D 263 58.52 26.10 -13.10
N LYS D 264 57.74 27.07 -12.61
CA LYS D 264 58.17 27.93 -11.51
C LYS D 264 57.81 27.24 -10.19
N MET D 265 58.71 26.35 -9.76
CA MET D 265 58.47 25.57 -8.55
C MET D 265 58.68 26.38 -7.28
N TYR D 266 59.52 27.41 -7.32
CA TYR D 266 59.82 28.18 -6.11
C TYR D 266 58.57 28.87 -5.57
N GLU D 267 57.77 29.47 -6.45
CA GLU D 267 56.53 30.08 -6.01
C GLU D 267 55.47 29.04 -5.70
N ARG D 268 55.53 27.89 -6.36
CA ARG D 268 54.59 26.81 -6.09
C ARG D 268 54.72 26.31 -4.66
N ALA D 269 55.96 26.15 -4.18
CA ALA D 269 56.17 25.70 -2.81
C ALA D 269 55.60 26.68 -1.80
N GLN D 270 55.80 27.99 -2.04
CA GLN D 270 55.23 28.99 -1.15
C GLN D 270 53.71 28.92 -1.13
N PHE D 271 53.09 28.75 -2.30
CA PHE D 271 51.63 28.63 -2.38
C PHE D 271 51.14 27.42 -1.60
N LEU D 272 51.80 26.27 -1.79
CA LEU D 272 51.39 25.06 -1.10
C LEU D 272 51.56 25.19 0.41
N ASN D 273 52.65 25.85 0.85
CA ASN D 273 52.83 26.10 2.28
C ASN D 273 51.74 27.02 2.82
N ASP D 274 51.36 28.03 2.04
CA ASP D 274 50.30 28.95 2.46
C ASP D 274 48.98 28.22 2.61
N LEU D 275 48.65 27.34 1.66
CA LEU D 275 47.41 26.57 1.76
C LEU D 275 47.46 25.54 2.89
N LYS D 276 48.66 25.13 3.31
CA LYS D 276 48.80 24.06 4.29
C LYS D 276 48.32 24.51 5.67
N TYR D 277 47.77 23.57 6.41
CA TYR D 277 47.44 23.79 7.81
C TYR D 277 48.71 24.10 8.59
N GLU D 278 48.68 25.16 9.39
CA GLU D 278 49.86 25.62 10.10
C GLU D 278 49.54 25.83 11.58
N ASN D 279 50.53 25.57 12.43
CA ASN D 279 50.42 25.75 13.87
C ASN D 279 51.77 26.18 14.41
N ASP D 280 51.76 26.70 15.64
CA ASP D 280 53.00 27.02 16.33
C ASP D 280 53.62 25.81 17.01
N TYR D 281 52.94 24.67 17.01
CA TYR D 281 53.43 23.44 17.62
C TYR D 281 53.91 22.41 16.60
N MET D 282 53.84 22.74 15.30
CA MET D 282 54.13 21.74 14.28
C MET D 282 55.62 21.44 14.16
N PHE D 283 56.49 22.40 14.45
CA PHE D 283 57.92 22.20 14.28
C PHE D 283 58.68 22.54 15.55
N ASP D 284 58.11 23.40 16.38
CA ASP D 284 58.76 23.80 17.63
C ASP D 284 58.33 22.90 18.78
N LYS D 305 66.99 21.02 -1.29
CA LYS D 305 66.03 21.20 -2.37
C LYS D 305 65.01 22.27 -2.02
N ILE D 306 64.17 22.63 -3.00
CA ILE D 306 63.15 23.64 -2.80
C ILE D 306 61.73 23.07 -2.91
N ASP D 307 61.53 22.00 -3.66
CA ASP D 307 60.21 21.41 -3.78
C ASP D 307 59.81 20.74 -2.47
N PRO D 308 58.55 20.86 -2.05
CA PRO D 308 58.12 20.25 -0.79
C PRO D 308 58.00 18.73 -0.87
N GLU D 309 57.53 18.10 0.20
CA GLU D 309 57.46 16.65 0.26
C GLU D 309 56.27 16.24 1.13
N ASN D 310 55.97 14.94 1.09
CA ASN D 310 54.92 14.34 1.92
C ASN D 310 53.54 14.94 1.61
N TYR D 311 53.14 14.85 0.35
CA TYR D 311 51.87 15.36 -0.12
C TYR D 311 51.02 14.22 -0.68
N THR D 312 49.72 14.28 -0.42
CA THR D 312 48.76 13.27 -0.86
C THR D 312 47.74 13.90 -1.80
N VAL D 313 46.93 13.03 -2.41
CA VAL D 313 45.84 13.44 -3.29
C VAL D 313 44.57 12.80 -2.76
N ILE D 314 43.55 13.62 -2.52
CA ILE D 314 42.28 13.16 -1.96
C ILE D 314 41.16 13.56 -2.90
N ILE D 315 40.32 12.60 -3.29
CA ILE D 315 39.14 12.85 -4.08
C ILE D 315 37.93 12.88 -3.15
N TYR D 316 36.94 13.68 -3.51
CA TYR D 316 35.72 13.83 -2.72
C TYR D 316 34.54 13.29 -3.51
N ASN D 317 33.70 12.51 -2.83
CA ASN D 317 32.54 11.91 -3.48
C ASN D 317 31.53 12.99 -3.86
N ASP D 318 30.83 12.75 -4.96
CA ASP D 318 29.84 13.70 -5.45
C ASP D 318 28.81 12.96 -6.29
N GLU D 319 27.66 13.59 -6.47
CA GLU D 319 26.57 13.04 -7.27
C GLU D 319 26.67 13.43 -8.73
N TYR D 320 27.75 14.10 -9.14
CA TYR D 320 27.92 14.49 -10.53
C TYR D 320 27.97 13.27 -11.45
N HIS D 321 28.69 12.24 -11.04
CA HIS D 321 29.03 11.12 -11.90
C HIS D 321 28.49 9.81 -11.35
N ASN D 322 28.07 8.93 -12.26
CA ASN D 322 27.73 7.56 -11.90
C ASN D 322 29.00 6.83 -11.44
N TYR D 323 28.80 5.77 -10.66
CA TYR D 323 29.94 5.05 -10.09
C TYR D 323 30.86 4.51 -11.17
N SER D 324 30.32 4.16 -12.34
CA SER D 324 31.18 3.76 -13.45
C SER D 324 32.10 4.88 -13.88
N GLN D 325 31.58 6.12 -13.92
CA GLN D 325 32.41 7.26 -14.25
C GLN D 325 33.47 7.52 -13.18
N ALA D 326 33.12 7.32 -11.91
CA ALA D 326 34.12 7.43 -10.86
C ALA D 326 35.22 6.38 -11.02
N THR D 327 34.83 5.14 -11.35
CA THR D 327 35.83 4.10 -11.55
C THR D 327 36.74 4.40 -12.73
N THR D 328 36.16 4.90 -13.84
CA THR D 328 37.01 5.22 -14.99
C THR D 328 37.90 6.42 -14.71
N ALA D 329 37.44 7.39 -13.91
CA ALA D 329 38.29 8.48 -13.50
C ALA D 329 39.45 7.98 -12.64
N LEU D 330 39.15 7.07 -11.70
CA LEU D 330 40.21 6.51 -10.87
C LEU D 330 41.23 5.73 -11.71
N ARG D 331 40.74 4.96 -12.68
CA ARG D 331 41.66 4.19 -13.53
C ARG D 331 42.50 5.13 -14.40
N GLN D 332 41.92 6.24 -14.86
CA GLN D 332 42.71 7.25 -15.55
C GLN D 332 43.75 7.86 -14.63
N GLY D 333 43.43 7.96 -13.33
CA GLY D 333 44.34 8.53 -12.37
C GLY D 333 45.57 7.68 -12.12
N VAL D 334 45.40 6.49 -11.54
CA VAL D 334 46.53 5.65 -11.17
C VAL D 334 46.30 4.26 -11.76
N PRO D 335 46.64 4.04 -13.03
CA PRO D 335 46.38 2.72 -13.64
C PRO D 335 47.07 1.56 -12.97
N ASP D 336 48.29 1.75 -12.45
CA ASP D 336 49.05 0.61 -11.94
C ASP D 336 48.61 0.18 -10.53
N ASN D 337 47.79 0.97 -9.86
CA ASN D 337 47.26 0.56 -8.57
C ASN D 337 46.28 -0.59 -8.75
N VAL D 338 46.42 -1.62 -7.92
CA VAL D 338 45.54 -2.78 -7.96
C VAL D 338 44.29 -2.50 -7.12
N HIS D 339 43.14 -2.94 -7.62
CA HIS D 339 41.85 -2.78 -6.93
C HIS D 339 41.50 -1.31 -6.72
N ILE D 340 42.05 -0.43 -7.54
CA ILE D 340 41.73 0.99 -7.41
C ILE D 340 40.30 1.27 -7.88
N ASP D 341 39.81 0.52 -8.85
CA ASP D 341 38.50 0.80 -9.42
C ASP D 341 37.39 0.60 -8.41
N LEU D 342 37.44 -0.49 -7.64
CA LEU D 342 36.33 -0.84 -6.77
C LEU D 342 36.59 -0.50 -5.30
N LEU D 343 37.78 -0.85 -4.78
CA LEU D 343 38.06 -0.62 -3.37
C LEU D 343 38.04 0.87 -3.04
N THR D 344 38.63 1.70 -3.91
CA THR D 344 38.57 3.14 -3.68
C THR D 344 37.16 3.69 -3.87
N SER D 345 36.42 3.17 -4.84
CA SER D 345 35.06 3.63 -5.06
C SER D 345 34.14 3.26 -3.90
N ARG D 346 34.41 2.12 -3.27
CA ARG D 346 33.62 1.72 -2.11
C ARG D 346 33.77 2.73 -0.98
N ILE D 347 35.00 3.20 -0.75
CA ILE D 347 35.22 4.25 0.25
C ILE D 347 34.53 5.54 -0.17
N ASP D 348 34.47 5.81 -1.48
CA ASP D 348 33.81 7.02 -1.96
C ASP D 348 32.35 7.05 -1.56
N GLY D 349 31.71 5.89 -1.48
CA GLY D 349 30.34 5.85 -1.00
C GLY D 349 30.18 6.16 0.47
N GLU D 350 31.29 6.32 1.19
CA GLU D 350 31.27 6.57 2.63
C GLU D 350 32.08 7.82 2.96
N GLY D 351 31.84 8.90 2.22
CA GLY D 351 32.55 10.15 2.46
C GLY D 351 33.54 10.51 1.38
N ARG D 352 34.83 10.38 1.69
CA ARG D 352 35.90 10.70 0.76
C ARG D 352 36.92 9.56 0.77
N ALA D 353 37.86 9.62 -0.17
CA ALA D 353 38.86 8.57 -0.31
C ALA D 353 40.15 9.16 -0.88
N MET D 354 41.25 8.44 -0.66
CA MET D 354 42.57 8.82 -1.16
C MET D 354 43.02 7.80 -2.19
N LEU D 355 43.73 8.27 -3.23
CA LEU D 355 44.21 7.39 -4.28
C LEU D 355 45.71 7.42 -4.48
N LYS D 356 46.42 8.40 -3.95
CA LYS D 356 47.87 8.50 -4.14
C LYS D 356 48.50 9.16 -2.94
N CYS D 357 49.72 8.73 -2.60
CA CYS D 357 50.46 9.29 -1.48
C CYS D 357 51.92 8.92 -1.61
N SER D 358 52.80 9.92 -1.64
CA SER D 358 54.23 9.67 -1.73
C SER D 358 54.98 10.91 -1.23
N GLN D 359 56.24 10.70 -0.86
CA GLN D 359 57.07 11.81 -0.42
C GLN D 359 57.50 12.69 -1.59
N ASP D 360 57.49 12.14 -2.80
CA ASP D 360 57.87 12.92 -3.98
C ASP D 360 56.64 13.67 -4.50
N LEU D 361 56.63 14.99 -4.34
CA LEU D 361 55.51 15.79 -4.80
C LEU D 361 55.37 15.75 -6.32
N SER D 362 56.47 15.58 -7.05
CA SER D 362 56.39 15.46 -8.50
C SER D 362 55.64 14.20 -8.90
N SER D 363 55.77 13.13 -8.11
CA SER D 363 55.10 11.88 -8.44
C SER D 363 53.59 11.98 -8.24
N VAL D 364 53.15 12.80 -7.28
CA VAL D 364 51.71 12.92 -7.00
C VAL D 364 51.04 14.01 -7.83
N LEU D 365 51.79 14.74 -8.65
CA LEU D 365 51.18 15.77 -9.48
C LEU D 365 50.27 15.17 -10.55
N GLY D 366 50.64 14.02 -11.11
CA GLY D 366 49.82 13.41 -12.14
C GLY D 366 48.43 13.05 -11.65
N GLY D 367 48.33 12.53 -10.43
CA GLY D 367 47.02 12.22 -9.87
C GLY D 367 46.19 13.46 -9.62
N PHE D 368 46.83 14.56 -9.20
CA PHE D 368 46.11 15.80 -8.95
C PHE D 368 45.60 16.45 -10.25
N PHE D 369 46.26 16.18 -11.38
CA PHE D 369 45.83 16.73 -12.65
C PHE D 369 44.81 15.86 -13.36
N ALA D 370 44.35 14.78 -12.71
CA ALA D 370 43.28 13.95 -13.25
C ALA D 370 41.90 14.50 -12.94
N VAL D 371 41.81 15.72 -12.41
CA VAL D 371 40.51 16.33 -12.15
C VAL D 371 39.77 16.59 -13.45
N GLN D 372 40.47 17.15 -14.44
CA GLN D 372 39.83 17.54 -15.69
C GLN D 372 39.41 16.36 -16.54
N THR D 373 39.82 15.14 -16.19
CA THR D 373 39.42 13.97 -16.96
C THR D 373 37.91 13.79 -16.94
N ASN D 374 37.31 13.86 -15.76
CA ASN D 374 35.86 13.75 -15.62
C ASN D 374 35.22 14.80 -14.73
N GLY D 375 36.00 15.50 -13.90
CA GLY D 375 35.45 16.53 -13.05
C GLY D 375 35.26 16.15 -11.58
N LEU D 376 35.83 15.04 -11.14
CA LEU D 376 35.73 14.66 -9.74
C LEU D 376 36.43 15.68 -8.86
N SER D 377 35.84 15.92 -7.68
CA SER D 377 36.36 16.91 -6.74
C SER D 377 37.59 16.34 -6.06
N ALA D 378 38.74 16.50 -6.70
CA ALA D 378 40.02 16.03 -6.19
C ALA D 378 40.88 17.22 -5.78
N THR D 379 41.48 17.14 -4.60
CA THR D 379 42.34 18.20 -4.09
C THR D 379 43.66 17.62 -3.64
N LEU D 380 44.70 18.45 -3.66
CA LEU D 380 46.05 18.06 -3.27
C LEU D 380 46.27 18.52 -1.84
N THR D 381 46.35 17.56 -0.92
CA THR D 381 46.41 17.84 0.51
C THR D 381 47.69 17.25 1.10
N SER D 382 48.34 18.02 1.98
CA SER D 382 49.51 17.54 2.67
C SER D 382 49.15 16.42 3.65
N TRP D 383 50.14 15.58 3.96
CA TRP D 383 49.91 14.47 4.86
C TRP D 383 49.56 14.94 6.26
N SER D 384 50.20 16.01 6.73
CA SER D 384 49.89 16.55 8.06
C SER D 384 48.45 17.04 8.14
N GLU D 385 48.00 17.75 7.12
CA GLU D 385 46.62 18.24 7.11
C GLU D 385 45.62 17.09 7.07
N TYR D 386 45.92 16.06 6.26
CA TYR D 386 45.07 14.87 6.25
C TYR D 386 45.02 14.21 7.61
N LEU D 387 46.17 14.10 8.27
CA LEU D 387 46.22 13.52 9.61
C LEU D 387 45.36 14.32 10.57
N HIS D 388 45.45 15.65 10.53
CA HIS D 388 44.70 16.47 11.47
C HIS D 388 43.20 16.41 11.21
N GLN D 389 42.79 16.41 9.94
CA GLN D 389 41.36 16.35 9.65
C GLN D 389 40.78 14.97 9.97
N GLU D 390 41.56 13.90 9.73
CA GLU D 390 41.12 12.57 10.15
C GLU D 390 41.04 12.49 11.67
N THR D 391 41.98 13.13 12.35
CA THR D 391 41.93 13.18 13.82
C THR D 391 40.67 13.88 14.29
N CYS D 392 40.30 14.97 13.64
CA CYS D 392 39.07 15.67 14.03
C CYS D 392 37.83 14.85 13.71
N LYS D 393 37.85 14.09 12.62
CA LYS D 393 36.76 13.16 12.35
C LYS D 393 36.63 12.16 13.49
N TYR D 394 37.76 11.60 13.93
CA TYR D 394 37.72 10.64 15.02
C TYR D 394 37.29 11.29 16.33
N ILE D 395 37.62 12.57 16.53
CA ILE D 395 37.17 13.27 17.73
C ILE D 395 35.65 13.47 17.70
N ILE D 396 35.10 13.78 16.52
CA ILE D 396 33.65 13.89 16.41
C ILE D 396 32.99 12.54 16.66
N LEU D 397 33.61 11.46 16.17
CA LEU D 397 33.13 10.12 16.50
C LEU D 397 33.16 9.88 18.00
N TRP D 398 34.22 10.34 18.67
CA TRP D 398 34.30 10.22 20.12
C TRP D 398 33.17 10.97 20.80
N ILE D 399 32.87 12.18 20.33
CA ILE D 399 31.78 12.95 20.91
C ILE D 399 30.45 12.23 20.72
N THR D 400 30.25 11.63 19.55
CA THR D 400 29.04 10.84 19.34
C THR D 400 29.00 9.63 20.27
N HIS D 401 30.16 9.05 20.57
CA HIS D 401 30.20 7.88 21.45
C HIS D 401 29.78 8.23 22.86
N CYS D 402 30.28 9.34 23.42
CA CYS D 402 29.98 9.69 24.80
C CYS D 402 28.50 10.01 25.02
N LEU D 403 27.75 10.26 23.95
CA LEU D 403 26.32 10.53 24.10
C LEU D 403 25.51 9.28 24.37
N ASN D 404 26.11 8.09 24.19
CA ASN D 404 25.44 6.83 24.44
C ASN D 404 25.84 6.19 25.76
N ILE D 405 26.61 6.89 26.57
CA ILE D 405 27.04 6.34 27.87
C ILE D 405 25.83 6.19 28.77
N PRO D 406 25.59 5.00 29.34
CA PRO D 406 24.36 4.79 30.13
C PRO D 406 24.30 5.63 31.39
N ASN D 407 25.41 6.20 31.86
CA ASN D 407 25.40 6.98 33.09
C ASN D 407 24.57 8.24 32.92
N SER D 408 23.39 8.28 33.58
CA SER D 408 22.48 9.39 33.41
C SER D 408 23.08 10.69 33.94
N SER D 409 23.73 10.64 35.11
CA SER D 409 24.31 11.84 35.69
C SER D 409 25.43 12.41 34.84
N PHE D 410 26.14 11.55 34.09
CA PHE D 410 27.18 12.04 33.20
C PHE D 410 26.59 12.79 32.02
N GLN D 411 25.45 12.31 31.50
CA GLN D 411 24.88 12.90 30.29
C GLN D 411 24.32 14.30 30.57
N THR D 412 23.62 14.47 31.69
CA THR D 412 23.00 15.75 32.01
C THR D 412 24.04 16.86 32.18
N THR D 413 25.31 16.51 32.37
CA THR D 413 26.40 17.46 32.42
C THR D 413 27.13 17.57 31.09
N PHE D 414 27.41 16.44 30.44
CA PHE D 414 28.14 16.46 29.16
C PHE D 414 27.36 17.21 28.09
N ARG D 415 26.05 16.93 27.98
CA ARG D 415 25.25 17.60 26.96
C ARG D 415 25.09 19.09 27.28
N ASN D 416 24.92 19.43 28.55
CA ASN D 416 24.81 20.83 28.93
C ASN D 416 26.08 21.60 28.60
N MET D 417 27.25 21.01 28.88
CA MET D 417 28.50 21.70 28.55
C MET D 417 28.77 21.72 27.06
N MET D 418 28.32 20.70 26.32
CA MET D 418 28.46 20.76 24.87
C MET D 418 27.62 21.88 24.29
N GLY D 419 26.39 22.05 24.79
CA GLY D 419 25.58 23.19 24.39
C GLY D 419 26.21 24.50 24.79
N LYS D 420 26.81 24.56 25.98
CA LYS D 420 27.44 25.79 26.45
C LYS D 420 28.62 26.18 25.56
N THR D 421 29.47 25.22 25.22
CA THR D 421 30.65 25.52 24.42
C THR D 421 30.28 25.82 22.97
N LEU D 422 29.37 25.04 22.39
CA LEU D 422 28.97 25.28 21.01
C LEU D 422 28.32 26.64 20.84
N CYS D 423 27.43 27.01 21.77
CA CYS D 423 26.75 28.29 21.70
C CYS D 423 27.56 29.45 22.27
N SER D 424 28.74 29.18 22.83
CA SER D 424 29.60 30.25 23.32
C SER D 424 30.28 30.94 22.14
N GLU D 425 30.61 32.22 22.34
CA GLU D 425 31.29 32.98 21.31
C GLU D 425 32.63 32.36 20.99
N TYR D 426 32.96 32.32 19.70
CA TYR D 426 34.22 31.72 19.25
C TYR D 426 35.37 32.67 19.58
N LEU D 427 35.79 32.62 20.84
CA LEU D 427 36.98 33.33 21.25
C LEU D 427 38.21 32.68 20.63
N ASN D 428 39.35 33.35 20.76
CA ASN D 428 40.59 33.00 20.09
C ASN D 428 40.48 33.09 18.57
N ALA D 429 39.41 33.70 18.06
CA ALA D 429 39.31 33.91 16.61
C ALA D 429 40.38 34.88 16.13
N THR D 430 40.63 35.94 16.90
CA THR D 430 41.73 36.85 16.57
C THR D 430 43.08 36.18 16.72
N GLU D 431 43.24 35.38 17.79
CA GLU D 431 44.51 34.70 18.02
C GLU D 431 44.80 33.69 16.92
N CYS D 432 43.80 32.93 16.48
CA CYS D 432 44.03 31.87 15.51
C CYS D 432 44.28 32.46 14.12
N ARG D 433 44.65 31.57 13.20
CA ARG D 433 45.01 31.99 11.84
C ARG D 433 43.80 32.53 11.10
N ASP D 434 44.07 33.49 10.20
CA ASP D 434 43.07 34.01 9.28
C ASP D 434 43.44 33.58 7.87
N MET D 435 42.50 32.95 7.18
CA MET D 435 42.74 32.43 5.84
C MET D 435 42.35 33.41 4.74
N THR D 436 41.84 34.58 5.09
CA THR D 436 41.54 35.58 4.07
C THR D 436 42.76 36.07 3.29
N PRO D 437 43.93 36.32 3.89
CA PRO D 437 45.05 36.82 3.08
C PRO D 437 45.50 35.88 1.97
N VAL D 438 45.36 34.56 2.16
CA VAL D 438 45.88 33.61 1.17
C VAL D 438 45.13 33.77 -0.15
N VAL D 439 43.80 33.75 -0.11
CA VAL D 439 43.02 33.97 -1.31
C VAL D 439 43.18 35.39 -1.82
N GLU D 440 43.50 36.34 -0.95
CA GLU D 440 43.82 37.69 -1.39
C GLU D 440 45.08 37.70 -2.24
N LYS D 441 46.11 36.97 -1.82
CA LYS D 441 47.37 36.96 -2.55
C LYS D 441 47.27 36.16 -3.85
N TYR D 442 46.67 34.97 -3.79
CA TYR D 442 46.70 34.08 -4.95
C TYR D 442 45.45 34.12 -5.80
N PHE D 443 44.39 34.82 -5.37
CA PHE D 443 43.14 34.86 -6.12
C PHE D 443 42.57 36.27 -6.13
N SER D 444 43.42 37.27 -6.34
CA SER D 444 42.96 38.66 -6.34
C SER D 444 42.04 38.98 -7.50
N ASN D 445 42.04 38.15 -8.56
CA ASN D 445 41.19 38.43 -9.70
C ASN D 445 39.71 38.24 -9.37
N LYS D 446 39.40 37.28 -8.50
CA LYS D 446 38.04 37.00 -8.10
C LYS D 446 37.62 37.74 -6.83
N PHE D 447 38.44 38.68 -6.38
CA PHE D 447 38.25 39.32 -5.07
C PHE D 447 38.24 40.83 -5.26
N ASP D 448 37.05 41.39 -5.53
CA ASP D 448 36.88 42.84 -5.63
C ASP D 448 36.79 43.40 -4.22
N LYS D 449 37.80 44.18 -3.82
CA LYS D 449 37.90 44.66 -2.45
C LYS D 449 36.81 45.65 -2.06
N ASN D 450 36.08 46.19 -3.04
CA ASN D 450 34.98 47.11 -2.73
C ASN D 450 33.63 46.39 -2.59
N ASP D 451 33.58 45.10 -2.83
CA ASP D 451 32.33 44.35 -2.74
C ASP D 451 32.11 43.86 -1.32
N PRO D 452 31.04 44.27 -0.64
CA PRO D 452 30.80 43.77 0.72
C PRO D 452 30.57 42.27 0.79
N TYR D 453 30.19 41.63 -0.32
CA TYR D 453 29.92 40.21 -0.37
C TYR D 453 31.07 39.41 -0.98
N ARG D 454 32.28 39.98 -0.99
CA ARG D 454 33.43 39.26 -1.54
C ARG D 454 33.82 38.06 -0.69
N TYR D 455 33.50 38.09 0.60
CA TYR D 455 33.82 36.97 1.48
C TYR D 455 32.83 35.82 1.31
N ILE D 456 31.53 36.13 1.41
CA ILE D 456 30.51 35.07 1.33
C ILE D 456 30.51 34.42 -0.04
N ASP D 457 30.77 35.19 -1.10
CA ASP D 457 30.77 34.61 -2.44
C ASP D 457 31.85 33.54 -2.60
N LEU D 458 32.92 33.63 -1.81
CA LEU D 458 33.98 32.63 -1.81
C LEU D 458 33.85 31.64 -0.66
N SER D 459 32.79 31.76 0.15
CA SER D 459 32.53 30.86 1.27
C SER D 459 33.69 30.88 2.28
N ILE D 460 34.23 32.07 2.53
CA ILE D 460 35.28 32.24 3.52
C ILE D 460 34.78 33.18 4.61
N LEU D 461 35.60 33.41 5.63
CA LEU D 461 35.23 34.27 6.73
C LEU D 461 35.68 35.71 6.45
N ALA D 462 35.43 36.60 7.39
CA ALA D 462 35.86 37.98 7.27
C ALA D 462 37.23 38.15 7.94
N ASP D 463 37.68 39.40 8.02
CA ASP D 463 38.93 39.69 8.71
C ASP D 463 38.73 39.55 10.21
N GLY D 464 39.63 38.82 10.86
CA GLY D 464 39.47 38.50 12.26
C GLY D 464 38.68 37.24 12.54
N ASN D 465 38.51 36.37 11.53
CA ASN D 465 37.74 35.14 11.67
C ASN D 465 36.32 35.40 12.16
N GLN D 466 35.70 36.46 11.64
CA GLN D 466 34.32 36.80 11.95
C GLN D 466 33.42 36.33 10.81
N ILE D 467 32.17 36.04 11.18
CA ILE D 467 31.21 35.58 10.16
C ILE D 467 30.98 36.71 9.16
N PRO D 468 31.12 36.46 7.86
CA PRO D 468 31.06 37.55 6.88
C PRO D 468 29.64 38.06 6.70
N LEU D 469 29.55 39.19 6.00
CA LEU D 469 28.26 39.78 5.71
C LEU D 469 27.54 38.97 4.65
N GLY D 470 26.26 38.67 4.90
CA GLY D 470 25.45 37.95 3.92
C GLY D 470 24.61 38.90 3.09
N HIS D 471 23.93 38.31 2.09
CA HIS D 471 23.05 39.08 1.21
C HIS D 471 21.74 39.40 1.92
N HIS D 472 21.87 40.22 2.97
CA HIS D 472 20.70 40.67 3.72
C HIS D 472 19.92 41.71 2.92
N LYS D 473 18.60 41.69 3.08
CA LYS D 473 17.72 42.63 2.41
C LYS D 473 16.61 43.04 3.35
N ILE D 474 16.36 44.34 3.46
CA ILE D 474 15.29 44.89 4.28
C ILE D 474 14.32 45.62 3.39
N LEU D 475 13.04 45.33 3.54
CA LEU D 475 12.01 45.99 2.76
C LEU D 475 11.57 47.25 3.51
N PRO D 476 11.88 48.44 3.01
CA PRO D 476 11.52 49.65 3.74
C PRO D 476 10.02 49.88 3.77
N GLU D 477 9.57 50.61 4.80
CA GLU D 477 8.16 50.96 4.91
C GLU D 477 7.72 51.87 3.77
N SER D 478 8.66 52.56 3.12
CA SER D 478 8.32 53.37 1.95
C SER D 478 8.11 52.52 0.70
N SER D 479 8.37 51.22 0.77
CA SER D 479 8.20 50.31 -0.37
C SER D 479 7.27 49.15 -0.02
N THR D 480 6.29 49.40 0.85
CA THR D 480 5.34 48.36 1.27
C THR D 480 3.90 48.74 1.00
N HIS D 481 3.66 49.88 0.34
CA HIS D 481 2.28 50.30 0.06
C HIS D 481 1.66 49.44 -1.03
N SER D 482 2.44 49.07 -2.06
CA SER D 482 1.91 48.33 -3.19
C SER D 482 2.88 47.21 -3.54
N LEU D 483 2.35 46.22 -4.26
CA LEU D 483 3.15 45.09 -4.74
C LEU D 483 3.64 45.42 -6.15
N SER D 484 4.94 45.65 -6.28
CA SER D 484 5.51 46.06 -7.56
C SER D 484 5.44 44.91 -8.56
N PRO D 485 5.26 45.22 -9.86
CA PRO D 485 5.28 44.15 -10.87
C PRO D 485 6.59 43.37 -10.89
N LEU D 486 7.71 44.04 -10.66
CA LEU D 486 9.01 43.41 -10.53
C LEU D 486 9.30 43.18 -9.04
N ILE D 487 10.55 42.82 -8.73
CA ILE D 487 10.94 42.68 -7.34
C ILE D 487 10.85 44.03 -6.66
N ASN D 488 10.14 44.07 -5.53
CA ASN D 488 9.96 45.32 -4.80
C ASN D 488 11.30 45.83 -4.29
N ASP D 489 11.46 47.15 -4.29
CA ASP D 489 12.71 47.77 -3.89
C ASP D 489 12.98 47.51 -2.42
N VAL D 490 14.21 47.08 -2.11
CA VAL D 490 14.62 46.76 -0.75
C VAL D 490 15.96 47.42 -0.45
N GLU D 491 16.24 47.57 0.84
CA GLU D 491 17.47 48.19 1.31
C GLU D 491 18.47 47.11 1.65
N THR D 492 19.65 47.17 1.04
CA THR D 492 20.72 46.22 1.32
C THR D 492 21.67 46.83 2.35
N PRO D 493 21.81 46.25 3.54
CA PRO D 493 22.69 46.83 4.55
C PRO D 493 24.15 46.46 4.30
N THR D 494 25.02 47.11 5.07
CA THR D 494 26.46 46.84 4.98
C THR D 494 27.10 46.69 6.37
N SER D 495 26.33 46.32 7.39
CA SER D 495 26.87 46.17 8.73
C SER D 495 25.94 45.26 9.53
N ARG D 496 26.45 44.10 9.93
CA ARG D 496 25.70 43.16 10.76
C ARG D 496 26.58 42.71 11.92
N THR D 497 25.94 42.47 13.06
CA THR D 497 26.62 42.05 14.29
C THR D 497 26.27 40.60 14.57
N TYR D 498 27.02 39.69 13.97
CA TYR D 498 26.84 38.27 14.23
C TYR D 498 27.50 37.89 15.54
N SER D 499 26.87 36.94 16.25
CA SER D 499 27.43 36.49 17.53
C SER D 499 28.77 35.81 17.35
N ASN D 500 29.02 35.21 16.18
CA ASN D 500 30.30 34.58 15.85
C ASN D 500 30.66 33.50 16.85
N THR D 501 29.75 32.54 17.01
CA THR D 501 29.96 31.42 17.93
C THR D 501 30.62 30.24 17.23
N ARG D 502 31.06 29.28 18.03
CA ARG D 502 31.64 28.06 17.46
C ARG D 502 30.62 27.30 16.62
N LEU D 503 29.37 27.25 17.09
CA LEU D 503 28.31 26.60 16.34
C LEU D 503 28.10 27.25 14.98
N GLN D 504 28.11 28.58 14.93
CA GLN D 504 27.95 29.28 13.66
C GLN D 504 29.10 28.97 12.72
N HIS D 505 30.33 28.91 13.24
CA HIS D 505 31.47 28.56 12.39
C HIS D 505 31.34 27.14 11.85
N ILE D 506 30.91 26.19 12.70
CA ILE D 506 30.78 24.81 12.27
C ILE D 506 29.69 24.69 11.19
N LEU D 507 28.58 25.41 11.37
CA LEU D 507 27.53 25.38 10.35
C LEU D 507 27.98 26.07 9.07
N TYR D 508 28.77 27.12 9.17
CA TYR D 508 29.27 27.82 7.99
C TYR D 508 30.24 26.95 7.19
N PHE D 509 31.04 26.15 7.89
CA PHE D 509 32.00 25.26 7.24
C PHE D 509 31.36 23.98 6.70
N ASP D 510 30.03 23.91 6.65
CA ASP D 510 29.36 22.67 6.27
C ASP D 510 29.68 22.23 4.85
N ASN D 511 30.09 23.16 3.98
CA ASN D 511 30.43 22.80 2.61
C ASN D 511 31.84 22.22 2.48
N ARG D 512 32.61 22.22 3.57
CA ARG D 512 33.98 21.73 3.53
C ARG D 512 34.13 20.30 4.07
N TYR D 513 33.19 19.85 4.89
CA TYR D 513 33.23 18.47 5.38
C TYR D 513 32.86 17.50 4.27
N TRP D 514 33.22 16.23 4.47
CA TRP D 514 32.80 15.17 3.57
C TRP D 514 31.51 14.55 4.09
N LYS D 515 30.99 13.57 3.33
CA LYS D 515 29.66 13.04 3.57
C LYS D 515 29.55 12.44 4.97
N ARG D 516 30.46 11.52 5.31
CA ARG D 516 30.40 10.86 6.61
C ARG D 516 30.57 11.86 7.75
N LEU D 517 31.58 12.73 7.64
CA LEU D 517 31.82 13.70 8.71
C LEU D 517 30.66 14.68 8.83
N ARG D 518 30.07 15.07 7.69
CA ARG D 518 28.92 15.96 7.74
C ARG D 518 27.76 15.32 8.48
N LYS D 519 27.48 14.04 8.17
CA LYS D 519 26.41 13.36 8.88
C LYS D 519 26.70 13.24 10.37
N ASP D 520 27.95 12.90 10.72
CA ASP D 520 28.30 12.77 12.14
C ASP D 520 28.14 14.09 12.87
N ILE D 521 28.60 15.19 12.27
CA ILE D 521 28.47 16.49 12.92
C ILE D 521 27.01 16.89 13.08
N GLN D 522 26.20 16.67 12.04
CA GLN D 522 24.78 16.99 12.16
C GLN D 522 24.13 16.17 13.27
N ASN D 523 24.40 14.87 13.29
CA ASN D 523 23.78 13.99 14.29
C ASN D 523 24.25 14.30 15.70
N VAL D 524 25.48 14.80 15.85
CA VAL D 524 25.98 15.09 17.19
C VAL D 524 25.57 16.49 17.66
N ILE D 525 25.28 17.41 16.74
CA ILE D 525 24.97 18.78 17.14
C ILE D 525 23.47 19.00 17.19
N ILE D 526 22.78 18.79 16.06
CA ILE D 526 21.38 19.22 15.96
C ILE D 526 20.49 18.50 16.96
N PRO D 527 20.51 17.16 17.07
CA PRO D 527 19.69 16.53 18.11
C PRO D 527 20.05 16.95 19.52
N THR D 528 21.34 17.13 19.81
CA THR D 528 21.77 17.48 21.16
C THR D 528 21.26 18.86 21.56
N LEU D 529 21.42 19.84 20.68
CA LEU D 529 20.97 21.20 21.00
C LEU D 529 19.46 21.30 20.95
N ALA D 530 18.82 20.58 20.03
CA ALA D 530 17.36 20.63 19.92
C ALA D 530 16.70 20.01 21.15
N SER D 531 17.24 18.90 21.65
CA SER D 531 16.65 18.26 22.82
C SER D 531 16.77 19.14 24.06
N SER D 532 17.91 19.79 24.23
CA SER D 532 18.15 20.65 25.38
C SER D 532 17.23 21.87 25.31
N ASN D 533 16.29 21.96 26.25
CA ASN D 533 15.37 23.09 26.25
C ASN D 533 16.06 24.40 26.63
N LEU D 534 17.24 24.33 27.26
CA LEU D 534 17.95 25.54 27.60
C LEU D 534 18.62 26.16 26.37
N TYR D 535 19.20 25.33 25.51
CA TYR D 535 19.94 25.81 24.36
C TYR D 535 19.19 25.67 23.05
N LYS D 536 17.94 25.19 23.07
CA LYS D 536 17.13 25.18 21.86
C LYS D 536 16.83 26.58 21.36
N PRO D 537 16.37 27.54 22.18
CA PRO D 537 16.18 28.91 21.65
C PRO D 537 17.47 29.53 21.15
N ILE D 538 18.60 29.28 21.83
CA ILE D 538 19.87 29.83 21.37
C ILE D 538 20.28 29.19 20.05
N PHE D 539 20.06 27.89 19.92
CA PHE D 539 20.33 27.21 18.65
C PHE D 539 19.51 27.82 17.53
N CYS D 540 18.22 28.08 17.78
CA CYS D 540 17.37 28.65 16.76
C CYS D 540 17.81 30.06 16.40
N GLN D 541 18.14 30.89 17.39
CA GLN D 541 18.60 32.24 17.12
C GLN D 541 19.88 32.23 16.29
N GLN D 542 20.82 31.35 16.66
CA GLN D 542 22.10 31.34 15.97
C GLN D 542 22.01 30.71 14.58
N VAL D 543 20.99 29.90 14.32
CA VAL D 543 20.85 29.41 12.95
C VAL D 543 20.04 30.39 12.11
N VAL D 544 19.18 31.20 12.73
CA VAL D 544 18.49 32.24 11.98
C VAL D 544 19.46 33.35 11.60
N GLU D 545 20.35 33.74 12.51
CA GLU D 545 21.30 34.81 12.21
C GLU D 545 22.19 34.48 11.02
N ILE D 546 22.46 33.19 10.81
CA ILE D 546 23.32 32.75 9.72
C ILE D 546 22.50 32.06 8.62
N PHE D 547 21.19 32.27 8.60
CA PHE D 547 20.32 31.56 7.66
C PHE D 547 20.68 31.89 6.21
N ASN D 548 20.94 33.17 5.92
CA ASN D 548 21.23 33.56 4.55
C ASN D 548 22.51 32.92 4.04
N HIS D 549 23.55 32.88 4.88
CA HIS D 549 24.80 32.25 4.47
C HIS D 549 24.60 30.77 4.19
N ILE D 550 23.84 30.08 5.03
CA ILE D 550 23.58 28.66 4.82
C ILE D 550 22.80 28.44 3.52
N THR D 551 21.78 29.28 3.28
CA THR D 551 20.99 29.13 2.07
C THR D 551 21.83 29.36 0.82
N ARG D 552 22.69 30.38 0.84
CA ARG D 552 23.54 30.64 -0.32
C ARG D 552 24.57 29.52 -0.49
N SER D 553 25.06 28.96 0.61
CA SER D 553 25.97 27.83 0.52
C SER D 553 25.30 26.63 -0.15
N VAL D 554 24.06 26.34 0.26
CA VAL D 554 23.33 25.23 -0.35
C VAL D 554 23.07 25.50 -1.83
N ALA D 555 22.73 26.75 -2.17
CA ALA D 555 22.31 27.06 -3.52
C ALA D 555 23.49 27.06 -4.50
N TYR D 556 24.47 27.94 -4.29
CA TYR D 556 25.48 28.23 -5.29
C TYR D 556 26.83 27.59 -5.03
N MET D 557 27.22 27.38 -3.77
CA MET D 557 28.57 26.91 -3.43
C MET D 557 28.49 25.69 -2.51
N ASP D 558 28.37 24.52 -3.12
CA ASP D 558 28.30 23.27 -2.37
C ASP D 558 28.58 22.11 -3.31
N ARG D 559 28.92 20.96 -2.72
CA ARG D 559 29.19 19.75 -3.48
C ARG D 559 28.09 18.71 -3.34
N GLU D 560 27.54 18.53 -2.13
CA GLU D 560 26.45 17.60 -1.87
C GLU D 560 25.33 18.38 -1.18
N PRO D 561 24.49 19.08 -1.96
CA PRO D 561 23.44 19.91 -1.34
C PRO D 561 22.44 19.13 -0.51
N GLN D 562 22.21 17.86 -0.83
CA GLN D 562 21.21 17.10 -0.08
C GLN D 562 21.66 16.78 1.34
N LEU D 563 22.94 16.96 1.66
CA LEU D 563 23.48 16.59 2.97
C LEU D 563 23.56 17.76 3.94
N THR D 564 23.15 18.96 3.53
CA THR D 564 23.30 20.12 4.38
C THR D 564 22.40 20.05 5.60
N ALA D 565 22.82 20.73 6.67
CA ALA D 565 22.16 20.67 7.96
C ALA D 565 20.93 21.57 8.06
N ILE D 566 20.64 22.38 7.03
CA ILE D 566 19.52 23.31 7.13
C ILE D 566 18.20 22.56 7.19
N ARG D 567 18.11 21.41 6.53
CA ARG D 567 16.89 20.61 6.58
C ARG D 567 16.58 20.17 8.01
N GLU D 568 17.56 19.57 8.68
CA GLU D 568 17.36 19.17 10.07
C GLU D 568 17.17 20.37 10.98
N CYS D 569 17.85 21.48 10.69
CA CYS D 569 17.68 22.68 11.49
C CYS D 569 16.23 23.16 11.45
N VAL D 570 15.64 23.21 10.25
CA VAL D 570 14.27 23.69 10.15
C VAL D 570 13.28 22.64 10.64
N VAL D 571 13.65 21.36 10.61
CA VAL D 571 12.73 20.32 11.09
C VAL D 571 12.67 20.33 12.61
N GLN D 572 13.83 20.27 13.27
CA GLN D 572 13.86 20.20 14.73
C GLN D 572 13.78 21.55 15.43
N LEU D 573 13.94 22.66 14.69
CA LEU D 573 13.97 23.98 15.32
C LEU D 573 12.76 24.83 14.95
N PHE D 574 12.53 25.04 13.66
CA PHE D 574 11.45 25.94 13.25
C PHE D 574 10.07 25.33 13.46
N THR D 575 10.00 24.02 13.70
CA THR D 575 8.73 23.36 13.98
C THR D 575 8.47 23.39 15.49
N CYS D 576 8.44 24.61 16.03
CA CYS D 576 8.22 24.82 17.44
C CYS D 576 7.49 26.14 17.62
N PRO D 577 6.41 26.18 18.40
CA PRO D 577 5.69 27.45 18.58
C PRO D 577 6.55 28.55 19.18
N THR D 578 7.45 28.21 20.10
CA THR D 578 8.27 29.25 20.75
C THR D 578 9.31 29.80 19.79
N ASN D 579 9.99 28.93 19.05
CA ASN D 579 10.97 29.39 18.07
C ASN D 579 10.30 30.22 16.98
N ALA D 580 9.13 29.77 16.51
CA ALA D 580 8.41 30.54 15.50
C ALA D 580 7.96 31.88 16.05
N LYS D 581 7.52 31.92 17.32
CA LYS D 581 7.13 33.19 17.92
C LYS D 581 8.32 34.14 18.00
N ASN D 582 9.49 33.63 18.40
CA ASN D 582 10.67 34.47 18.47
C ASN D 582 11.07 34.98 17.09
N ILE D 583 10.95 34.12 16.07
CA ILE D 583 11.28 34.54 14.70
C ILE D 583 10.31 35.63 14.24
N PHE D 584 9.01 35.46 14.50
CA PHE D 584 8.02 36.40 14.02
C PHE D 584 8.08 37.73 14.77
N GLU D 585 8.50 37.71 16.04
CA GLU D 585 8.56 38.95 16.81
C GLU D 585 9.66 39.88 16.35
N ASN D 586 10.54 39.42 15.47
CA ASN D 586 11.63 40.22 14.92
C ASN D 586 11.52 40.25 13.40
N GLN D 587 12.45 40.98 12.78
CA GLN D 587 12.56 41.01 11.33
C GLN D 587 13.24 39.77 10.77
N SER D 588 13.55 38.80 11.63
CA SER D 588 14.21 37.58 11.19
C SER D 588 13.35 36.79 10.21
N PHE D 589 12.04 36.80 10.41
CA PHE D 589 11.15 36.13 9.45
C PHE D 589 11.26 36.80 8.08
N LEU D 590 11.29 38.13 8.05
CA LEU D 590 11.46 38.83 6.78
C LEU D 590 12.80 38.51 6.15
N ASP D 591 13.85 38.42 6.97
CA ASP D 591 15.17 38.05 6.45
C ASP D 591 15.15 36.67 5.82
N ILE D 592 14.52 35.71 6.49
CA ILE D 592 14.43 34.35 5.96
C ILE D 592 13.63 34.33 4.66
N VAL D 593 12.49 35.04 4.63
CA VAL D 593 11.65 35.05 3.45
C VAL D 593 12.38 35.66 2.27
N TRP D 594 13.11 36.76 2.48
CA TRP D 594 13.82 37.39 1.39
C TRP D 594 15.05 36.59 0.96
N SER D 595 15.69 35.89 1.91
CA SER D 595 16.78 34.99 1.53
C SER D 595 16.27 33.88 0.62
N ILE D 596 15.07 33.37 0.90
CA ILE D 596 14.49 32.36 0.02
C ILE D 596 14.08 32.99 -1.32
N ILE D 597 13.54 34.20 -1.29
CA ILE D 597 13.09 34.87 -2.51
C ILE D 597 14.27 35.12 -3.45
N ASP D 598 15.45 35.41 -2.88
CA ASP D 598 16.62 35.67 -3.72
C ASP D 598 16.99 34.46 -4.58
N ILE D 599 16.74 33.25 -4.08
CA ILE D 599 17.02 32.05 -4.87
C ILE D 599 16.08 31.97 -6.05
N PHE D 600 14.80 32.24 -5.82
CA PHE D 600 13.81 32.15 -6.90
C PHE D 600 14.01 33.24 -7.94
N LYS D 601 14.42 34.44 -7.50
CA LYS D 601 14.43 35.60 -8.37
C LYS D 601 15.50 35.54 -9.46
N GLU D 602 16.44 34.60 -9.37
CA GLU D 602 17.53 34.53 -10.35
C GLU D 602 17.20 33.67 -11.56
N PHE D 603 16.00 33.11 -11.63
CA PHE D 603 15.58 32.33 -12.79
C PHE D 603 14.33 32.90 -13.46
N CYS D 604 13.82 34.03 -12.98
CA CYS D 604 12.63 34.64 -13.54
C CYS D 604 12.97 35.46 -14.79
N LYS D 605 11.96 35.69 -15.62
CA LYS D 605 12.05 36.65 -16.72
C LYS D 605 10.82 37.54 -16.67
N VAL D 606 10.70 38.41 -17.67
CA VAL D 606 9.59 39.35 -17.77
C VAL D 606 8.66 38.86 -18.87
N GLU D 607 7.41 38.58 -18.49
CA GLU D 607 6.37 38.21 -19.44
C GLU D 607 5.04 38.78 -18.97
N GLY D 608 4.39 39.53 -19.86
CA GLY D 608 3.13 40.17 -19.51
C GLY D 608 3.27 41.36 -18.60
N GLY D 609 4.48 41.93 -18.50
CA GLY D 609 4.72 43.06 -17.63
C GLY D 609 5.00 42.72 -16.18
N VAL D 610 5.13 41.44 -15.85
CA VAL D 610 5.38 41.01 -14.48
C VAL D 610 6.54 40.02 -14.48
N LEU D 611 7.13 39.84 -13.31
CA LEU D 611 8.25 38.92 -13.13
C LEU D 611 7.69 37.53 -12.84
N ILE D 612 8.08 36.55 -13.65
CA ILE D 612 7.50 35.22 -13.64
C ILE D 612 8.61 34.18 -13.52
N TRP D 613 8.46 33.25 -12.58
CA TRP D 613 9.42 32.18 -12.40
C TRP D 613 9.44 31.26 -13.63
N GLN D 614 10.57 30.61 -13.84
CA GLN D 614 10.74 29.74 -15.00
C GLN D 614 11.49 28.47 -14.60
N ARG D 615 11.32 27.44 -15.43
CA ARG D 615 12.09 26.22 -15.26
C ARG D 615 13.58 26.48 -15.45
N VAL D 616 14.40 25.75 -14.68
CA VAL D 616 15.84 25.93 -14.77
C VAL D 616 16.36 25.30 -16.05
N GLN D 617 17.11 26.08 -16.83
CA GLN D 617 17.69 25.60 -18.07
C GLN D 617 19.21 25.76 -18.11
N LYS D 618 19.83 26.21 -17.04
CA LYS D 618 21.27 26.35 -16.98
C LYS D 618 21.92 25.00 -16.69
N SER D 619 23.22 25.03 -16.41
CA SER D 619 23.95 23.82 -16.04
C SER D 619 23.85 23.64 -14.52
N ASN D 620 22.98 22.72 -14.10
CA ASN D 620 22.77 22.41 -12.69
C ASN D 620 22.89 20.91 -12.47
N LEU D 621 23.94 20.32 -13.04
CA LEU D 621 24.23 18.92 -12.78
C LEU D 621 24.54 18.67 -11.31
N THR D 622 24.89 19.72 -10.57
CA THR D 622 24.97 19.62 -9.11
C THR D 622 23.60 19.36 -8.51
N LYS D 623 22.53 19.79 -9.19
CA LYS D 623 21.14 19.66 -8.78
C LYS D 623 20.81 20.54 -7.57
N SER D 624 21.68 21.49 -7.23
CA SER D 624 21.53 22.26 -5.99
C SER D 624 20.28 23.12 -6.02
N TYR D 625 19.86 23.59 -7.19
CA TYR D 625 18.75 24.54 -7.26
C TYR D 625 17.43 23.89 -6.87
N SER D 626 17.24 22.61 -7.22
CA SER D 626 16.01 21.92 -6.83
C SER D 626 15.89 21.82 -5.31
N ILE D 627 16.99 21.40 -4.65
CA ILE D 627 16.99 21.36 -3.19
C ILE D 627 16.79 22.76 -2.62
N SER D 628 17.38 23.78 -3.23
CA SER D 628 17.20 25.14 -2.73
C SER D 628 15.74 25.55 -2.77
N PHE D 629 15.07 25.31 -3.91
CA PHE D 629 13.66 25.68 -4.04
C PHE D 629 12.81 24.91 -3.04
N LYS D 630 12.98 23.59 -2.97
CA LYS D 630 12.17 22.78 -2.08
C LYS D 630 12.38 23.19 -0.63
N GLN D 631 13.63 23.39 -0.23
CA GLN D 631 13.94 23.76 1.14
C GLN D 631 13.38 25.12 1.49
N GLY D 632 13.50 26.09 0.58
CA GLY D 632 12.95 27.42 0.85
C GLY D 632 11.45 27.40 1.01
N LEU D 633 10.75 26.70 0.10
CA LEU D 633 9.30 26.63 0.21
C LEU D 633 8.86 25.89 1.47
N TYR D 634 9.57 24.80 1.80
CA TYR D 634 9.25 24.05 3.02
C TYR D 634 9.47 24.91 4.26
N THR D 635 10.56 25.67 4.29
CA THR D 635 10.84 26.54 5.43
C THR D 635 9.77 27.61 5.58
N VAL D 636 9.36 28.22 4.47
CA VAL D 636 8.32 29.26 4.53
C VAL D 636 7.01 28.65 5.05
N GLU D 637 6.64 27.49 4.51
CA GLU D 637 5.39 26.85 4.94
C GLU D 637 5.44 26.48 6.42
N THR D 638 6.57 25.90 6.86
CA THR D 638 6.69 25.49 8.26
C THR D 638 6.64 26.70 9.19
N LEU D 639 7.32 27.79 8.83
CA LEU D 639 7.30 28.97 9.67
C LEU D 639 5.90 29.58 9.73
N LEU D 640 5.20 29.65 8.60
CA LEU D 640 3.85 30.19 8.60
C LEU D 640 2.90 29.29 9.37
N SER D 641 3.17 27.98 9.42
CA SER D 641 2.28 27.06 10.09
C SER D 641 2.24 27.29 11.60
N LYS D 642 3.35 27.71 12.19
CA LYS D 642 3.49 27.82 13.63
C LYS D 642 3.38 29.26 14.13
N VAL D 643 2.74 30.14 13.36
CA VAL D 643 2.61 31.53 13.78
C VAL D 643 1.66 31.63 14.97
N HIS D 644 2.08 32.36 16.00
CA HIS D 644 1.24 32.52 17.19
C HIS D 644 0.07 33.46 16.92
N ASP D 645 0.34 34.58 16.25
CA ASP D 645 -0.68 35.58 15.98
C ASP D 645 -0.98 35.63 14.49
N PRO D 646 -2.16 35.22 14.04
CA PRO D 646 -2.44 35.19 12.60
C PRO D 646 -2.43 36.57 11.94
N ASN D 647 -2.41 37.65 12.71
CA ASN D 647 -2.27 38.99 12.14
C ASN D 647 -0.87 39.23 11.58
N ILE D 648 0.15 38.54 12.10
CA ILE D 648 1.53 38.81 11.68
C ILE D 648 1.74 38.58 10.19
N PRO D 649 1.32 37.45 9.59
CA PRO D 649 1.56 37.27 8.15
C PRO D 649 0.82 38.27 7.27
N LEU D 650 -0.21 38.92 7.79
CA LEU D 650 -0.94 39.93 7.02
C LEU D 650 -0.38 41.33 7.19
N ARG D 651 0.65 41.50 8.02
CA ARG D 651 1.24 42.82 8.22
C ARG D 651 1.88 43.32 6.93
N PRO D 652 1.99 44.63 6.76
CA PRO D 652 2.44 45.17 5.46
C PRO D 652 3.74 44.59 4.95
N LYS D 653 4.82 44.66 5.73
CA LYS D 653 6.09 44.11 5.27
C LYS D 653 5.98 42.60 5.06
N GLU D 654 5.36 41.90 5.99
CA GLU D 654 5.22 40.45 5.87
C GLU D 654 4.35 40.07 4.68
N ILE D 655 3.22 40.76 4.50
CA ILE D 655 2.33 40.41 3.40
C ILE D 655 2.99 40.74 2.07
N ILE D 656 3.74 41.84 1.99
CA ILE D 656 4.40 42.18 0.73
C ILE D 656 5.49 41.17 0.41
N SER D 657 6.26 40.73 1.40
CA SER D 657 7.28 39.72 1.15
C SER D 657 6.66 38.39 0.72
N LEU D 658 5.59 37.96 1.40
CA LEU D 658 4.95 36.70 1.05
C LEU D 658 4.32 36.78 -0.33
N LEU D 659 3.68 37.90 -0.66
CA LEU D 659 3.11 38.06 -2.00
C LEU D 659 4.20 38.14 -3.06
N THR D 660 5.36 38.71 -2.73
CA THR D 660 6.48 38.70 -3.66
C THR D 660 6.94 37.27 -3.93
N LEU D 661 6.98 36.44 -2.89
CA LEU D 661 7.35 35.04 -3.09
C LEU D 661 6.32 34.30 -3.93
N CYS D 662 5.03 34.54 -3.68
CA CYS D 662 3.97 33.85 -4.41
C CYS D 662 3.73 34.43 -5.80
N LYS D 663 4.27 35.62 -6.08
CA LYS D 663 4.01 36.31 -7.33
C LYS D 663 4.71 35.65 -8.51
N LEU D 664 5.93 35.14 -8.30
CA LEU D 664 6.71 34.61 -9.40
C LEU D 664 6.05 33.39 -10.05
N PHE D 665 5.11 32.75 -9.38
CA PHE D 665 4.45 31.57 -9.88
C PHE D 665 3.01 31.82 -10.30
N ASN D 666 2.57 33.07 -10.30
CA ASN D 666 1.21 33.41 -10.72
C ASN D 666 1.17 33.44 -12.24
N GLY D 667 0.60 32.39 -12.84
CA GLY D 667 0.61 32.28 -14.29
C GLY D 667 1.94 31.87 -14.86
N ALA D 668 2.76 31.16 -14.07
CA ALA D 668 4.09 30.77 -14.54
C ALA D 668 4.02 29.78 -15.68
N TRP D 669 3.15 28.77 -15.58
CA TRP D 669 3.07 27.71 -16.58
C TRP D 669 2.01 28.08 -17.61
N LYS D 670 2.44 28.29 -18.85
CA LYS D 670 1.56 28.67 -19.94
C LYS D 670 1.52 27.56 -20.97
N ILE D 671 0.33 27.23 -21.44
CA ILE D 671 0.14 26.19 -22.45
C ILE D 671 -0.63 26.78 -23.62
N LYS D 672 -0.36 26.28 -24.81
CA LYS D 672 -1.03 26.71 -26.03
C LYS D 672 -1.52 25.48 -26.79
N ARG D 673 -2.70 25.59 -27.37
CA ARG D 673 -3.26 24.47 -28.13
C ARG D 673 -2.41 24.16 -29.34
N LYS D 674 -2.14 22.88 -29.55
CA LYS D 674 -1.35 22.44 -30.68
C LYS D 674 -2.26 22.19 -31.88
N GLU D 675 -2.01 22.94 -32.96
CA GLU D 675 -2.74 22.77 -34.21
C GLU D 675 -1.75 22.31 -35.28
N GLY D 676 -2.10 21.24 -35.97
CA GLY D 676 -1.21 20.68 -36.98
C GLY D 676 -0.77 19.26 -36.65
N GLU D 677 0.54 19.01 -36.73
CA GLU D 677 1.06 17.68 -36.43
C GLU D 677 0.86 17.34 -34.96
N HIS D 678 0.66 16.05 -34.69
CA HIS D 678 0.48 15.60 -33.32
C HIS D 678 1.80 15.70 -32.54
N VAL D 679 1.67 15.80 -31.22
CA VAL D 679 2.84 15.96 -30.37
C VAL D 679 3.69 14.69 -30.40
N LEU D 680 4.98 14.85 -30.71
CA LEU D 680 5.86 13.70 -30.82
C LEU D 680 6.22 13.10 -29.46
N HIS D 681 6.51 13.95 -28.48
CA HIS D 681 6.86 13.48 -27.15
C HIS D 681 6.19 14.37 -26.11
N GLU D 682 5.66 13.73 -25.06
CA GLU D 682 4.98 14.47 -24.01
C GLU D 682 5.94 15.41 -23.30
N ASP D 683 5.51 16.65 -23.11
CA ASP D 683 6.34 17.65 -22.45
C ASP D 683 6.35 17.42 -20.95
N GLN D 684 7.55 17.29 -20.37
CA GLN D 684 7.71 17.09 -18.95
C GLN D 684 8.14 18.37 -18.22
N ASN D 685 7.94 19.52 -18.85
CA ASN D 685 8.37 20.78 -18.25
C ASN D 685 7.46 21.18 -17.10
N PHE D 686 6.21 20.72 -17.10
CA PHE D 686 5.22 21.17 -16.13
C PHE D 686 5.42 20.58 -14.74
N ILE D 687 6.35 19.62 -14.57
CA ILE D 687 6.49 18.94 -13.29
C ILE D 687 6.93 19.92 -12.21
N SER D 688 7.98 20.69 -12.48
CA SER D 688 8.49 21.62 -11.48
C SER D 688 7.47 22.73 -11.18
N TYR D 689 6.80 23.23 -12.21
CA TYR D 689 5.76 24.23 -12.00
C TYR D 689 4.66 23.69 -11.10
N LEU D 690 4.21 22.47 -11.36
CA LEU D 690 3.19 21.86 -10.52
C LEU D 690 3.68 21.70 -9.09
N GLU D 691 4.93 21.27 -8.91
CA GLU D 691 5.43 21.05 -7.56
C GLU D 691 5.50 22.34 -6.76
N TYR D 692 6.07 23.40 -7.34
CA TYR D 692 6.22 24.63 -6.58
C TYR D 692 4.89 25.37 -6.41
N THR D 693 4.00 25.30 -7.41
CA THR D 693 2.69 25.90 -7.23
C THR D 693 1.87 25.11 -6.21
N THR D 694 2.07 23.80 -6.13
CA THR D 694 1.46 23.00 -5.07
C THR D 694 1.97 23.45 -3.71
N SER D 695 3.28 23.73 -3.61
CA SER D 695 3.83 24.25 -2.36
C SER D 695 3.17 25.58 -1.98
N ILE D 696 2.99 26.47 -2.95
CA ILE D 696 2.36 27.76 -2.66
C ILE D 696 0.90 27.57 -2.25
N TYR D 697 0.18 26.68 -2.94
CA TYR D 697 -1.21 26.41 -2.57
C TYR D 697 -1.29 25.86 -1.15
N SER D 698 -0.35 24.99 -0.78
CA SER D 698 -0.29 24.48 0.59
C SER D 698 0.00 25.61 1.57
N ILE D 699 0.83 26.57 1.17
CA ILE D 699 1.10 27.73 2.04
C ILE D 699 -0.18 28.52 2.29
N ILE D 700 -0.97 28.74 1.24
CA ILE D 700 -2.22 29.49 1.41
C ILE D 700 -3.19 28.72 2.29
N GLN D 701 -3.31 27.41 2.07
CA GLN D 701 -4.19 26.61 2.92
C GLN D 701 -3.70 26.59 4.37
N THR D 702 -2.39 26.63 4.58
CA THR D 702 -1.86 26.72 5.93
C THR D 702 -2.21 28.07 6.56
N ALA D 703 -2.18 29.13 5.77
CA ALA D 703 -2.64 30.43 6.27
C ALA D 703 -4.10 30.36 6.70
N GLU D 704 -4.93 29.69 5.91
CA GLU D 704 -6.31 29.46 6.34
C GLU D 704 -6.38 28.68 7.64
N LYS D 705 -5.56 27.64 7.76
CA LYS D 705 -5.59 26.82 8.97
C LYS D 705 -5.23 27.63 10.20
N VAL D 706 -4.17 28.44 10.12
CA VAL D 706 -3.75 29.22 11.27
C VAL D 706 -4.76 30.32 11.57
N SER D 707 -5.46 30.81 10.55
CA SER D 707 -6.53 31.78 10.79
C SER D 707 -7.73 31.12 11.47
N GLU D 708 -8.01 29.86 11.10
CA GLU D 708 -9.17 29.16 11.66
C GLU D 708 -8.94 28.78 13.12
N LYS D 709 -7.77 28.21 13.42
CA LYS D 709 -7.54 27.65 14.75
C LYS D 709 -7.35 28.74 15.81
N SER D 710 -6.66 29.83 15.47
CA SER D 710 -6.32 30.83 16.47
C SER D 710 -7.56 31.53 16.99
N LYS D 711 -7.59 31.75 18.32
CA LYS D 711 -8.73 32.43 18.93
C LYS D 711 -8.74 33.92 18.62
N ASP D 712 -7.58 34.56 18.68
CA ASP D 712 -7.48 36.00 18.41
C ASP D 712 -7.80 36.25 16.94
N SER D 713 -8.97 36.83 16.69
CA SER D 713 -9.43 37.05 15.33
C SER D 713 -8.57 38.09 14.61
N ILE D 714 -8.47 37.94 13.30
CA ILE D 714 -7.72 38.88 12.48
C ILE D 714 -8.59 40.11 12.22
N ASP D 715 -8.05 41.29 12.52
CA ASP D 715 -8.80 42.52 12.29
C ASP D 715 -9.05 42.73 10.80
N SER D 716 -10.23 43.24 10.47
CA SER D 716 -10.63 43.38 9.08
C SER D 716 -9.76 44.38 8.32
N LYS D 717 -9.10 45.31 9.01
CA LYS D 717 -8.27 46.29 8.33
C LYS D 717 -7.14 45.64 7.56
N LEU D 718 -6.50 44.63 8.16
CA LEU D 718 -5.42 43.92 7.48
C LEU D 718 -5.96 43.15 6.27
N PHE D 719 -7.14 42.54 6.41
CA PHE D 719 -7.75 41.85 5.29
C PHE D 719 -8.02 42.81 4.13
N LEU D 720 -8.57 43.97 4.43
CA LEU D 720 -8.87 44.95 3.38
C LEU D 720 -7.59 45.49 2.75
N ASN D 721 -6.54 45.68 3.55
CA ASN D 721 -5.27 46.13 3.01
C ASN D 721 -4.69 45.10 2.06
N ALA D 722 -4.74 43.82 2.44
CA ALA D 722 -4.26 42.77 1.54
C ALA D 722 -5.09 42.69 0.27
N ILE D 723 -6.41 42.84 0.39
CA ILE D 723 -7.27 42.85 -0.78
C ILE D 723 -6.89 44.01 -1.70
N ARG D 724 -6.67 45.20 -1.13
CA ARG D 724 -6.30 46.35 -1.94
C ARG D 724 -4.98 46.10 -2.67
N ILE D 725 -3.99 45.56 -1.96
CA ILE D 725 -2.68 45.32 -2.57
C ILE D 725 -2.81 44.35 -3.74
N ILE D 726 -3.47 43.21 -3.49
CA ILE D 726 -3.54 42.18 -4.53
C ILE D 726 -4.39 42.64 -5.71
N SER D 727 -5.52 43.30 -5.44
CA SER D 727 -6.37 43.78 -6.52
C SER D 727 -5.68 44.86 -7.34
N SER D 728 -4.92 45.75 -6.67
CA SER D 728 -4.18 46.77 -7.40
C SER D 728 -3.10 46.15 -8.28
N PHE D 729 -2.39 45.14 -7.75
CA PHE D 729 -1.38 44.47 -8.58
C PHE D 729 -2.01 43.78 -9.77
N LEU D 730 -3.15 43.11 -9.56
CA LEU D 730 -3.74 42.30 -10.62
C LEU D 730 -4.46 43.15 -11.67
N GLY D 731 -5.05 44.29 -11.27
CA GLY D 731 -5.74 45.13 -12.21
C GLY D 731 -4.84 45.96 -13.11
N ASN D 732 -3.57 46.09 -12.75
CA ASN D 732 -2.61 46.82 -13.58
C ASN D 732 -2.16 46.03 -14.80
N ARG D 733 -2.72 44.83 -15.03
CA ARG D 733 -2.40 44.08 -16.23
C ARG D 733 -2.90 44.80 -17.46
N SER D 734 -2.15 44.69 -18.56
CA SER D 734 -2.55 45.28 -19.83
C SER D 734 -3.28 44.22 -20.65
N LEU D 735 -4.53 44.50 -21.00
CA LEU D 735 -5.37 43.57 -21.72
C LEU D 735 -5.96 44.24 -22.95
N THR D 736 -5.95 43.52 -24.07
CA THR D 736 -6.55 44.03 -25.29
C THR D 736 -8.07 44.04 -25.15
N TYR D 737 -8.71 45.06 -25.73
CA TYR D 737 -10.14 45.23 -25.65
C TYR D 737 -10.74 45.30 -27.05
N LYS D 738 -12.00 44.88 -27.15
CA LYS D 738 -12.75 44.95 -28.40
C LYS D 738 -14.21 45.24 -28.08
N LEU D 739 -14.91 45.81 -29.07
CA LEU D 739 -16.32 46.14 -28.94
C LEU D 739 -17.10 45.38 -30.00
N ILE D 740 -18.00 44.51 -29.56
CA ILE D 740 -18.83 43.77 -30.49
C ILE D 740 -20.03 44.60 -30.92
N TYR D 741 -20.69 45.26 -29.97
CA TYR D 741 -21.59 46.35 -30.25
C TYR D 741 -20.90 47.67 -29.89
N ASP D 742 -21.39 48.76 -30.47
CA ASP D 742 -20.77 50.06 -30.23
C ASP D 742 -20.95 50.55 -28.80
N SER D 743 -21.79 49.89 -28.00
CA SER D 743 -22.08 50.32 -26.63
C SER D 743 -21.55 49.36 -25.58
N HIS D 744 -20.81 48.31 -25.97
CA HIS D 744 -20.31 47.33 -25.01
C HIS D 744 -18.86 47.00 -25.32
N GLU D 745 -18.06 46.86 -24.26
CA GLU D 745 -16.63 46.59 -24.39
C GLU D 745 -16.26 45.41 -23.51
N VAL D 746 -15.57 44.43 -24.10
CA VAL D 746 -15.18 43.22 -23.39
C VAL D 746 -13.72 42.89 -23.70
N ILE D 747 -13.09 42.15 -22.79
CA ILE D 747 -11.71 41.73 -22.96
C ILE D 747 -11.62 40.75 -24.12
N LYS D 748 -10.61 40.93 -24.97
CA LYS D 748 -10.39 40.07 -26.13
C LYS D 748 -9.28 39.07 -25.83
N PHE D 749 -9.62 37.79 -25.84
CA PHE D 749 -8.65 36.71 -25.66
C PHE D 749 -9.27 35.37 -26.07
N SER D 750 -8.59 34.64 -26.95
CA SER D 750 -9.07 33.35 -27.42
C SER D 750 -8.24 32.24 -26.78
N VAL D 751 -8.89 31.38 -26.01
CA VAL D 751 -8.18 30.33 -25.29
C VAL D 751 -7.63 29.29 -26.27
N SER D 752 -8.27 29.11 -27.42
CA SER D 752 -7.88 28.04 -28.33
C SER D 752 -6.64 28.37 -29.16
N HIS D 753 -6.15 29.61 -29.12
CA HIS D 753 -5.02 30.01 -29.94
C HIS D 753 -3.85 30.59 -29.16
N GLU D 754 -4.05 31.03 -27.92
CA GLU D 754 -3.03 31.78 -27.19
C GLU D 754 -2.64 31.04 -25.91
N ARG D 755 -1.59 31.56 -25.28
CA ARG D 755 -1.09 30.95 -24.05
C ARG D 755 -2.04 31.24 -22.90
N VAL D 756 -2.39 30.20 -22.15
CA VAL D 756 -3.34 30.30 -21.03
C VAL D 756 -2.87 29.36 -19.93
N ALA D 757 -3.09 29.76 -18.68
CA ALA D 757 -2.58 29.05 -17.53
C ALA D 757 -3.70 28.48 -16.67
N PHE D 758 -3.42 27.36 -16.02
CA PHE D 758 -4.32 26.81 -15.01
C PHE D 758 -4.13 27.50 -13.66
N MET D 759 -2.93 27.43 -13.10
CA MET D 759 -2.68 27.86 -11.73
C MET D 759 -2.55 29.36 -11.65
N ASN D 760 -3.38 29.98 -10.82
CA ASN D 760 -3.38 31.43 -10.60
C ASN D 760 -3.42 31.68 -9.10
N PRO D 761 -2.29 31.51 -8.40
CA PRO D 761 -2.32 31.62 -6.93
C PRO D 761 -2.80 32.97 -6.42
N LEU D 762 -2.47 34.06 -7.12
CA LEU D 762 -2.83 35.38 -6.63
C LEU D 762 -4.33 35.61 -6.65
N GLN D 763 -5.00 35.19 -7.73
CA GLN D 763 -6.46 35.28 -7.77
C GLN D 763 -7.10 34.38 -6.72
N THR D 764 -6.52 33.21 -6.47
CA THR D 764 -7.07 32.34 -5.43
C THR D 764 -6.99 33.00 -4.06
N MET D 765 -5.83 33.59 -3.75
CA MET D 765 -5.68 34.28 -2.46
C MET D 765 -6.59 35.50 -2.39
N LEU D 766 -6.80 36.18 -3.52
CA LEU D 766 -7.72 37.30 -3.54
C LEU D 766 -9.14 36.85 -3.23
N SER D 767 -9.56 35.72 -3.81
CA SER D 767 -10.88 35.18 -3.49
C SER D 767 -10.97 34.80 -2.01
N PHE D 768 -9.91 34.22 -1.47
CA PHE D 768 -9.90 33.87 -0.05
C PHE D 768 -10.11 35.10 0.81
N LEU D 769 -9.32 36.15 0.55
CA LEU D 769 -9.40 37.36 1.36
C LEU D 769 -10.75 38.05 1.22
N ILE D 770 -11.33 38.02 0.01
CA ILE D 770 -12.67 38.55 -0.17
C ILE D 770 -13.68 37.75 0.64
N GLU D 771 -13.50 36.43 0.69
CA GLU D 771 -14.39 35.58 1.49
C GLU D 771 -14.28 35.93 2.97
N LYS D 772 -13.08 36.22 3.45
CA LYS D 772 -12.89 36.46 4.88
C LYS D 772 -13.60 37.69 5.40
N VAL D 773 -14.03 38.60 4.51
CA VAL D 773 -14.69 39.83 4.91
C VAL D 773 -16.01 39.96 4.17
N SER D 774 -16.80 40.96 4.55
CA SER D 774 -18.10 41.20 3.96
C SER D 774 -17.94 41.73 2.54
N LEU D 775 -19.02 41.57 1.75
CA LEU D 775 -18.99 41.97 0.35
C LEU D 775 -18.87 43.49 0.20
N LYS D 776 -19.58 44.25 1.02
CA LYS D 776 -19.48 45.71 0.95
C LYS D 776 -18.06 46.17 1.27
N ASP D 777 -17.48 45.61 2.33
CA ASP D 777 -16.10 45.95 2.69
C ASP D 777 -15.12 45.50 1.61
N ALA D 778 -15.35 44.32 1.02
CA ALA D 778 -14.47 43.84 -0.03
C ALA D 778 -14.52 44.74 -1.26
N TYR D 779 -15.70 45.27 -1.59
CA TYR D 779 -15.82 46.16 -2.73
C TYR D 779 -15.21 47.52 -2.43
N GLU D 780 -15.46 48.06 -1.23
CA GLU D 780 -14.90 49.36 -0.87
C GLU D 780 -13.39 49.30 -0.74
N ALA D 781 -12.84 48.13 -0.39
CA ALA D 781 -11.39 47.99 -0.22
C ALA D 781 -10.64 47.94 -1.55
N LEU D 782 -11.34 47.86 -2.67
CA LEU D 782 -10.68 47.81 -3.97
C LEU D 782 -10.10 49.18 -4.31
N GLU D 783 -9.51 49.27 -5.49
CA GLU D 783 -8.92 50.53 -5.94
C GLU D 783 -10.00 51.58 -6.15
N ASP D 784 -9.57 52.85 -6.15
CA ASP D 784 -10.52 53.96 -6.31
C ASP D 784 -11.28 53.84 -7.63
N CYS D 785 -10.55 53.57 -8.72
CA CYS D 785 -11.16 53.23 -10.00
C CYS D 785 -10.67 51.85 -10.41
N SER D 786 -11.60 50.95 -10.71
CA SER D 786 -11.24 49.56 -10.95
C SER D 786 -12.13 48.98 -12.03
N ASP D 787 -11.69 47.85 -12.58
CA ASP D 787 -12.44 47.06 -13.53
C ASP D 787 -12.26 45.60 -13.12
N PHE D 788 -13.24 45.07 -12.38
CA PHE D 788 -13.09 43.74 -11.78
C PHE D 788 -12.96 42.65 -12.82
N LEU D 789 -13.41 42.89 -14.06
CA LEU D 789 -13.27 41.87 -15.10
C LEU D 789 -11.80 41.60 -15.41
N LYS D 790 -10.93 42.58 -15.18
CA LYS D 790 -9.52 42.41 -15.45
C LYS D 790 -8.91 41.30 -14.61
N ILE D 791 -9.40 41.12 -13.38
CA ILE D 791 -8.76 40.22 -12.42
C ILE D 791 -9.50 38.88 -12.38
N SER D 792 -10.79 38.89 -12.73
CA SER D 792 -11.58 37.67 -12.79
C SER D 792 -11.51 36.99 -14.16
N ASP D 793 -11.06 37.71 -15.18
CA ASP D 793 -11.00 37.11 -16.51
C ASP D 793 -9.98 35.98 -16.58
N PHE D 794 -8.94 36.03 -15.75
CA PHE D 794 -7.96 34.94 -15.75
C PHE D 794 -8.53 33.67 -15.14
N SER D 795 -9.30 33.81 -14.06
CA SER D 795 -9.99 32.65 -13.49
C SER D 795 -11.02 32.10 -14.47
N LEU D 796 -11.76 32.98 -15.15
CA LEU D 796 -12.72 32.51 -16.14
C LEU D 796 -11.99 31.83 -17.30
N ARG D 797 -10.80 32.33 -17.65
CA ARG D 797 -9.99 31.68 -18.68
C ARG D 797 -9.60 30.28 -18.25
N SER D 798 -9.21 30.12 -16.98
CA SER D 798 -8.86 28.80 -16.49
C SER D 798 -10.06 27.85 -16.56
N VAL D 799 -11.24 28.34 -16.18
CA VAL D 799 -12.45 27.52 -16.26
C VAL D 799 -12.73 27.11 -17.70
N VAL D 800 -12.64 28.07 -18.62
CA VAL D 800 -12.92 27.80 -20.02
C VAL D 800 -11.90 26.80 -20.59
N LEU D 801 -10.63 26.97 -20.23
CA LEU D 801 -9.60 26.04 -20.69
C LEU D 801 -9.87 24.64 -20.19
N CYS D 802 -10.24 24.51 -18.91
CA CYS D 802 -10.51 23.20 -18.35
C CYS D 802 -11.70 22.54 -19.03
N SER D 803 -12.75 23.32 -19.30
CA SER D 803 -13.91 22.76 -19.99
C SER D 803 -13.57 22.39 -21.43
N GLN D 804 -12.76 23.21 -22.10
CA GLN D 804 -12.37 22.91 -23.48
C GLN D 804 -11.58 21.62 -23.57
N ILE D 805 -10.63 21.41 -22.65
CA ILE D 805 -9.84 20.20 -22.68
C ILE D 805 -10.65 19.01 -22.18
N ASP D 806 -11.66 19.24 -21.35
CA ASP D 806 -12.51 18.15 -20.89
C ASP D 806 -13.21 17.46 -22.05
N VAL D 807 -13.72 18.25 -23.01
CA VAL D 807 -14.53 17.69 -24.10
C VAL D 807 -13.69 17.12 -25.23
N GLY D 808 -12.37 17.13 -25.11
CA GLY D 808 -11.52 16.56 -26.13
C GLY D 808 -11.07 17.52 -27.21
N PHE D 809 -11.19 18.83 -26.98
CA PHE D 809 -10.74 19.81 -27.97
C PHE D 809 -9.22 19.91 -28.04
N TRP D 810 -8.50 19.32 -27.10
CA TRP D 810 -7.04 19.41 -27.04
C TRP D 810 -6.37 18.05 -27.20
N VAL D 811 -6.98 17.14 -27.97
CA VAL D 811 -6.39 15.83 -28.19
C VAL D 811 -5.11 15.92 -28.99
N ARG D 812 -4.93 16.99 -29.76
CA ARG D 812 -3.70 17.14 -30.53
C ARG D 812 -2.50 17.40 -29.65
N ASN D 813 -2.71 17.86 -28.42
CA ASN D 813 -1.65 17.92 -27.43
C ASN D 813 -1.47 16.56 -26.79
N GLY D 814 -0.45 16.42 -25.94
CA GLY D 814 -0.20 15.18 -25.26
C GLY D 814 -1.15 14.95 -24.10
N MET D 815 -0.97 13.81 -23.43
CA MET D 815 -1.74 13.53 -22.22
C MET D 815 -1.28 14.36 -21.04
N SER D 816 -0.14 15.05 -21.16
CA SER D 816 0.34 15.90 -20.08
C SER D 816 -0.63 17.04 -19.79
N VAL D 817 -1.19 17.63 -20.83
CA VAL D 817 -2.15 18.72 -20.63
C VAL D 817 -3.42 18.18 -19.98
N LEU D 818 -3.83 16.96 -20.31
CA LEU D 818 -4.98 16.35 -19.65
C LEU D 818 -4.69 16.10 -18.18
N HIS D 819 -3.47 15.66 -17.87
CA HIS D 819 -3.08 15.50 -16.46
C HIS D 819 -3.10 16.84 -15.73
N GLN D 820 -2.62 17.89 -16.39
CA GLN D 820 -2.66 19.22 -15.79
C GLN D 820 -4.09 19.67 -15.50
N ALA D 821 -5.01 19.42 -16.44
CA ALA D 821 -6.40 19.78 -16.23
C ALA D 821 -7.02 18.97 -15.11
N SER D 822 -6.71 17.67 -15.05
CA SER D 822 -7.24 16.82 -13.98
C SER D 822 -6.69 17.24 -12.63
N TYR D 823 -5.46 17.75 -12.60
CA TYR D 823 -4.89 18.26 -11.36
C TYR D 823 -5.54 19.58 -10.96
N TYR D 824 -5.84 20.44 -11.96
CA TYR D 824 -6.53 21.69 -11.67
C TYR D 824 -7.92 21.43 -11.09
N LYS D 825 -8.66 20.51 -11.71
CA LYS D 825 -9.84 19.97 -11.06
C LYS D 825 -9.42 19.18 -9.82
N ASN D 826 -10.33 19.11 -8.84
CA ASN D 826 -10.13 18.38 -7.59
C ASN D 826 -8.69 18.51 -7.08
N ASN D 827 -8.21 19.74 -7.04
CA ASN D 827 -6.84 20.02 -6.66
C ASN D 827 -6.58 19.52 -5.24
N PRO D 828 -5.54 18.70 -5.01
CA PRO D 828 -5.34 18.13 -3.67
C PRO D 828 -5.15 19.18 -2.58
N GLU D 829 -4.50 20.29 -2.88
CA GLU D 829 -4.13 21.26 -1.85
C GLU D 829 -5.16 22.37 -1.67
N LEU D 830 -6.06 22.58 -2.63
CA LEU D 830 -6.91 23.75 -2.56
C LEU D 830 -8.07 23.59 -3.54
N GLY D 831 -9.11 24.41 -3.33
CA GLY D 831 -10.24 24.46 -4.25
C GLY D 831 -10.11 25.53 -5.31
N SER D 832 -9.20 25.33 -6.26
CA SER D 832 -8.91 26.36 -7.25
C SER D 832 -10.12 26.64 -8.15
N TYR D 833 -10.76 25.58 -8.65
CA TYR D 833 -11.90 25.75 -9.55
C TYR D 833 -13.04 26.47 -8.85
N SER D 834 -13.31 26.10 -7.60
CA SER D 834 -14.36 26.76 -6.83
C SER D 834 -14.04 28.24 -6.62
N ARG D 835 -12.75 28.56 -6.45
CA ARG D 835 -12.37 29.96 -6.30
C ARG D 835 -12.50 30.72 -7.61
N ASP D 836 -12.25 30.08 -8.75
CA ASP D 836 -12.52 30.73 -10.03
C ASP D 836 -14.01 31.02 -10.17
N ILE D 837 -14.85 30.07 -9.81
CA ILE D 837 -16.29 30.29 -9.85
C ILE D 837 -16.67 31.44 -8.91
N HIS D 838 -16.04 31.50 -7.74
CA HIS D 838 -16.30 32.59 -6.79
C HIS D 838 -15.90 33.93 -7.37
N LEU D 839 -14.75 34.00 -8.03
CA LEU D 839 -14.32 35.25 -8.63
C LEU D 839 -15.26 35.70 -9.73
N ASN D 840 -15.75 34.76 -10.54
CA ASN D 840 -16.71 35.11 -11.58
C ASN D 840 -18.03 35.57 -10.97
N GLN D 841 -18.45 34.94 -9.86
CA GLN D 841 -19.65 35.39 -9.16
C GLN D 841 -19.47 36.80 -8.62
N LEU D 842 -18.28 37.11 -8.10
CA LEU D 842 -18.00 38.45 -7.62
C LEU D 842 -18.04 39.46 -8.76
N ALA D 843 -17.48 39.10 -9.91
CA ALA D 843 -17.50 39.99 -11.06
C ALA D 843 -18.94 40.26 -11.52
N ILE D 844 -19.77 39.21 -11.54
CA ILE D 844 -21.17 39.38 -11.91
C ILE D 844 -21.90 40.25 -10.89
N LEU D 845 -21.63 40.02 -9.60
CA LEU D 845 -22.40 40.64 -8.53
C LEU D 845 -22.12 42.14 -8.43
N TRP D 846 -20.88 42.56 -8.67
CA TRP D 846 -20.48 43.95 -8.49
C TRP D 846 -20.64 44.78 -9.75
N GLU D 847 -21.58 44.42 -10.61
CA GLU D 847 -21.90 45.15 -11.83
C GLU D 847 -23.41 45.35 -11.95
N ARG D 848 -24.04 45.82 -10.86
CA ARG D 848 -25.49 45.95 -10.81
C ARG D 848 -26.02 46.97 -11.82
N ASP D 849 -25.15 47.83 -12.36
CA ASP D 849 -25.59 48.86 -13.30
C ASP D 849 -25.41 48.47 -14.75
N ASP D 850 -24.50 47.54 -15.04
CA ASP D 850 -24.16 47.16 -16.42
C ASP D 850 -24.11 45.65 -16.54
N ILE D 851 -25.20 44.99 -16.11
CA ILE D 851 -25.27 43.53 -16.16
C ILE D 851 -24.96 42.95 -17.55
N PRO D 852 -25.57 43.42 -18.65
CA PRO D 852 -25.36 42.72 -19.92
C PRO D 852 -23.95 42.85 -20.47
N ARG D 853 -23.13 43.74 -19.92
CA ARG D 853 -21.71 43.76 -20.29
C ARG D 853 -21.02 42.48 -19.83
N ILE D 854 -21.39 41.99 -18.64
CA ILE D 854 -20.75 40.79 -18.09
C ILE D 854 -21.06 39.57 -18.95
N ILE D 855 -22.32 39.42 -19.37
CA ILE D 855 -22.74 38.23 -20.10
C ILE D 855 -21.96 38.10 -21.40
N TYR D 856 -21.75 39.22 -22.10
CA TYR D 856 -21.02 39.17 -23.36
C TYR D 856 -19.57 38.73 -23.14
N ASN D 857 -18.92 39.25 -22.09
CA ASN D 857 -17.54 38.85 -21.82
C ASN D 857 -17.44 37.39 -21.42
N ILE D 858 -18.35 36.92 -20.57
CA ILE D 858 -18.36 35.52 -20.18
C ILE D 858 -18.57 34.63 -21.41
N LEU D 859 -19.52 35.01 -22.26
CA LEU D 859 -19.83 34.23 -23.45
C LEU D 859 -18.82 34.48 -24.57
N ASP D 860 -18.01 35.54 -24.46
CA ASP D 860 -16.95 35.76 -25.45
C ASP D 860 -15.79 34.79 -25.25
N ARG D 861 -15.39 34.57 -23.99
CA ARG D 861 -14.25 33.70 -23.73
C ARG D 861 -14.51 32.26 -24.14
N TRP D 862 -15.74 31.78 -23.94
CA TRP D 862 -16.15 30.47 -24.41
C TRP D 862 -16.10 30.34 -25.93
N GLU D 863 -15.78 31.42 -26.64
CA GLU D 863 -15.71 31.43 -28.10
C GLU D 863 -17.08 31.12 -28.72
N LEU D 864 -18.15 31.36 -27.96
CA LEU D 864 -19.51 31.23 -28.43
C LEU D 864 -20.08 32.55 -28.93
N LEU D 865 -19.33 33.64 -28.85
CA LEU D 865 -19.87 34.95 -29.14
C LEU D 865 -20.08 35.16 -30.64
N ASP D 866 -19.24 34.52 -31.47
CA ASP D 866 -19.46 34.57 -32.91
C ASP D 866 -20.78 33.90 -33.27
N TRP D 867 -21.09 32.77 -32.62
CA TRP D 867 -22.35 32.08 -32.88
C TRP D 867 -23.55 32.88 -32.36
N PHE D 868 -23.44 33.42 -31.14
CA PHE D 868 -24.59 34.06 -30.52
C PHE D 868 -25.02 35.31 -31.26
N THR D 869 -24.06 36.10 -31.76
CA THR D 869 -24.38 37.34 -32.46
C THR D 869 -24.73 37.11 -33.92
N GLY D 870 -24.70 35.88 -34.41
CA GLY D 870 -25.02 35.58 -35.78
C GLY D 870 -23.86 35.68 -36.74
N GLU D 871 -22.66 35.96 -36.26
CA GLU D 871 -21.49 36.04 -37.14
C GLU D 871 -21.16 34.71 -37.79
N VAL D 872 -21.66 33.60 -37.24
CA VAL D 872 -21.42 32.29 -37.80
C VAL D 872 -22.53 31.37 -37.32
N ASP D 873 -22.84 30.35 -38.12
CA ASP D 873 -23.91 29.43 -37.77
C ASP D 873 -23.44 28.48 -36.67
N TYR D 874 -24.39 27.68 -36.17
CA TYR D 874 -24.12 26.78 -35.05
C TYR D 874 -23.06 25.75 -35.41
N GLN D 875 -23.17 25.15 -36.59
CA GLN D 875 -22.28 24.04 -36.94
C GLN D 875 -20.87 24.49 -37.26
N HIS D 876 -20.65 25.78 -37.50
CA HIS D 876 -19.35 26.26 -37.98
C HIS D 876 -18.63 27.10 -36.93
N THR D 877 -18.89 26.85 -35.65
CA THR D 877 -18.12 27.47 -34.60
C THR D 877 -16.70 26.88 -34.58
N VAL D 878 -15.77 27.59 -33.95
CA VAL D 878 -14.38 27.17 -33.92
C VAL D 878 -14.25 25.75 -33.37
N TYR D 879 -15.14 25.35 -32.47
CA TYR D 879 -15.14 24.00 -31.94
C TYR D 879 -15.56 22.96 -32.99
N GLU D 880 -16.17 23.40 -34.09
CA GLU D 880 -16.61 22.51 -35.17
C GLU D 880 -17.66 21.57 -34.60
N ASP D 881 -17.49 20.25 -34.70
CA ASP D 881 -18.49 19.29 -34.26
C ASP D 881 -18.59 19.16 -32.75
N LYS D 882 -17.69 19.77 -31.99
CA LYS D 882 -17.67 19.66 -30.54
C LYS D 882 -18.45 20.77 -29.85
N ILE D 883 -19.24 21.56 -30.60
CA ILE D 883 -19.95 22.69 -30.02
C ILE D 883 -20.97 22.22 -28.99
N SER D 884 -21.56 21.04 -29.19
CA SER D 884 -22.59 20.56 -28.26
C SER D 884 -22.01 20.30 -26.87
N PHE D 885 -20.86 19.63 -26.82
CA PHE D 885 -20.22 19.36 -25.53
C PHE D 885 -19.74 20.64 -24.86
N ILE D 886 -19.21 21.57 -25.66
CA ILE D 886 -18.76 22.84 -25.12
C ILE D 886 -19.94 23.61 -24.52
N ILE D 887 -21.08 23.59 -25.19
CA ILE D 887 -22.27 24.26 -24.66
C ILE D 887 -22.79 23.54 -23.42
N GLN D 888 -22.67 22.21 -23.38
CA GLN D 888 -23.01 21.49 -22.16
C GLN D 888 -22.16 21.97 -20.98
N GLN D 889 -20.85 22.09 -21.19
CA GLN D 889 -19.96 22.58 -20.15
C GLN D 889 -20.27 24.03 -19.80
N PHE D 890 -20.66 24.82 -20.79
CA PHE D 890 -21.02 26.22 -20.54
C PHE D 890 -22.27 26.33 -19.68
N ILE D 891 -23.27 25.49 -19.95
CA ILE D 891 -24.47 25.47 -19.12
C ILE D 891 -24.12 25.03 -17.70
N ALA D 892 -23.25 24.03 -17.58
CA ALA D 892 -22.80 23.62 -16.24
C ALA D 892 -22.11 24.77 -15.51
N PHE D 893 -21.26 25.51 -16.22
CA PHE D 893 -20.55 26.64 -15.62
C PHE D 893 -21.53 27.73 -15.17
N ILE D 894 -22.52 28.04 -16.01
CA ILE D 894 -23.51 29.05 -15.64
C ILE D 894 -24.31 28.60 -14.43
N TYR D 895 -24.72 27.33 -14.40
CA TYR D 895 -25.47 26.84 -13.25
C TYR D 895 -24.63 26.86 -11.99
N GLN D 896 -23.33 26.56 -12.11
CA GLN D 896 -22.44 26.65 -10.96
C GLN D 896 -22.33 28.09 -10.46
N ILE D 897 -22.24 29.06 -11.38
CA ILE D 897 -22.23 30.46 -10.98
C ILE D 897 -23.50 30.81 -10.23
N LEU D 898 -24.65 30.38 -10.76
CA LEU D 898 -25.93 30.76 -10.18
C LEU D 898 -26.16 30.09 -8.82
N THR D 899 -25.71 28.85 -8.65
CA THR D 899 -26.08 28.03 -7.50
C THR D 899 -25.03 27.99 -6.40
N GLU D 900 -23.74 28.01 -6.74
CA GLU D 900 -22.70 27.84 -5.72
C GLU D 900 -22.57 29.08 -4.87
N ARG D 901 -23.35 29.15 -3.79
CA ARG D 901 -23.34 30.30 -2.89
C ARG D 901 -22.75 29.94 -1.52
N GLN D 902 -21.81 29.00 -1.49
CA GLN D 902 -21.21 28.60 -0.23
C GLN D 902 -20.33 29.71 0.35
N TYR D 903 -19.63 30.44 -0.52
CA TYR D 903 -18.67 31.44 -0.06
C TYR D 903 -19.32 32.69 0.48
N PHE D 904 -20.57 32.96 0.11
CA PHE D 904 -21.31 34.09 0.64
C PHE D 904 -22.12 33.74 1.87
N LYS D 905 -22.10 32.49 2.29
CA LYS D 905 -22.84 32.06 3.46
C LYS D 905 -22.06 32.34 4.74
N THR D 906 -22.79 32.58 5.83
CA THR D 906 -22.21 32.81 7.14
C THR D 906 -22.59 31.66 8.06
N PHE D 907 -21.59 31.04 8.68
CA PHE D 907 -21.79 29.90 9.55
C PHE D 907 -21.60 30.29 11.01
N SER D 908 -22.00 29.37 11.90
CA SER D 908 -21.84 29.62 13.32
C SER D 908 -20.37 29.69 13.71
N SER D 909 -19.53 28.86 13.10
CA SER D 909 -18.10 28.86 13.36
C SER D 909 -17.39 28.27 12.16
N LEU D 910 -16.08 28.51 12.09
CA LEU D 910 -15.28 27.93 11.01
C LEU D 910 -15.30 26.41 11.06
N LYS D 911 -15.51 25.84 12.25
CA LYS D 911 -15.68 24.40 12.36
C LYS D 911 -16.89 23.93 11.57
N ASP D 912 -18.00 24.66 11.66
CA ASP D 912 -19.19 24.29 10.89
C ASP D 912 -18.95 24.41 9.39
N ARG D 913 -18.22 25.44 8.97
CA ARG D 913 -17.89 25.61 7.56
C ARG D 913 -17.07 24.43 7.05
N ARG D 914 -16.03 24.06 7.79
CA ARG D 914 -15.20 22.93 7.39
C ARG D 914 -16.00 21.63 7.37
N MET D 915 -16.84 21.41 8.39
CA MET D 915 -17.64 20.21 8.46
C MET D 915 -18.62 20.13 7.30
N ASP D 916 -19.24 21.27 6.93
CA ASP D 916 -20.15 21.28 5.80
C ASP D 916 -19.42 20.98 4.50
N GLN D 917 -18.21 21.51 4.34
CA GLN D 917 -17.42 21.18 3.15
C GLN D 917 -17.13 19.69 3.08
N ILE D 918 -16.72 19.10 4.22
CA ILE D 918 -16.43 17.67 4.25
C ILE D 918 -17.68 16.87 3.89
N LYS D 919 -18.81 17.24 4.50
CA LYS D 919 -20.05 16.50 4.29
C LYS D 919 -20.52 16.60 2.85
N ASN D 920 -20.40 17.77 2.24
CA ASN D 920 -20.81 17.91 0.84
C ASN D 920 -19.92 17.10 -0.08
N SER D 921 -18.60 17.11 0.16
CA SER D 921 -17.70 16.30 -0.66
C SER D 921 -18.02 14.82 -0.52
N ILE D 922 -18.27 14.37 0.72
CA ILE D 922 -18.60 12.96 0.94
C ILE D 922 -19.92 12.60 0.26
N ILE D 923 -20.93 13.48 0.39
CA ILE D 923 -22.22 13.21 -0.21
C ILE D 923 -22.10 13.07 -1.73
N TYR D 924 -21.36 13.98 -2.36
CA TYR D 924 -21.23 13.91 -3.81
C TYR D 924 -20.24 12.84 -4.27
N ASN D 925 -19.44 12.28 -3.37
CA ASN D 925 -18.57 11.16 -3.74
C ASN D 925 -19.19 9.81 -3.44
N LEU D 926 -20.27 9.75 -2.66
CA LEU D 926 -20.85 8.49 -2.22
C LEU D 926 -22.10 8.07 -2.99
N TYR D 927 -22.84 9.02 -3.55
CA TYR D 927 -24.16 8.70 -4.10
C TYR D 927 -24.10 7.80 -5.33
N MET D 928 -22.97 7.79 -6.05
CA MET D 928 -22.87 6.95 -7.23
C MET D 928 -22.97 5.48 -6.89
N LYS D 929 -22.30 5.05 -5.83
CA LYS D 929 -22.30 3.67 -5.36
C LYS D 929 -21.64 3.64 -3.99
N PRO D 930 -21.95 2.63 -3.17
CA PRO D 930 -21.26 2.50 -1.89
C PRO D 930 -19.75 2.33 -2.10
N LEU D 931 -18.97 2.98 -1.25
CA LEU D 931 -17.53 3.03 -1.39
C LEU D 931 -16.87 2.57 -0.10
N SER D 932 -15.69 1.95 -0.26
CA SER D 932 -14.89 1.60 0.90
C SER D 932 -14.24 2.86 1.49
N TYR D 933 -13.70 2.71 2.70
CA TYR D 933 -13.06 3.85 3.34
C TYR D 933 -11.84 4.32 2.57
N SER D 934 -11.04 3.37 2.05
CA SER D 934 -9.84 3.75 1.31
C SER D 934 -10.19 4.47 0.02
N LYS D 935 -11.16 3.95 -0.74
CA LYS D 935 -11.55 4.60 -1.98
C LYS D 935 -12.15 5.98 -1.74
N LEU D 936 -12.99 6.10 -0.70
CA LEU D 936 -13.56 7.40 -0.37
C LEU D 936 -12.48 8.39 0.05
N LEU D 937 -11.50 7.93 0.82
CA LEU D 937 -10.37 8.79 1.18
C LEU D 937 -9.61 9.24 -0.06
N ARG D 938 -9.39 8.32 -1.00
CA ARG D 938 -8.66 8.67 -2.21
C ARG D 938 -9.43 9.68 -3.05
N SER D 939 -10.75 9.55 -3.12
CA SER D 939 -11.54 10.44 -3.96
C SER D 939 -11.63 11.84 -3.37
N VAL D 940 -11.87 11.93 -2.06
CA VAL D 940 -12.00 13.25 -1.42
C VAL D 940 -10.66 13.96 -1.48
N PRO D 941 -10.60 15.25 -1.76
CA PRO D 941 -9.31 15.95 -1.85
C PRO D 941 -8.53 15.90 -0.55
N ASP D 942 -7.20 15.93 -0.68
CA ASP D 942 -6.31 15.73 0.47
C ASP D 942 -6.50 16.81 1.53
N TYR D 943 -6.72 18.06 1.10
CA TYR D 943 -6.89 19.13 2.07
C TYR D 943 -8.15 18.96 2.92
N LEU D 944 -9.06 18.08 2.51
CA LEU D 944 -10.24 17.75 3.30
C LEU D 944 -10.03 16.53 4.18
N THR D 945 -9.08 15.66 3.84
CA THR D 945 -8.80 14.47 4.62
C THR D 945 -7.53 14.59 5.44
N GLU D 946 -7.08 15.81 5.75
CA GLU D 946 -5.92 15.98 6.60
C GLU D 946 -6.24 15.73 8.06
N ASP D 947 -7.48 16.02 8.48
CA ASP D 947 -7.93 15.76 9.83
C ASP D 947 -8.78 14.50 9.81
N THR D 948 -8.33 13.46 10.50
CA THR D 948 -9.04 12.20 10.48
C THR D 948 -10.29 12.24 11.35
N THR D 949 -10.26 12.96 12.47
CA THR D 949 -11.42 13.01 13.36
C THR D 949 -12.60 13.70 12.69
N GLU D 950 -12.37 14.85 12.07
CA GLU D 950 -13.45 15.57 11.42
C GLU D 950 -14.00 14.81 10.23
N PHE D 951 -13.12 14.19 9.43
CA PHE D 951 -13.59 13.39 8.30
C PHE D 951 -14.41 12.20 8.77
N ASP D 952 -13.95 11.53 9.84
CA ASP D 952 -14.71 10.40 10.37
C ASP D 952 -16.07 10.83 10.89
N GLU D 953 -16.13 11.96 11.61
CA GLU D 953 -17.40 12.44 12.12
C GLU D 953 -18.35 12.81 10.99
N ALA D 954 -17.85 13.49 9.96
CA ALA D 954 -18.70 13.83 8.82
C ALA D 954 -19.18 12.58 8.09
N LEU D 955 -18.30 11.59 7.94
CA LEU D 955 -18.70 10.35 7.28
C LEU D 955 -19.77 9.62 8.07
N GLU D 956 -19.64 9.61 9.40
CA GLU D 956 -20.67 8.97 10.22
C GLU D 956 -21.98 9.73 10.15
N GLU D 957 -21.92 11.06 10.08
CA GLU D 957 -23.14 11.85 9.93
C GLU D 957 -23.80 11.59 8.58
N VAL D 958 -23.00 11.41 7.54
CA VAL D 958 -23.52 11.34 6.18
C VAL D 958 -23.97 9.92 5.84
N SER D 959 -23.12 8.94 6.09
CA SER D 959 -23.32 7.59 5.58
C SER D 959 -23.69 6.62 6.70
N VAL D 960 -24.04 5.41 6.28
CA VAL D 960 -24.26 4.27 7.17
C VAL D 960 -23.33 3.15 6.76
N PHE D 961 -22.64 2.57 7.74
CA PHE D 961 -21.65 1.55 7.45
C PHE D 961 -22.32 0.21 7.16
N VAL D 962 -21.86 -0.45 6.11
CA VAL D 962 -22.34 -1.78 5.72
C VAL D 962 -21.21 -2.76 5.96
N GLU D 963 -21.47 -3.74 6.83
CA GLU D 963 -20.44 -4.70 7.20
C GLU D 963 -20.12 -5.60 6.00
N PRO D 964 -18.87 -6.09 5.92
CA PRO D 964 -18.51 -6.99 4.82
C PRO D 964 -19.25 -8.32 4.93
N LYS D 965 -19.47 -8.94 3.77
CA LYS D 965 -20.17 -10.21 3.71
C LYS D 965 -19.29 -11.37 3.26
N GLY D 966 -18.23 -11.09 2.50
CA GLY D 966 -17.28 -12.11 2.11
C GLY D 966 -16.24 -12.34 3.18
N LEU D 967 -15.17 -13.03 2.79
CA LEU D 967 -14.06 -13.31 3.69
C LEU D 967 -12.85 -12.41 3.43
N ALA D 968 -12.86 -11.61 2.38
CA ALA D 968 -11.74 -10.72 2.09
C ALA D 968 -12.18 -9.35 1.59
N ASP D 969 -13.48 -9.05 1.56
CA ASP D 969 -13.96 -7.80 1.00
C ASP D 969 -13.94 -6.69 2.05
N ASN D 970 -13.66 -5.48 1.61
CA ASN D 970 -13.70 -4.32 2.50
C ASN D 970 -15.13 -3.92 2.82
N GLY D 971 -15.36 -3.50 4.05
CA GLY D 971 -16.65 -2.95 4.41
C GLY D 971 -16.88 -1.60 3.75
N VAL D 972 -18.03 -1.45 3.11
CA VAL D 972 -18.34 -0.27 2.32
C VAL D 972 -19.27 0.64 3.08
N PHE D 973 -19.23 1.92 2.76
CA PHE D 973 -20.09 2.93 3.36
C PHE D 973 -21.17 3.32 2.36
N LYS D 974 -22.40 3.43 2.84
CA LYS D 974 -23.56 3.67 1.99
C LYS D 974 -24.20 5.01 2.37
N LEU D 975 -24.50 5.82 1.37
CA LEU D 975 -25.13 7.11 1.61
C LEU D 975 -26.52 6.91 2.22
N LYS D 976 -26.88 7.79 3.15
CA LYS D 976 -28.17 7.70 3.82
C LYS D 976 -29.31 7.92 2.83
N ALA D 977 -30.52 7.52 3.24
CA ALA D 977 -31.68 7.64 2.38
C ALA D 977 -32.15 9.09 2.28
N SER D 978 -32.14 9.81 3.40
CA SER D 978 -32.66 11.18 3.42
C SER D 978 -31.69 12.19 2.84
N LEU D 979 -30.48 11.80 2.49
CA LEU D 979 -29.48 12.72 1.94
C LEU D 979 -29.48 12.76 0.42
N TYR D 980 -30.36 12.00 -0.24
CA TYR D 980 -30.45 12.09 -1.69
C TYR D 980 -31.27 13.28 -2.15
N ALA D 981 -32.02 13.91 -1.25
CA ALA D 981 -32.73 15.15 -1.58
C ALA D 981 -31.82 16.37 -1.55
N LYS D 982 -30.58 16.22 -1.08
CA LYS D 982 -29.62 17.31 -1.02
C LYS D 982 -28.57 17.23 -2.11
N VAL D 983 -28.76 16.36 -3.10
CA VAL D 983 -27.79 16.15 -4.17
C VAL D 983 -28.30 16.83 -5.45
N ASP D 984 -27.47 17.68 -6.03
CA ASP D 984 -27.80 18.37 -7.28
C ASP D 984 -26.81 17.93 -8.34
N PRO D 985 -27.25 17.18 -9.36
CA PRO D 985 -26.29 16.60 -10.31
C PRO D 985 -25.50 17.61 -11.12
N LEU D 986 -25.98 18.85 -11.24
CA LEU D 986 -25.29 19.86 -12.03
C LEU D 986 -24.41 20.77 -11.19
N LYS D 987 -24.31 20.53 -9.89
CA LYS D 987 -23.50 21.38 -9.03
C LYS D 987 -22.01 21.11 -9.27
N LEU D 988 -21.19 21.98 -8.67
CA LEU D 988 -19.74 21.89 -8.89
C LEU D 988 -19.15 20.60 -8.35
N LEU D 989 -19.67 20.12 -7.21
CA LEU D 989 -19.14 18.90 -6.61
C LEU D 989 -19.30 17.70 -7.52
N ASN D 990 -20.33 17.70 -8.37
CA ASN D 990 -20.61 16.60 -9.30
C ASN D 990 -19.93 16.81 -10.64
N LEU D 991 -18.81 17.54 -10.67
CA LEU D 991 -18.19 17.92 -11.93
C LEU D 991 -17.70 16.71 -12.73
N GLU D 992 -17.13 15.72 -12.06
CA GLU D 992 -16.51 14.60 -12.77
C GLU D 992 -17.54 13.78 -13.53
N ASN D 993 -18.66 13.46 -12.89
CA ASN D 993 -19.63 12.56 -13.50
C ASN D 993 -20.43 13.28 -14.59
N GLU D 994 -21.08 12.47 -15.44
CA GLU D 994 -22.00 13.01 -16.42
C GLU D 994 -23.27 13.50 -15.73
N PHE D 995 -24.16 14.11 -16.52
CA PHE D 995 -25.39 14.63 -15.93
C PHE D 995 -26.52 13.61 -15.98
N GLU D 996 -26.76 12.99 -17.14
CA GLU D 996 -27.91 12.11 -17.28
C GLU D 996 -27.77 10.85 -16.42
N SER D 997 -26.55 10.29 -16.33
CA SER D 997 -26.35 9.09 -15.53
C SER D 997 -26.56 9.37 -14.05
N SER D 998 -25.96 10.45 -13.55
CA SER D 998 -26.15 10.83 -12.15
C SER D 998 -27.60 11.17 -11.88
N ALA D 999 -28.27 11.81 -12.84
CA ALA D 999 -29.68 12.15 -12.68
C ALA D 999 -30.52 10.89 -12.54
N THR D 1000 -30.28 9.90 -13.40
CA THR D 1000 -31.03 8.65 -13.31
C THR D 1000 -30.75 7.94 -11.98
N ILE D 1001 -29.49 7.94 -11.54
CA ILE D 1001 -29.16 7.28 -10.28
C ILE D 1001 -29.85 7.96 -9.11
N ILE D 1002 -29.85 9.29 -9.09
CA ILE D 1002 -30.48 10.01 -7.99
C ILE D 1002 -31.99 9.83 -8.03
N LYS D 1003 -32.58 9.82 -9.23
CA LYS D 1003 -34.02 9.61 -9.34
C LYS D 1003 -34.41 8.20 -8.95
N SER D 1004 -33.50 7.23 -9.12
CA SER D 1004 -33.79 5.86 -8.69
C SER D 1004 -33.98 5.78 -7.18
N HIS D 1005 -33.19 6.52 -6.42
CA HIS D 1005 -33.29 6.52 -4.97
C HIS D 1005 -34.37 7.46 -4.45
N LEU D 1006 -35.00 8.24 -5.32
CA LEU D 1006 -36.09 9.12 -4.91
C LEU D 1006 -37.47 8.57 -5.23
N ALA D 1007 -37.60 7.83 -6.33
CA ALA D 1007 -38.85 7.18 -6.65
C ALA D 1007 -39.10 6.02 -5.70
N LYS D 1008 -40.34 5.89 -5.22
CA LYS D 1008 -40.68 4.81 -4.31
C LYS D 1008 -40.63 3.44 -4.98
N ASP D 1009 -40.77 3.38 -6.31
CA ASP D 1009 -40.74 2.13 -7.05
C ASP D 1009 -40.12 2.38 -8.42
N LYS D 1010 -39.97 1.30 -9.19
CA LYS D 1010 -39.34 1.39 -10.50
C LYS D 1010 -40.22 2.08 -11.54
N ASP D 1011 -41.50 2.34 -11.23
CA ASP D 1011 -42.37 2.98 -12.20
C ASP D 1011 -42.03 4.46 -12.39
N GLU D 1012 -41.81 5.18 -11.29
CA GLU D 1012 -41.59 6.63 -11.33
C GLU D 1012 -40.11 7.01 -11.39
N ILE D 1013 -39.25 6.13 -11.92
CA ILE D 1013 -37.83 6.48 -12.05
C ILE D 1013 -37.65 7.65 -13.00
N ALA D 1014 -38.34 7.62 -14.14
CA ALA D 1014 -38.24 8.66 -15.15
C ALA D 1014 -39.35 9.71 -15.04
N LYS D 1015 -40.16 9.66 -13.98
CA LYS D 1015 -41.27 10.59 -13.83
C LYS D 1015 -41.02 11.65 -12.76
N VAL D 1016 -40.09 11.43 -11.84
CA VAL D 1016 -39.81 12.40 -10.80
C VAL D 1016 -38.88 13.47 -11.36
N VAL D 1017 -38.97 14.68 -10.80
CA VAL D 1017 -38.22 15.84 -11.27
C VAL D 1017 -37.16 16.19 -10.22
N LEU D 1018 -35.96 16.48 -10.70
CA LEU D 1018 -34.85 16.84 -9.81
C LEU D 1018 -34.91 18.33 -9.52
N ILE D 1019 -35.30 18.67 -8.29
CA ILE D 1019 -35.37 20.07 -7.88
C ILE D 1019 -33.97 20.67 -7.84
N PRO D 1020 -33.73 21.82 -8.48
CA PRO D 1020 -32.42 22.47 -8.34
C PRO D 1020 -32.24 23.01 -6.94
N GLN D 1021 -31.03 22.85 -6.41
CA GLN D 1021 -30.75 23.17 -5.01
C GLN D 1021 -30.21 24.59 -4.89
N VAL D 1022 -31.09 25.54 -5.21
CA VAL D 1022 -30.80 26.97 -5.07
C VAL D 1022 -31.48 27.46 -3.80
N SER D 1023 -30.68 28.02 -2.89
CA SER D 1023 -31.20 28.48 -1.61
C SER D 1023 -30.58 29.82 -1.25
N ILE D 1024 -31.32 30.60 -0.46
CA ILE D 1024 -30.86 31.88 0.06
C ILE D 1024 -30.74 31.87 1.57
N LYS D 1025 -30.80 30.70 2.18
CA LYS D 1025 -30.66 30.61 3.63
C LYS D 1025 -29.27 31.03 4.07
N GLN D 1026 -29.20 31.74 5.21
CA GLN D 1026 -27.98 32.25 5.80
C GLN D 1026 -26.98 32.73 4.74
N LEU D 1027 -27.46 33.66 3.90
CA LEU D 1027 -26.67 34.19 2.80
C LEU D 1027 -26.41 35.68 3.02
N ASP D 1028 -25.29 36.15 2.48
CA ASP D 1028 -24.95 37.55 2.60
C ASP D 1028 -26.00 38.42 1.91
N LYS D 1029 -26.29 39.57 2.52
CA LYS D 1029 -27.38 40.41 2.03
C LYS D 1029 -27.08 40.95 0.63
N ASP D 1030 -25.83 41.33 0.38
CA ASP D 1030 -25.47 41.83 -0.94
C ASP D 1030 -25.37 40.74 -1.99
N ALA D 1031 -25.30 39.47 -1.58
CA ALA D 1031 -25.13 38.36 -2.50
C ALA D 1031 -26.46 37.75 -2.95
N LEU D 1032 -27.58 38.32 -2.53
CA LEU D 1032 -28.88 37.78 -2.94
C LEU D 1032 -29.12 37.99 -4.43
N ASN D 1033 -28.48 38.97 -5.05
CA ASN D 1033 -28.75 39.36 -6.42
C ASN D 1033 -27.89 38.61 -7.43
N LEU D 1034 -27.41 37.41 -7.10
CA LEU D 1034 -26.70 36.61 -8.08
C LEU D 1034 -27.59 36.16 -9.23
N GLY D 1035 -28.90 36.19 -9.03
CA GLY D 1035 -29.84 35.85 -10.10
C GLY D 1035 -30.17 36.98 -11.03
N ALA D 1036 -29.57 38.16 -10.84
CA ALA D 1036 -29.85 39.30 -11.70
C ALA D 1036 -29.38 39.04 -13.13
N PHE D 1037 -28.21 38.43 -13.29
CA PHE D 1037 -27.70 38.18 -14.64
C PHE D 1037 -28.47 37.07 -15.36
N THR D 1038 -29.19 36.22 -14.62
CA THR D 1038 -30.03 35.22 -15.26
C THR D 1038 -31.30 35.86 -15.81
N ARG D 1039 -31.85 36.84 -15.10
CA ARG D 1039 -33.10 37.47 -15.50
C ARG D 1039 -32.93 38.56 -16.56
N ASN D 1040 -31.69 38.89 -16.92
CA ASN D 1040 -31.46 39.94 -17.91
C ASN D 1040 -31.89 39.45 -19.30
N THR D 1041 -32.18 40.43 -20.17
CA THR D 1041 -32.73 40.11 -21.48
C THR D 1041 -31.73 39.33 -22.33
N VAL D 1042 -30.45 39.66 -22.22
CA VAL D 1042 -29.44 38.99 -23.06
C VAL D 1042 -29.35 37.51 -22.72
N PHE D 1043 -29.37 37.18 -21.42
CA PHE D 1043 -29.34 35.77 -21.04
C PHE D 1043 -30.62 35.06 -21.45
N ALA D 1044 -31.75 35.76 -21.43
CA ALA D 1044 -32.98 35.17 -21.94
C ALA D 1044 -32.87 34.86 -23.43
N LYS D 1045 -32.24 35.76 -24.19
CA LYS D 1045 -32.00 35.49 -25.60
C LYS D 1045 -31.07 34.29 -25.79
N VAL D 1046 -30.05 34.18 -24.95
CA VAL D 1046 -29.14 33.03 -25.02
C VAL D 1046 -29.91 31.74 -24.78
N VAL D 1047 -30.75 31.73 -23.74
CA VAL D 1047 -31.53 30.55 -23.41
C VAL D 1047 -32.48 30.20 -24.56
N TYR D 1048 -33.16 31.19 -25.10
CA TYR D 1048 -34.09 30.95 -26.21
C TYR D 1048 -33.37 30.38 -27.42
N LYS D 1049 -32.20 30.94 -27.76
CA LYS D 1049 -31.44 30.43 -28.88
C LYS D 1049 -30.97 29.00 -28.63
N LEU D 1050 -30.65 28.68 -27.38
CA LEU D 1050 -30.21 27.32 -27.06
C LEU D 1050 -31.36 26.32 -27.21
N LEU D 1051 -32.55 26.66 -26.71
CA LEU D 1051 -33.70 25.79 -26.95
C LEU D 1051 -33.98 25.65 -28.44
N GLN D 1052 -33.86 26.76 -29.19
CA GLN D 1052 -34.15 26.71 -30.62
C GLN D 1052 -33.18 25.81 -31.36
N VAL D 1053 -31.90 25.87 -31.02
CA VAL D 1053 -30.94 24.99 -31.69
C VAL D 1053 -31.13 23.54 -31.25
N CYS D 1054 -31.52 23.31 -29.98
CA CYS D 1054 -31.85 21.96 -29.55
C CYS D 1054 -32.98 21.39 -30.39
N LEU D 1055 -34.03 22.18 -30.63
CA LEU D 1055 -35.15 21.72 -31.45
C LEU D 1055 -34.72 21.51 -32.91
N ASP D 1056 -34.02 22.50 -33.48
CA ASP D 1056 -33.69 22.44 -34.90
C ASP D 1056 -32.76 21.28 -35.23
N MET D 1057 -31.65 21.17 -34.48
CA MET D 1057 -30.65 20.16 -34.81
C MET D 1057 -30.99 18.78 -34.25
N GLU D 1058 -32.06 18.67 -33.46
CA GLU D 1058 -32.43 17.41 -32.81
C GLU D 1058 -31.28 16.85 -31.97
N ASP D 1059 -30.59 17.74 -31.26
CA ASP D 1059 -29.47 17.37 -30.40
C ASP D 1059 -29.92 17.51 -28.95
N SER D 1060 -29.81 16.40 -28.20
CA SER D 1060 -30.21 16.37 -26.80
C SER D 1060 -29.01 16.29 -25.86
N THR D 1061 -27.81 16.62 -26.35
CA THR D 1061 -26.62 16.45 -25.53
C THR D 1061 -26.65 17.36 -24.30
N PHE D 1062 -27.04 18.62 -24.48
CA PHE D 1062 -27.04 19.59 -23.39
C PHE D 1062 -28.44 20.03 -23.00
N LEU D 1063 -29.47 19.30 -23.44
CA LEU D 1063 -30.83 19.75 -23.21
C LEU D 1063 -31.28 19.48 -21.77
N ASN D 1064 -30.83 18.37 -21.19
CA ASN D 1064 -31.19 18.07 -19.80
C ASN D 1064 -30.59 19.10 -18.84
N GLU D 1065 -29.28 19.36 -18.97
CA GLU D 1065 -28.64 20.39 -18.15
C GLU D 1065 -29.30 21.74 -18.38
N LEU D 1066 -29.74 22.01 -19.60
CA LEU D 1066 -30.37 23.28 -19.91
C LEU D 1066 -31.72 23.42 -19.20
N LEU D 1067 -32.53 22.36 -19.23
CA LEU D 1067 -33.80 22.40 -18.51
C LEU D 1067 -33.56 22.54 -17.00
N HIS D 1068 -32.52 21.88 -16.49
CA HIS D 1068 -32.18 22.05 -15.08
C HIS D 1068 -31.78 23.48 -14.77
N LEU D 1069 -31.03 24.11 -15.68
CA LEU D 1069 -30.65 25.51 -15.49
C LEU D 1069 -31.87 26.43 -15.49
N VAL D 1070 -32.81 26.19 -16.40
CA VAL D 1070 -34.02 27.01 -16.45
C VAL D 1070 -34.84 26.82 -15.18
N HIS D 1071 -34.94 25.58 -14.70
CA HIS D 1071 -35.61 25.31 -13.44
C HIS D 1071 -34.94 26.07 -12.29
N GLY D 1072 -33.59 26.06 -12.27
CA GLY D 1072 -32.89 26.79 -11.24
C GLY D 1072 -33.11 28.28 -11.30
N ILE D 1073 -33.17 28.83 -12.52
CA ILE D 1073 -33.45 30.26 -12.69
C ILE D 1073 -34.82 30.60 -12.13
N PHE D 1074 -35.82 29.77 -12.47
CA PHE D 1074 -37.18 30.01 -11.97
C PHE D 1074 -37.23 29.90 -10.45
N ARG D 1075 -36.53 28.90 -9.88
CA ARG D 1075 -36.51 28.74 -8.43
C ARG D 1075 -35.85 29.95 -7.77
N ASP D 1076 -34.75 30.44 -8.34
CA ASP D 1076 -34.09 31.61 -7.77
C ASP D 1076 -34.98 32.84 -7.83
N ASP D 1077 -35.68 33.03 -8.94
CA ASP D 1077 -36.59 34.18 -9.02
C ASP D 1077 -37.73 34.05 -8.01
N GLU D 1078 -38.25 32.85 -7.82
CA GLU D 1078 -39.28 32.65 -6.80
C GLU D 1078 -38.73 32.94 -5.41
N LEU D 1079 -37.49 32.53 -5.14
CA LEU D 1079 -36.88 32.78 -3.84
C LEU D 1079 -36.69 34.27 -3.59
N ILE D 1080 -36.26 35.01 -4.62
CA ILE D 1080 -35.89 36.41 -4.43
C ILE D 1080 -37.10 37.31 -4.61
N ASN D 1081 -37.74 37.24 -5.77
CA ASN D 1081 -38.83 38.15 -6.10
C ASN D 1081 -40.14 37.82 -5.38
N GLY D 1082 -40.22 36.69 -4.70
CA GLY D 1082 -41.39 36.35 -3.93
C GLY D 1082 -42.21 35.24 -4.55
N LYS D 1083 -43.42 35.08 -4.01
CA LYS D 1083 -44.30 33.99 -4.41
C LYS D 1083 -44.66 34.10 -5.90
N ASP D 1084 -44.75 32.94 -6.55
CA ASP D 1084 -45.21 32.73 -7.93
C ASP D 1084 -44.81 33.84 -8.90
N SER D 1085 -43.55 34.25 -8.85
CA SER D 1085 -43.04 35.26 -9.76
C SER D 1085 -42.41 34.58 -10.98
N ILE D 1086 -42.06 35.38 -11.98
CA ILE D 1086 -41.46 34.89 -13.21
C ILE D 1086 -40.66 36.02 -13.84
N PRO D 1087 -39.48 35.76 -14.41
CA PRO D 1087 -38.73 36.84 -15.07
C PRO D 1087 -39.45 37.31 -16.32
N GLU D 1088 -39.64 38.62 -16.43
CA GLU D 1088 -40.34 39.18 -17.59
C GLU D 1088 -39.56 38.96 -18.88
N ALA D 1089 -38.23 38.82 -18.79
CA ALA D 1089 -37.42 38.61 -19.98
C ALA D 1089 -37.78 37.30 -20.68
N TYR D 1090 -38.08 36.26 -19.88
CA TYR D 1090 -38.48 34.98 -20.46
C TYR D 1090 -39.93 35.00 -20.96
N LEU D 1091 -40.68 36.04 -20.66
CA LEU D 1091 -42.02 36.23 -21.23
C LEU D 1091 -41.96 36.97 -22.55
N SER D 1092 -41.16 38.04 -22.63
CA SER D 1092 -41.04 38.78 -23.89
C SER D 1092 -40.45 37.90 -24.98
N LYS D 1093 -39.43 37.12 -24.66
CA LYS D 1093 -38.90 36.12 -25.59
C LYS D 1093 -39.64 34.82 -25.38
N PRO D 1094 -40.43 34.36 -26.34
CA PRO D 1094 -41.33 33.21 -26.11
C PRO D 1094 -40.63 31.85 -26.12
N ILE D 1095 -39.99 31.51 -25.00
CA ILE D 1095 -39.46 30.16 -24.85
C ILE D 1095 -40.55 29.17 -24.49
N CYS D 1096 -41.70 29.65 -23.99
CA CYS D 1096 -42.81 28.76 -23.68
C CYS D 1096 -43.33 28.08 -24.94
N ASN D 1097 -43.20 28.73 -26.10
CA ASN D 1097 -43.52 28.06 -27.35
C ASN D 1097 -42.57 26.89 -27.62
N LEU D 1098 -41.29 27.08 -27.32
CA LEU D 1098 -40.31 26.01 -27.52
C LEU D 1098 -40.50 24.88 -26.52
N LEU D 1099 -40.91 25.20 -25.28
CA LEU D 1099 -41.17 24.17 -24.30
C LEU D 1099 -42.31 23.26 -24.73
N LEU D 1100 -43.36 23.85 -25.33
CA LEU D 1100 -44.43 23.04 -25.89
C LEU D 1100 -43.92 22.14 -27.00
N SER D 1101 -43.03 22.66 -27.85
CA SER D 1101 -42.47 21.83 -28.91
C SER D 1101 -41.66 20.67 -28.35
N ILE D 1102 -40.94 20.90 -27.24
CA ILE D 1102 -40.24 19.81 -26.58
C ILE D 1102 -41.22 18.84 -25.94
N ALA D 1103 -42.22 19.38 -25.22
CA ALA D 1103 -43.16 18.53 -24.51
C ALA D 1103 -44.08 17.79 -25.49
N ASN D 1104 -44.67 18.52 -26.44
CA ASN D 1104 -45.60 17.91 -27.42
C ASN D 1104 -44.79 17.37 -28.60
N ALA D 1105 -43.91 16.40 -28.35
CA ALA D 1105 -43.08 15.80 -29.42
C ALA D 1105 -43.18 14.27 -29.36
N LYS D 1106 -42.78 13.58 -30.43
CA LYS D 1106 -42.84 12.10 -30.48
C LYS D 1106 -41.77 11.50 -29.57
N SER D 1107 -41.93 10.23 -29.18
CA SER D 1107 -40.95 9.55 -28.29
C SER D 1107 -39.61 9.37 -29.01
N ASP D 1108 -39.63 9.26 -30.35
CA ASP D 1108 -38.39 9.04 -31.13
C ASP D 1108 -37.42 10.22 -30.89
N VAL D 1109 -37.95 11.44 -30.76
CA VAL D 1109 -37.08 12.61 -30.46
C VAL D 1109 -37.03 12.84 -28.94
N PHE D 1110 -35.88 13.25 -28.42
CA PHE D 1110 -35.71 13.52 -26.96
C PHE D 1110 -35.97 12.25 -26.15
N SER D 1111 -36.30 12.41 -24.86
CA SER D 1111 -36.55 11.25 -23.96
C SER D 1111 -37.59 11.62 -22.91
N GLU D 1112 -38.09 10.64 -22.16
CA GLU D 1112 -39.08 10.91 -21.09
C GLU D 1112 -38.47 11.87 -20.08
N SER D 1113 -37.19 11.68 -19.73
CA SER D 1113 -36.49 12.59 -18.78
C SER D 1113 -36.68 14.04 -19.22
N ILE D 1114 -36.48 14.33 -20.51
CA ILE D 1114 -36.57 15.69 -21.00
C ILE D 1114 -38.03 16.14 -21.07
N VAL D 1115 -38.90 15.29 -21.63
CA VAL D 1115 -40.29 15.66 -21.84
C VAL D 1115 -41.00 15.90 -20.50
N ARG D 1116 -40.76 15.01 -19.52
CA ARG D 1116 -41.37 15.20 -18.21
C ARG D 1116 -40.88 16.49 -17.56
N LYS D 1117 -39.58 16.77 -17.67
CA LYS D 1117 -39.05 18.02 -17.14
C LYS D 1117 -39.62 19.22 -17.89
N ALA D 1118 -39.71 19.13 -19.21
CA ALA D 1118 -40.29 20.22 -19.99
C ALA D 1118 -41.75 20.44 -19.64
N ASP D 1119 -42.51 19.35 -19.51
CA ASP D 1119 -43.91 19.47 -19.12
C ASP D 1119 -44.03 20.05 -17.71
N TYR D 1120 -43.11 19.68 -16.82
CA TYR D 1120 -43.14 20.19 -15.45
C TYR D 1120 -42.96 21.70 -15.43
N LEU D 1121 -42.05 22.22 -16.26
CA LEU D 1121 -41.84 23.67 -16.29
C LEU D 1121 -43.08 24.40 -16.78
N LEU D 1122 -43.76 23.86 -17.79
CA LEU D 1122 -44.97 24.49 -18.31
C LEU D 1122 -46.04 24.59 -17.23
N GLU D 1123 -46.28 23.49 -16.50
CA GLU D 1123 -47.23 23.55 -15.40
C GLU D 1123 -46.78 24.54 -14.34
N LYS D 1124 -45.47 24.57 -14.05
CA LYS D 1124 -44.92 25.59 -13.17
C LYS D 1124 -45.09 26.98 -13.78
N MET D 1125 -44.83 27.10 -15.08
CA MET D 1125 -44.91 28.41 -15.73
C MET D 1125 -46.36 28.87 -15.89
N ILE D 1126 -47.24 27.97 -16.34
CA ILE D 1126 -48.61 28.35 -16.68
C ILE D 1126 -49.39 28.71 -15.42
N MET D 1127 -49.26 27.91 -14.36
CA MET D 1127 -50.07 28.13 -13.16
C MET D 1127 -49.82 29.52 -12.55
N LYS D 1128 -48.60 30.05 -12.71
CA LYS D 1128 -48.31 31.38 -12.19
C LYS D 1128 -49.05 32.45 -12.99
N LYS D 1129 -48.96 32.40 -14.32
CA LYS D 1129 -49.61 33.38 -15.20
C LYS D 1129 -50.32 32.64 -16.32
N PRO D 1130 -51.53 32.14 -16.08
CA PRO D 1130 -52.26 31.40 -17.12
C PRO D 1130 -52.68 32.27 -18.29
N ASN D 1131 -53.33 33.39 -18.01
CA ASN D 1131 -53.89 34.22 -19.07
C ASN D 1131 -52.80 34.86 -19.93
N GLU D 1132 -51.74 35.39 -19.29
CA GLU D 1132 -50.70 36.08 -20.02
C GLU D 1132 -49.88 35.14 -20.90
N LEU D 1133 -49.92 33.84 -20.64
CA LEU D 1133 -49.11 32.88 -21.36
C LEU D 1133 -49.87 32.23 -22.51
N PHE D 1134 -51.12 31.84 -22.28
CA PHE D 1134 -51.92 31.24 -23.34
C PHE D 1134 -52.10 32.20 -24.52
N GLU D 1135 -52.10 33.51 -24.25
CA GLU D 1135 -52.14 34.48 -25.33
C GLU D 1135 -50.90 34.35 -26.21
N SER D 1136 -49.72 34.23 -25.60
CA SER D 1136 -48.49 34.05 -26.37
C SER D 1136 -48.48 32.71 -27.10
N LEU D 1137 -49.07 31.67 -26.49
CA LEU D 1137 -49.10 30.37 -27.15
C LEU D 1137 -50.01 30.39 -28.37
N ILE D 1138 -51.22 30.94 -28.24
CA ILE D 1138 -52.12 31.03 -29.38
C ILE D 1138 -51.64 32.07 -30.38
N ALA D 1139 -50.73 32.97 -29.99
CA ALA D 1139 -50.19 33.93 -30.93
C ALA D 1139 -49.41 33.27 -32.06
N SER D 1140 -48.87 32.07 -31.83
CA SER D 1140 -48.14 31.34 -32.85
C SER D 1140 -48.81 30.02 -33.22
N PHE D 1141 -49.10 29.17 -32.24
CA PHE D 1141 -49.71 27.87 -32.50
C PHE D 1141 -51.22 27.95 -32.63
N GLY D 1142 -51.85 29.04 -32.22
CA GLY D 1142 -53.29 29.13 -32.31
C GLY D 1142 -54.00 28.31 -31.25
N ASN D 1143 -55.27 28.01 -31.52
CA ASN D 1143 -56.10 27.24 -30.61
C ASN D 1143 -55.91 25.74 -30.75
N GLN D 1144 -55.23 25.28 -31.80
CA GLN D 1144 -55.13 23.85 -32.06
C GLN D 1144 -54.31 23.14 -30.97
N TYR D 1145 -53.12 23.66 -30.68
CA TYR D 1145 -52.26 22.99 -29.71
C TYR D 1145 -52.68 23.26 -28.26
N VAL D 1146 -53.16 24.48 -27.98
CA VAL D 1146 -53.50 24.84 -26.60
C VAL D 1146 -54.65 23.98 -26.10
N ASN D 1147 -55.71 23.84 -26.90
CA ASN D 1147 -56.82 22.98 -26.50
C ASN D 1147 -56.42 21.52 -26.49
N ASP D 1148 -55.52 21.12 -27.40
CA ASP D 1148 -55.02 19.75 -27.38
C ASP D 1148 -54.17 19.49 -26.15
N TYR D 1149 -53.44 20.50 -25.67
CA TYR D 1149 -52.59 20.32 -24.51
C TYR D 1149 -53.40 19.97 -23.26
N LYS D 1150 -54.50 20.68 -23.03
CA LYS D 1150 -55.34 20.37 -21.86
C LYS D 1150 -56.08 19.05 -22.03
N ASP D 1151 -56.49 18.72 -23.26
CA ASP D 1151 -57.11 17.43 -23.50
C ASP D 1151 -56.12 16.29 -23.25
N LYS D 1152 -54.87 16.47 -23.66
CA LYS D 1152 -53.85 15.47 -23.38
C LYS D 1152 -53.60 15.32 -21.89
N LYS D 1153 -53.66 16.43 -21.15
CA LYS D 1153 -53.42 16.40 -19.72
C LYS D 1153 -54.55 15.66 -18.99
N LEU D 1154 -54.26 15.29 -17.74
CA LEU D 1154 -55.22 14.67 -16.82
C LEU D 1154 -55.96 13.49 -17.46
N ARG D 1155 -55.32 12.85 -18.44
CA ARG D 1155 -55.89 11.69 -19.14
C ARG D 1155 -57.27 12.00 -19.72
N THR D 1163 -38.61 4.38 -24.97
CA THR D 1163 -37.25 4.68 -24.55
C THR D 1163 -36.30 4.68 -25.74
N GLU D 1164 -35.46 5.73 -25.83
CA GLU D 1164 -34.50 5.81 -26.92
C GLU D 1164 -33.46 4.70 -26.86
N LYS D 1165 -33.25 4.08 -25.70
CA LYS D 1165 -32.39 2.91 -25.65
C LYS D 1165 -32.94 1.78 -26.49
N GLU D 1166 -34.25 1.54 -26.41
CA GLU D 1166 -34.86 0.42 -27.11
C GLU D 1166 -34.75 0.59 -28.63
N ARG D 1167 -34.95 1.81 -29.13
CA ARG D 1167 -34.81 2.05 -30.56
C ARG D 1167 -33.39 1.72 -31.04
N LYS D 1168 -32.38 2.29 -30.36
CA LYS D 1168 -31.01 1.92 -30.66
C LYS D 1168 -30.75 0.47 -30.35
N ARG D 1169 -31.37 -0.06 -29.30
CA ARG D 1169 -31.29 -1.49 -29.03
C ARG D 1169 -31.88 -2.30 -30.17
N ARG D 1170 -33.02 -1.86 -30.72
CA ARG D 1170 -33.62 -2.56 -31.85
C ARG D 1170 -32.70 -2.56 -33.06
N LEU D 1171 -32.11 -1.40 -33.38
CA LEU D 1171 -31.22 -1.33 -34.53
C LEU D 1171 -29.97 -2.19 -34.33
N ALA D 1172 -29.37 -2.10 -33.14
CA ALA D 1172 -28.17 -2.88 -32.86
C ALA D 1172 -28.46 -4.37 -32.88
N LYS D 1173 -29.63 -4.78 -32.35
CA LYS D 1173 -29.96 -6.19 -32.34
C LYS D 1173 -30.32 -6.69 -33.74
N LYS D 1174 -30.89 -5.84 -34.58
CA LYS D 1174 -31.08 -6.22 -35.98
C LYS D 1174 -29.75 -6.45 -36.68
N HIS D 1175 -28.80 -5.54 -36.45
CA HIS D 1175 -27.46 -5.70 -37.03
C HIS D 1175 -26.79 -6.98 -36.52
N GLN D 1176 -26.92 -7.24 -35.22
CA GLN D 1176 -26.38 -8.46 -34.63
C GLN D 1176 -27.06 -9.69 -35.21
N ALA D 1177 -28.36 -9.60 -35.46
CA ALA D 1177 -29.09 -10.73 -36.05
C ALA D 1177 -28.60 -11.01 -37.46
N ARG D 1178 -28.35 -9.97 -38.26
CA ARG D 1178 -27.79 -10.19 -39.59
C ARG D 1178 -26.42 -10.85 -39.51
N LEU D 1179 -25.56 -10.38 -38.60
CA LEU D 1179 -24.24 -10.98 -38.47
C LEU D 1179 -24.33 -12.42 -37.98
N LEU D 1180 -25.25 -12.70 -37.05
CA LEU D 1180 -25.43 -14.05 -36.54
C LEU D 1180 -25.98 -14.98 -37.63
N ALA D 1181 -26.84 -14.45 -38.51
CA ALA D 1181 -27.31 -15.25 -39.63
C ALA D 1181 -26.17 -15.56 -40.59
N LYS D 1182 -25.27 -14.59 -40.80
CA LYS D 1182 -24.08 -14.86 -41.61
C LYS D 1182 -23.23 -15.95 -40.98
N PHE D 1183 -23.05 -15.90 -39.66
CA PHE D 1183 -22.30 -16.94 -38.96
C PHE D 1183 -22.98 -18.30 -39.09
N ASN D 1184 -24.30 -18.33 -38.97
CA ASN D 1184 -25.04 -19.58 -39.12
C ASN D 1184 -24.87 -20.15 -40.52
N ASN D 1185 -24.93 -19.30 -41.54
CA ASN D 1185 -24.72 -19.77 -42.91
C ASN D 1185 -23.30 -20.30 -43.09
N GLN D 1186 -22.31 -19.62 -42.50
CA GLN D 1186 -20.94 -20.11 -42.58
C GLN D 1186 -20.79 -21.47 -41.92
N GLN D 1187 -21.39 -21.64 -40.73
CA GLN D 1187 -21.32 -22.91 -40.02
C GLN D 1187 -22.00 -24.02 -40.82
N THR D 1188 -23.17 -23.73 -41.39
CA THR D 1188 -23.88 -24.72 -42.17
C THR D 1188 -23.09 -25.13 -43.41
N LYS D 1189 -22.48 -24.16 -44.09
CA LYS D 1189 -21.66 -24.47 -45.26
C LYS D 1189 -20.46 -25.31 -44.87
N PHE D 1190 -19.81 -24.97 -43.74
CA PHE D 1190 -18.66 -25.77 -43.30
C PHE D 1190 -19.08 -27.19 -42.97
N MET D 1191 -20.22 -27.36 -42.29
CA MET D 1191 -20.70 -28.70 -41.99
C MET D 1191 -21.03 -29.47 -43.27
N LYS D 1192 -21.61 -28.79 -44.25
CA LYS D 1192 -21.89 -29.43 -45.54
C LYS D 1192 -20.61 -29.81 -46.26
N GLU D 1193 -19.52 -29.10 -46.02
CA GLU D 1193 -18.27 -29.38 -46.72
C GLU D 1193 -17.57 -30.63 -46.21
N HIS D 1194 -17.90 -31.10 -45.01
CA HIS D 1194 -17.25 -32.27 -44.43
C HIS D 1194 -18.21 -33.40 -44.09
N GLU D 1195 -19.48 -33.31 -44.48
CA GLU D 1195 -20.45 -34.39 -44.32
C GLU D 1195 -20.57 -34.81 -42.85
N SER D 1196 -20.50 -33.83 -41.95
CA SER D 1196 -20.64 -34.05 -40.51
C SER D 1196 -19.65 -35.09 -39.98
N GLU D 1197 -18.43 -35.07 -40.49
CA GLU D 1197 -17.41 -36.01 -40.07
C GLU D 1197 -16.36 -35.34 -39.18
N PHE D 1218 -15.99 -40.39 -14.48
CA PHE D 1218 -14.76 -40.86 -15.11
C PHE D 1218 -14.69 -40.40 -16.57
N THR D 1219 -14.26 -39.16 -16.77
CA THR D 1219 -14.10 -38.58 -18.10
C THR D 1219 -12.78 -37.83 -18.15
N CYS D 1220 -11.98 -38.10 -19.18
CA CYS D 1220 -10.70 -37.43 -19.32
C CYS D 1220 -10.89 -35.93 -19.49
N ALA D 1221 -10.12 -35.15 -18.73
CA ALA D 1221 -10.18 -33.71 -18.86
C ALA D 1221 -9.64 -33.22 -20.20
N LEU D 1222 -8.59 -33.89 -20.70
CA LEU D 1222 -7.93 -33.41 -21.91
C LEU D 1222 -8.71 -33.80 -23.16
N CYS D 1223 -9.14 -35.05 -23.27
CA CYS D 1223 -9.91 -35.53 -24.41
C CYS D 1223 -11.22 -36.14 -23.89
N GLN D 1224 -12.29 -35.35 -23.93
CA GLN D 1224 -13.56 -35.80 -23.40
C GLN D 1224 -14.15 -36.91 -24.26
N ASP D 1225 -14.68 -37.94 -23.60
CA ASP D 1225 -15.36 -39.06 -24.28
C ASP D 1225 -14.46 -39.71 -25.32
N SER D 1226 -13.20 -39.91 -24.95
CA SER D 1226 -12.25 -40.54 -25.88
C SER D 1226 -12.54 -42.01 -26.13
N SER D 1227 -13.32 -42.64 -25.25
CA SER D 1227 -13.68 -44.06 -25.36
C SER D 1227 -12.46 -44.99 -25.35
N SER D 1228 -11.35 -44.52 -24.77
CA SER D 1228 -10.14 -45.33 -24.72
C SER D 1228 -10.21 -46.33 -23.57
N THR D 1229 -9.48 -47.43 -23.72
CA THR D 1229 -9.41 -48.46 -22.69
C THR D 1229 -8.32 -48.23 -21.67
N ASP D 1230 -7.50 -47.20 -21.85
CA ASP D 1230 -6.46 -46.89 -20.87
C ASP D 1230 -7.09 -46.41 -19.56
N PHE D 1231 -6.40 -46.68 -18.47
CA PHE D 1231 -6.93 -46.39 -17.15
C PHE D 1231 -6.60 -44.97 -16.71
N PHE D 1232 -7.56 -44.35 -16.04
CA PHE D 1232 -7.43 -42.97 -15.59
C PHE D 1232 -6.43 -42.85 -14.46
N VAL D 1233 -5.93 -41.63 -14.27
CA VAL D 1233 -5.04 -41.30 -13.17
C VAL D 1233 -5.59 -40.05 -12.48
N ILE D 1234 -5.12 -39.82 -11.25
CA ILE D 1234 -5.59 -38.72 -10.42
C ILE D 1234 -4.37 -37.97 -9.90
N PRO D 1235 -4.21 -36.68 -10.22
CA PRO D 1235 -3.14 -35.90 -9.59
C PRO D 1235 -3.43 -35.67 -8.13
N ALA D 1236 -2.37 -35.61 -7.33
CA ALA D 1236 -2.51 -35.44 -5.89
C ALA D 1236 -1.27 -34.76 -5.34
N TYR D 1237 -1.44 -34.15 -4.16
CA TYR D 1237 -0.34 -33.57 -3.41
C TYR D 1237 -0.03 -34.49 -2.25
N HIS D 1238 1.19 -35.02 -2.21
CA HIS D 1238 1.60 -35.99 -1.21
C HIS D 1238 2.74 -35.38 -0.39
N ASP D 1239 2.45 -34.97 0.83
CA ASP D 1239 3.45 -34.35 1.69
C ASP D 1239 2.97 -34.45 3.14
N HIS D 1240 3.81 -33.97 4.05
CA HIS D 1240 3.55 -34.11 5.48
C HIS D 1240 2.42 -33.17 5.91
N SER D 1241 2.00 -33.33 7.16
CA SER D 1241 0.96 -32.51 7.76
C SER D 1241 1.38 -32.17 9.19
N PRO D 1242 1.32 -30.89 9.58
CA PRO D 1242 1.77 -30.49 10.92
C PRO D 1242 0.71 -30.67 12.01
N ILE D 1243 -0.36 -31.41 11.74
CA ILE D 1243 -1.43 -31.55 12.72
C ILE D 1243 -1.23 -32.72 13.68
N PHE D 1244 -0.36 -33.66 13.36
CA PHE D 1244 -0.10 -34.80 14.22
C PHE D 1244 0.87 -34.39 15.33
N ARG D 1245 0.37 -34.36 16.57
CA ARG D 1245 1.18 -33.97 17.71
C ARG D 1245 0.72 -34.81 18.91
N PRO D 1246 1.64 -35.25 19.76
CA PRO D 1246 1.24 -36.09 20.90
C PRO D 1246 0.50 -35.31 21.96
N GLY D 1247 -0.38 -36.02 22.67
CA GLY D 1247 -1.04 -35.47 23.82
C GLY D 1247 -0.39 -35.96 25.12
N ASN D 1248 -0.82 -35.36 26.22
CA ASN D 1248 -0.27 -35.68 27.53
C ASN D 1248 -1.41 -35.99 28.48
N ILE D 1249 -1.30 -37.12 29.19
CA ILE D 1249 -2.28 -37.46 30.20
C ILE D 1249 -2.08 -36.54 31.41
N PHE D 1250 -3.07 -36.54 32.31
CA PHE D 1250 -3.08 -35.68 33.49
C PHE D 1250 -3.06 -34.20 33.11
N ASN D 1251 -3.67 -33.86 31.97
CA ASN D 1251 -3.69 -32.50 31.44
C ASN D 1251 -5.12 -32.09 31.17
N PRO D 1252 -5.83 -31.54 32.18
CA PRO D 1252 -7.23 -31.16 31.98
C PRO D 1252 -7.44 -30.08 30.94
N ASN D 1253 -6.38 -29.51 30.37
CA ASN D 1253 -6.55 -28.55 29.29
C ASN D 1253 -6.81 -29.21 27.95
N GLU D 1254 -6.78 -30.54 27.89
CA GLU D 1254 -7.07 -31.28 26.67
C GLU D 1254 -8.34 -32.12 26.77
N PHE D 1255 -8.45 -32.97 27.79
CA PHE D 1255 -9.56 -33.91 27.88
C PHE D 1255 -10.78 -33.35 28.60
N MET D 1256 -10.63 -32.29 29.37
CA MET D 1256 -11.77 -31.79 30.13
C MET D 1256 -12.71 -30.91 29.32
N PRO D 1257 -12.23 -29.88 28.59
CA PRO D 1257 -13.16 -28.96 27.92
C PRO D 1257 -13.74 -29.57 26.66
N MET D 1258 -15.04 -29.83 26.67
CA MET D 1258 -15.73 -30.22 25.45
C MET D 1258 -15.62 -29.08 24.43
N TRP D 1259 -15.27 -29.41 23.20
CA TRP D 1259 -14.93 -28.40 22.21
C TRP D 1259 -16.18 -28.04 21.40
N ASP D 1260 -16.61 -26.79 21.52
CA ASP D 1260 -17.76 -26.29 20.77
C ASP D 1260 -17.31 -25.52 19.53
N GLY D 1261 -16.67 -26.25 18.62
CA GLY D 1261 -16.21 -25.64 17.39
C GLY D 1261 -15.00 -24.74 17.59
N PHE D 1262 -14.79 -23.87 16.61
CA PHE D 1262 -13.63 -22.99 16.60
C PHE D 1262 -13.71 -21.98 17.74
N TYR D 1263 -12.54 -21.58 18.24
CA TYR D 1263 -12.47 -20.62 19.34
C TYR D 1263 -11.21 -19.78 19.15
N ASN D 1264 -11.00 -18.85 20.08
CA ASN D 1264 -9.78 -18.04 20.11
C ASN D 1264 -9.60 -17.50 21.52
N ASP D 1265 -8.49 -17.85 22.15
CA ASP D 1265 -8.14 -17.32 23.47
C ASP D 1265 -7.39 -16.01 23.27
N ASP D 1266 -8.16 -14.91 23.24
CA ASP D 1266 -7.56 -13.59 23.06
C ASP D 1266 -6.68 -13.21 24.24
N GLU D 1267 -7.01 -13.69 25.44
CA GLU D 1267 -6.30 -13.32 26.66
C GLU D 1267 -5.18 -14.29 27.03
N LYS D 1268 -4.94 -15.31 26.22
CA LYS D 1268 -3.91 -16.31 26.51
C LYS D 1268 -2.76 -16.16 25.54
N GLN D 1269 -1.55 -16.05 26.08
CA GLN D 1269 -0.37 -15.91 25.24
C GLN D 1269 -0.05 -17.24 24.54
N ALA D 1270 0.47 -17.13 23.31
CA ALA D 1270 0.79 -18.30 22.51
C ALA D 1270 2.18 -18.80 22.85
N TYR D 1271 2.30 -19.33 24.08
CA TYR D 1271 3.54 -19.94 24.55
C TYR D 1271 3.36 -21.46 24.48
N ILE D 1272 3.73 -22.04 23.35
CA ILE D 1272 3.60 -23.48 23.16
C ILE D 1272 4.53 -24.21 24.12
N ASP D 1273 4.14 -25.42 24.49
CA ASP D 1273 5.01 -26.28 25.29
C ASP D 1273 6.08 -26.93 24.41
N ASP D 1274 7.18 -27.32 25.05
CA ASP D 1274 8.39 -27.68 24.30
C ASP D 1274 8.19 -28.92 23.42
N ASP D 1275 7.50 -29.93 23.95
CA ASP D 1275 7.41 -31.22 23.25
C ASP D 1275 6.65 -31.10 21.94
N VAL D 1276 5.59 -30.29 21.91
CA VAL D 1276 4.82 -30.11 20.69
C VAL D 1276 5.67 -29.44 19.61
N LEU D 1277 6.59 -28.55 20.02
CA LEU D 1277 7.49 -27.95 19.05
C LEU D 1277 8.41 -29.00 18.44
N GLU D 1278 8.90 -29.94 19.24
CA GLU D 1278 9.69 -31.04 18.70
C GLU D 1278 8.84 -31.91 17.78
N ALA D 1279 7.56 -32.10 18.11
CA ALA D 1279 6.67 -32.85 17.24
C ALA D 1279 6.51 -32.17 15.89
N LEU D 1280 6.34 -30.84 15.90
CA LEU D 1280 6.25 -30.10 14.64
C LEU D 1280 7.55 -30.19 13.85
N LYS D 1281 8.69 -30.14 14.54
CA LYS D 1281 9.98 -30.30 13.87
C LYS D 1281 10.08 -31.66 13.20
N GLU D 1282 9.64 -32.71 13.88
CA GLU D 1282 9.73 -34.06 13.34
C GLU D 1282 8.70 -34.33 12.26
N ASN D 1283 7.57 -33.61 12.29
CA ASN D 1283 6.53 -33.83 11.29
C ASN D 1283 7.01 -33.47 9.89
N GLY D 1284 7.97 -32.56 9.77
CA GLY D 1284 8.49 -32.16 8.49
C GLY D 1284 9.50 -33.11 7.87
N SER D 1285 9.92 -34.14 8.61
CA SER D 1285 10.89 -35.10 8.11
C SER D 1285 10.49 -36.55 8.29
N CYS D 1286 9.61 -36.88 9.22
CA CYS D 1286 9.18 -38.25 9.42
C CYS D 1286 8.35 -38.71 8.22
N GLY D 1287 8.73 -39.85 7.64
CA GLY D 1287 8.08 -40.31 6.43
C GLY D 1287 6.73 -41.00 6.65
N SER D 1288 6.44 -41.40 7.87
CA SER D 1288 5.18 -42.08 8.17
C SER D 1288 4.04 -41.12 8.46
N ARG D 1289 4.26 -39.81 8.33
CA ARG D 1289 3.29 -38.81 8.70
C ARG D 1289 2.91 -37.93 7.51
N LYS D 1290 2.69 -38.55 6.36
CA LYS D 1290 2.26 -37.84 5.16
C LYS D 1290 0.79 -38.06 4.89
N VAL D 1291 0.20 -37.15 4.10
CA VAL D 1291 -1.23 -37.14 3.85
C VAL D 1291 -1.47 -36.91 2.35
N PHE D 1292 -2.43 -37.63 1.80
CA PHE D 1292 -2.82 -37.45 0.41
C PHE D 1292 -3.86 -36.33 0.29
N VAL D 1293 -3.59 -35.35 -0.57
CA VAL D 1293 -4.54 -34.30 -0.91
C VAL D 1293 -4.62 -34.22 -2.42
N SER D 1294 -5.85 -34.25 -2.95
CA SER D 1294 -6.06 -34.30 -4.39
C SER D 1294 -7.27 -33.47 -4.77
N CYS D 1295 -7.31 -33.10 -6.05
CA CYS D 1295 -8.42 -32.36 -6.63
C CYS D 1295 -9.42 -33.26 -7.37
N ASN D 1296 -9.07 -34.52 -7.62
CA ASN D 1296 -9.95 -35.49 -8.26
C ASN D 1296 -10.36 -35.02 -9.66
N HIS D 1297 -9.36 -34.88 -10.53
CA HIS D 1297 -9.57 -34.51 -11.92
C HIS D 1297 -8.96 -35.61 -12.79
N HIS D 1298 -9.81 -36.51 -13.27
CA HIS D 1298 -9.34 -37.72 -13.93
C HIS D 1298 -8.73 -37.43 -15.29
N ILE D 1299 -7.61 -38.08 -15.57
CA ILE D 1299 -6.89 -37.96 -16.83
C ILE D 1299 -6.43 -39.34 -17.26
N HIS D 1300 -6.47 -39.61 -18.56
CA HIS D 1300 -5.86 -40.83 -19.08
C HIS D 1300 -4.36 -40.83 -18.76
N HIS D 1301 -3.83 -42.02 -18.49
CA HIS D 1301 -2.43 -42.13 -18.13
C HIS D 1301 -1.53 -41.68 -19.27
N ASN D 1302 -1.83 -42.11 -20.50
CA ASN D 1302 -1.06 -41.65 -21.65
C ASN D 1302 -1.28 -40.15 -21.89
N CYS D 1303 -2.51 -39.68 -21.68
CA CYS D 1303 -2.77 -38.25 -21.75
C CYS D 1303 -1.95 -37.49 -20.73
N PHE D 1304 -1.86 -38.02 -19.50
CA PHE D 1304 -1.04 -37.38 -18.49
C PHE D 1304 0.43 -37.35 -18.89
N LYS D 1305 0.93 -38.47 -19.44
CA LYS D 1305 2.33 -38.53 -19.85
C LYS D 1305 2.61 -37.51 -20.94
N ARG D 1306 1.72 -37.40 -21.92
CA ARG D 1306 1.90 -36.40 -22.98
C ARG D 1306 1.86 -35.00 -22.41
N TYR D 1307 0.88 -34.71 -21.55
CA TYR D 1307 0.75 -33.37 -20.98
C TYR D 1307 1.99 -33.00 -20.19
N VAL D 1308 2.56 -33.96 -19.46
CA VAL D 1308 3.79 -33.71 -18.73
C VAL D 1308 4.94 -33.45 -19.68
N GLN D 1309 5.08 -34.28 -20.72
CA GLN D 1309 6.27 -34.21 -21.56
C GLN D 1309 6.29 -32.96 -22.43
N LYS D 1310 5.15 -32.60 -23.04
CA LYS D 1310 5.14 -31.37 -23.85
C LYS D 1310 5.33 -30.13 -22.99
N LYS D 1311 4.72 -30.10 -21.81
CA LYS D 1311 4.86 -28.96 -20.90
C LYS D 1311 6.20 -28.94 -20.19
N ARG D 1312 7.10 -29.87 -20.50
CA ARG D 1312 8.41 -29.97 -19.85
C ARG D 1312 8.29 -30.05 -18.33
N PHE D 1313 7.28 -30.79 -17.87
CA PHE D 1313 7.11 -31.07 -16.46
C PHE D 1313 7.70 -32.44 -16.14
N SER D 1314 7.49 -32.92 -14.92
CA SER D 1314 7.88 -34.26 -14.52
C SER D 1314 6.77 -34.86 -13.66
N SER D 1315 6.64 -36.19 -13.73
CA SER D 1315 5.67 -36.88 -12.90
C SER D 1315 5.94 -36.68 -11.42
N ASN D 1316 7.18 -36.34 -11.05
CA ASN D 1316 7.53 -36.09 -9.66
C ASN D 1316 6.97 -34.77 -9.16
N ALA D 1317 6.76 -33.80 -10.05
CA ALA D 1317 6.23 -32.49 -9.65
C ALA D 1317 5.67 -31.81 -10.88
N PHE D 1318 4.39 -31.46 -10.84
CA PHE D 1318 3.71 -30.84 -11.97
C PHE D 1318 2.54 -30.01 -11.43
N ILE D 1319 1.68 -29.55 -12.33
CA ILE D 1319 0.46 -28.84 -11.98
C ILE D 1319 -0.70 -29.48 -12.71
N CYS D 1320 -1.85 -29.49 -12.05
CA CYS D 1320 -3.06 -30.06 -12.63
C CYS D 1320 -3.47 -29.28 -13.87
N PRO D 1321 -3.71 -29.94 -15.01
CA PRO D 1321 -4.08 -29.18 -16.22
C PRO D 1321 -5.41 -28.48 -16.12
N LEU D 1322 -6.44 -29.16 -15.60
CA LEU D 1322 -7.77 -28.58 -15.47
C LEU D 1322 -7.92 -27.73 -14.21
N CYS D 1323 -6.92 -27.76 -13.32
CA CYS D 1323 -7.10 -27.24 -11.97
C CYS D 1323 -5.98 -26.28 -11.59
N GLN D 1324 -4.81 -26.42 -12.22
CA GLN D 1324 -3.64 -25.59 -11.95
C GLN D 1324 -3.24 -25.63 -10.47
N THR D 1325 -3.34 -26.80 -9.86
CA THR D 1325 -2.91 -27.01 -8.49
C THR D 1325 -1.62 -27.83 -8.47
N PHE D 1326 -0.71 -27.47 -7.57
CA PHE D 1326 0.54 -28.21 -7.45
C PHE D 1326 0.27 -29.66 -7.09
N SER D 1327 0.90 -30.58 -7.82
CA SER D 1327 0.68 -32.00 -7.63
C SER D 1327 2.00 -32.74 -7.81
N ASN D 1328 2.28 -33.68 -6.91
CA ASN D 1328 3.52 -34.44 -6.94
C ASN D 1328 3.27 -35.93 -6.77
N CYS D 1329 2.11 -36.41 -7.22
CA CYS D 1329 1.76 -37.82 -7.09
C CYS D 1329 0.56 -38.12 -7.97
N THR D 1330 0.60 -39.25 -8.66
CA THR D 1330 -0.49 -39.69 -9.52
C THR D 1330 -0.97 -41.06 -9.05
N LEU D 1331 -2.28 -41.20 -8.88
CA LEU D 1331 -2.86 -42.41 -8.31
C LEU D 1331 -3.84 -43.05 -9.29
N PRO D 1332 -3.48 -44.15 -9.94
CA PRO D 1332 -4.41 -44.80 -10.86
C PRO D 1332 -5.64 -45.33 -10.15
N LEU D 1333 -6.76 -45.33 -10.86
CA LEU D 1333 -8.05 -45.75 -10.32
C LEU D 1333 -8.66 -46.82 -11.21
N CYS D 1334 -9.80 -47.33 -10.76
CA CYS D 1334 -10.59 -48.28 -11.53
C CYS D 1334 -12.07 -48.02 -11.26
N GLN D 1335 -12.91 -48.49 -12.17
CA GLN D 1335 -14.35 -48.28 -12.07
C GLN D 1335 -14.93 -49.27 -11.06
N THR D 1336 -15.54 -48.74 -10.01
CA THR D 1336 -16.17 -49.57 -8.98
C THR D 1336 -17.61 -49.87 -9.36
N SER D 1337 -17.94 -51.16 -9.48
CA SER D 1337 -19.27 -51.59 -9.87
C SER D 1337 -19.80 -52.59 -8.86
N LYS D 1338 -21.03 -52.37 -8.40
CA LYS D 1338 -21.72 -53.29 -7.49
C LYS D 1338 -22.61 -54.24 -8.29
N ALA D 1339 -21.99 -55.00 -9.18
CA ALA D 1339 -22.70 -55.84 -10.15
C ALA D 1339 -23.10 -57.16 -9.51
N ASN D 1340 -24.12 -57.09 -8.65
CA ASN D 1340 -24.72 -58.27 -8.02
C ASN D 1340 -23.68 -59.13 -7.30
N THR D 1341 -22.75 -58.46 -6.63
CA THR D 1341 -21.69 -59.14 -5.88
C THR D 1341 -21.93 -59.10 -4.37
N GLY D 1342 -23.13 -58.75 -3.94
CA GLY D 1342 -23.40 -58.57 -2.52
C GLY D 1342 -22.69 -57.34 -1.99
N LEU D 1343 -21.68 -57.56 -1.14
CA LEU D 1343 -20.81 -56.48 -0.65
C LEU D 1343 -21.60 -55.38 0.04
N SER D 1344 -22.69 -55.73 0.70
CA SER D 1344 -23.46 -54.75 1.45
C SER D 1344 -22.67 -54.31 2.67
N LEU D 1345 -22.97 -53.10 3.15
CA LEU D 1345 -22.24 -52.55 4.29
C LEU D 1345 -22.43 -53.39 5.54
N ASP D 1346 -23.61 -54.01 5.70
CA ASP D 1346 -23.82 -54.90 6.83
C ASP D 1346 -22.93 -56.13 6.75
N MET D 1347 -22.64 -56.62 5.55
CA MET D 1347 -21.71 -57.73 5.41
C MET D 1347 -20.29 -57.30 5.78
N PHE D 1348 -19.92 -56.07 5.41
CA PHE D 1348 -18.63 -55.52 5.82
C PHE D 1348 -18.53 -55.42 7.33
N LEU D 1349 -19.61 -54.99 7.98
CA LEU D 1349 -19.59 -54.79 9.42
C LEU D 1349 -19.48 -56.11 10.17
N GLU D 1350 -20.28 -57.10 9.79
CA GLU D 1350 -20.49 -58.27 10.63
C GLU D 1350 -19.86 -59.56 10.11
N SER D 1351 -19.56 -59.65 8.81
CA SER D 1351 -19.07 -60.90 8.25
C SER D 1351 -17.60 -60.85 7.86
N GLU D 1352 -17.22 -59.93 6.98
CA GLU D 1352 -15.84 -59.80 6.54
C GLU D 1352 -15.64 -58.51 5.76
N LEU D 1353 -14.62 -57.74 6.12
CA LEU D 1353 -14.34 -56.48 5.46
C LEU D 1353 -12.93 -56.44 4.88
N SER D 1354 -12.16 -57.52 5.01
CA SER D 1354 -10.81 -57.57 4.45
C SER D 1354 -10.84 -57.17 2.98
N LEU D 1355 -9.72 -56.58 2.53
CA LEU D 1355 -9.68 -55.95 1.22
C LEU D 1355 -9.92 -56.95 0.08
N ASP D 1356 -9.77 -58.25 0.35
CA ASP D 1356 -10.07 -59.24 -0.69
C ASP D 1356 -11.51 -59.13 -1.16
N THR D 1357 -12.46 -59.00 -0.23
CA THR D 1357 -13.85 -58.78 -0.61
C THR D 1357 -14.04 -57.43 -1.28
N LEU D 1358 -13.28 -56.42 -0.84
CA LEU D 1358 -13.37 -55.10 -1.45
C LEU D 1358 -12.95 -55.13 -2.92
N SER D 1359 -11.98 -55.98 -3.26
CA SER D 1359 -11.48 -56.06 -4.63
C SER D 1359 -12.47 -56.69 -5.60
N ARG D 1360 -13.55 -57.29 -5.09
CA ARG D 1360 -14.57 -57.85 -5.97
C ARG D 1360 -15.36 -56.80 -6.72
N LEU D 1361 -15.23 -55.53 -6.34
CA LEU D 1361 -15.93 -54.45 -7.03
C LEU D 1361 -15.35 -54.18 -8.41
N PHE D 1362 -14.19 -54.75 -8.73
CA PHE D 1362 -13.53 -54.49 -10.01
C PHE D 1362 -13.99 -55.47 -11.07
N LYS D 1363 -14.23 -54.96 -12.27
CA LYS D 1363 -14.63 -55.80 -13.39
C LYS D 1363 -13.50 -56.76 -13.76
N PRO D 1364 -13.84 -57.95 -14.25
CA PRO D 1364 -12.78 -58.87 -14.70
C PRO D 1364 -11.90 -58.24 -15.76
N PHE D 1365 -10.60 -58.46 -15.64
CA PHE D 1365 -9.59 -57.77 -16.42
C PHE D 1365 -9.13 -58.63 -17.61
N THR D 1366 -8.06 -58.19 -18.26
CA THR D 1366 -7.41 -58.94 -19.32
C THR D 1366 -5.90 -58.82 -19.12
N GLU D 1367 -5.14 -59.75 -19.70
CA GLU D 1367 -3.69 -59.74 -19.54
C GLU D 1367 -3.09 -58.42 -20.01
N GLU D 1368 -3.69 -57.78 -21.02
CA GLU D 1368 -3.25 -56.45 -21.42
C GLU D 1368 -3.46 -55.45 -20.29
N ASN D 1369 -4.62 -55.52 -19.62
CA ASN D 1369 -4.88 -54.66 -18.48
C ASN D 1369 -3.89 -54.94 -17.35
N TYR D 1370 -3.63 -56.22 -17.07
CA TYR D 1370 -2.62 -56.56 -16.07
C TYR D 1370 -1.27 -55.93 -16.39
N ARG D 1371 -0.80 -56.07 -17.63
CA ARG D 1371 0.52 -55.55 -17.96
C ARG D 1371 0.53 -54.03 -17.90
N THR D 1372 -0.55 -53.38 -18.36
CA THR D 1372 -0.61 -51.92 -18.32
C THR D 1372 -0.58 -51.40 -16.89
N ILE D 1373 -1.41 -51.98 -16.02
CA ILE D 1373 -1.47 -51.52 -14.64
C ILE D 1373 -0.18 -51.85 -13.91
N ASN D 1374 0.44 -53.00 -14.20
CA ASN D 1374 1.72 -53.33 -13.61
C ASN D 1374 2.78 -52.31 -14.00
N SER D 1375 2.83 -51.94 -15.29
CA SER D 1375 3.81 -50.98 -15.74
C SER D 1375 3.59 -49.62 -15.11
N ILE D 1376 2.34 -49.16 -15.04
CA ILE D 1376 2.09 -47.83 -14.49
C ILE D 1376 2.37 -47.81 -12.99
N PHE D 1377 2.08 -48.91 -12.28
CA PHE D 1377 2.39 -48.96 -10.86
C PHE D 1377 3.90 -48.99 -10.63
N SER D 1378 4.64 -49.72 -11.47
CA SER D 1378 6.09 -49.73 -11.36
C SER D 1378 6.66 -48.34 -11.59
N LEU D 1379 6.17 -47.64 -12.62
CA LEU D 1379 6.63 -46.30 -12.91
C LEU D 1379 6.29 -45.35 -11.76
N MET D 1380 5.08 -45.46 -11.21
CA MET D 1380 4.67 -44.60 -10.11
C MET D 1380 5.49 -44.86 -8.85
N ILE D 1381 5.83 -46.12 -8.58
CA ILE D 1381 6.68 -46.44 -7.44
C ILE D 1381 8.08 -45.86 -7.64
N SER D 1382 8.64 -46.05 -8.84
CA SER D 1382 10.00 -45.58 -9.11
C SER D 1382 10.09 -44.08 -9.32
N GLN D 1383 8.96 -43.38 -9.45
CA GLN D 1383 8.96 -41.94 -9.72
C GLN D 1383 8.48 -41.08 -8.58
N CYS D 1384 7.64 -41.61 -7.68
CA CYS D 1384 7.06 -40.81 -6.62
C CYS D 1384 8.08 -40.53 -5.53
N GLN D 1385 8.23 -39.25 -5.18
CA GLN D 1385 9.00 -38.87 -4.00
C GLN D 1385 8.14 -38.79 -2.75
N GLY D 1386 6.82 -38.91 -2.88
CA GLY D 1386 5.97 -38.95 -1.70
C GLY D 1386 6.22 -40.17 -0.85
N PHE D 1387 6.44 -41.31 -1.48
CA PHE D 1387 6.70 -42.53 -0.74
C PHE D 1387 8.07 -42.47 -0.08
N ASP D 1388 8.23 -43.23 0.99
CA ASP D 1388 9.40 -43.10 1.85
C ASP D 1388 10.64 -43.64 1.17
N LYS D 1389 11.72 -42.85 1.21
CA LYS D 1389 13.02 -43.35 0.78
C LYS D 1389 13.59 -44.34 1.80
N ALA D 1390 13.34 -44.10 3.09
CA ALA D 1390 13.84 -45.01 4.12
C ALA D 1390 13.21 -46.39 4.00
N VAL D 1391 11.90 -46.44 3.71
CA VAL D 1391 11.23 -47.73 3.55
C VAL D 1391 11.77 -48.46 2.32
N ARG D 1392 12.02 -47.74 1.23
CA ARG D 1392 12.62 -48.35 0.06
C ARG D 1392 14.05 -48.81 0.34
N LYS D 1393 14.73 -48.17 1.30
CA LYS D 1393 16.10 -48.52 1.61
C LYS D 1393 16.19 -49.94 2.19
N ARG D 1394 15.23 -50.32 3.03
CA ARG D 1394 15.28 -51.61 3.70
C ARG D 1394 15.31 -52.75 2.69
N ALA D 1395 16.26 -53.68 2.89
CA ALA D 1395 16.45 -54.77 1.94
C ALA D 1395 15.24 -55.70 1.89
N ASN D 1396 14.66 -56.00 3.06
CA ASN D 1396 13.51 -56.91 3.10
C ASN D 1396 12.30 -56.33 2.39
N PHE D 1397 12.20 -55.00 2.31
CA PHE D 1397 11.09 -54.37 1.61
C PHE D 1397 11.06 -54.78 0.15
N SER D 1398 9.87 -55.12 -0.34
CA SER D 1398 9.66 -55.50 -1.73
C SER D 1398 8.58 -54.61 -2.34
N HIS D 1399 8.42 -54.72 -3.66
CA HIS D 1399 7.43 -53.91 -4.35
C HIS D 1399 6.00 -54.22 -3.90
N LYS D 1400 5.77 -55.40 -3.33
CA LYS D 1400 4.45 -55.73 -2.81
C LYS D 1400 4.17 -55.01 -1.48
N ASP D 1401 5.20 -54.53 -0.80
CA ASP D 1401 5.05 -53.94 0.52
C ASP D 1401 4.68 -52.47 0.51
N VAL D 1402 4.64 -51.83 -0.67
CA VAL D 1402 4.26 -50.42 -0.73
C VAL D 1402 2.80 -50.25 -0.33
N SER D 1403 2.00 -51.30 -0.43
CA SER D 1403 0.61 -51.22 -0.01
C SER D 1403 0.48 -50.86 1.45
N LEU D 1404 1.42 -51.30 2.29
CA LEU D 1404 1.36 -50.99 3.71
C LEU D 1404 1.55 -49.50 3.96
N ILE D 1405 2.54 -48.89 3.31
CA ILE D 1405 2.76 -47.46 3.51
C ILE D 1405 1.63 -46.65 2.88
N LEU D 1406 1.06 -47.12 1.76
CA LEU D 1406 -0.10 -46.44 1.19
C LEU D 1406 -1.29 -46.50 2.13
N SER D 1407 -1.52 -47.65 2.77
CA SER D 1407 -2.60 -47.75 3.75
C SER D 1407 -2.35 -46.85 4.95
N VAL D 1408 -1.10 -46.75 5.40
CA VAL D 1408 -0.77 -45.87 6.51
C VAL D 1408 -1.04 -44.42 6.13
N HIS D 1409 -0.66 -44.02 4.92
CA HIS D 1409 -0.91 -42.66 4.47
C HIS D 1409 -2.40 -42.38 4.32
N TRP D 1410 -3.18 -43.37 3.86
CA TRP D 1410 -4.62 -43.21 3.79
C TRP D 1410 -5.23 -43.05 5.18
N ALA D 1411 -4.74 -43.82 6.15
CA ALA D 1411 -5.19 -43.65 7.52
C ALA D 1411 -4.84 -42.27 8.04
N ASN D 1412 -3.66 -41.76 7.66
CA ASN D 1412 -3.28 -40.41 8.04
C ASN D 1412 -4.21 -39.37 7.42
N THR D 1413 -4.64 -39.60 6.18
CA THR D 1413 -5.58 -38.69 5.54
C THR D 1413 -6.93 -38.71 6.24
N ILE D 1414 -7.40 -39.90 6.63
CA ILE D 1414 -8.63 -40.01 7.40
C ILE D 1414 -8.49 -39.27 8.73
N SER D 1415 -7.34 -39.42 9.39
CA SER D 1415 -7.10 -38.71 10.63
C SER D 1415 -7.09 -37.20 10.41
N MET D 1416 -6.54 -36.74 9.28
CA MET D 1416 -6.54 -35.32 8.98
C MET D 1416 -7.96 -34.80 8.81
N LEU D 1417 -8.80 -35.56 8.10
CA LEU D 1417 -10.20 -35.17 7.96
C LEU D 1417 -10.89 -35.09 9.32
N GLU D 1418 -10.63 -36.10 10.17
CA GLU D 1418 -11.25 -36.12 11.49
C GLU D 1418 -10.80 -34.92 12.33
N ILE D 1419 -9.50 -34.58 12.27
CA ILE D 1419 -8.99 -33.46 13.04
C ILE D 1419 -9.55 -32.14 12.53
N ALA D 1420 -9.61 -31.98 11.20
CA ALA D 1420 -10.18 -30.77 10.62
C ALA D 1420 -11.65 -30.62 11.01
N SER D 1421 -12.37 -31.73 11.13
CA SER D 1421 -13.79 -31.66 11.47
C SER D 1421 -14.04 -31.18 12.89
N ARG D 1422 -13.02 -31.09 13.74
CA ARG D 1422 -13.23 -30.63 15.11
C ARG D 1422 -13.56 -29.14 15.18
N LEU D 1423 -13.27 -28.38 14.13
CA LEU D 1423 -13.45 -26.94 14.16
C LEU D 1423 -14.91 -26.52 14.03
N GLU D 1424 -15.80 -27.42 13.64
CA GLU D 1424 -17.19 -27.07 13.41
C GLU D 1424 -18.01 -27.22 14.68
N LYS D 1425 -19.19 -26.57 14.71
CA LYS D 1425 -20.03 -26.60 15.95
C LYS D 1425 -20.47 -28.04 16.28
N PRO D 1426 -21.21 -28.78 15.41
CA PRO D 1426 -21.68 -30.13 15.78
C PRO D 1426 -20.57 -31.16 15.53
N TYR D 1427 -19.59 -31.25 16.43
CA TYR D 1427 -18.43 -32.17 16.22
C TYR D 1427 -18.90 -33.62 16.08
N SER D 1428 -20.05 -33.97 16.65
CA SER D 1428 -20.55 -35.37 16.61
C SER D 1428 -20.98 -35.76 15.19
N ILE D 1429 -21.14 -34.78 14.29
CA ILE D 1429 -21.66 -35.08 12.92
C ILE D 1429 -20.90 -34.26 11.87
N SER D 1430 -20.02 -33.35 12.30
CA SER D 1430 -19.32 -32.44 11.36
C SER D 1430 -18.57 -33.20 10.25
N PHE D 1431 -17.84 -34.25 10.62
CA PHE D 1431 -17.01 -35.01 9.63
C PHE D 1431 -17.89 -35.45 8.45
N PHE D 1432 -19.17 -35.71 8.69
CA PHE D 1432 -20.06 -36.16 7.62
C PHE D 1432 -20.42 -35.03 6.67
N ARG D 1433 -20.67 -33.84 7.19
CA ARG D 1433 -21.32 -32.77 6.46
C ARG D 1433 -20.33 -31.95 5.63
N SER D 1434 -20.74 -31.61 4.41
CA SER D 1434 -20.07 -30.62 3.57
C SER D 1434 -18.60 -30.94 3.35
N ARG D 1435 -18.32 -32.21 3.07
CA ARG D 1435 -16.95 -32.66 2.79
C ARG D 1435 -16.94 -33.62 1.62
N GLU D 1436 -17.68 -33.30 0.56
CA GLU D 1436 -17.83 -34.22 -0.56
C GLU D 1436 -16.50 -34.49 -1.24
N GLN D 1437 -15.69 -33.46 -1.47
CA GLN D 1437 -14.42 -33.64 -2.17
C GLN D 1437 -13.43 -34.42 -1.32
N LYS D 1438 -13.43 -34.20 -0.01
CA LYS D 1438 -12.53 -34.95 0.87
C LYS D 1438 -12.87 -36.44 0.84
N TYR D 1439 -14.16 -36.76 0.93
CA TYR D 1439 -14.57 -38.16 0.86
C TYR D 1439 -14.29 -38.76 -0.51
N LYS D 1440 -14.42 -37.96 -1.57
CA LYS D 1440 -14.07 -38.45 -2.90
C LYS D 1440 -12.58 -38.78 -2.98
N THR D 1441 -11.73 -37.93 -2.40
CA THR D 1441 -10.30 -38.23 -2.34
C THR D 1441 -10.04 -39.52 -1.55
N LEU D 1442 -10.72 -39.68 -0.42
CA LEU D 1442 -10.54 -40.88 0.38
C LEU D 1442 -10.95 -42.13 -0.40
N LYS D 1443 -12.09 -42.06 -1.09
CA LYS D 1443 -12.53 -43.20 -1.90
C LYS D 1443 -11.53 -43.49 -3.02
N ASN D 1444 -10.96 -42.44 -3.62
CA ASN D 1444 -9.97 -42.66 -4.68
C ASN D 1444 -8.72 -43.32 -4.13
N ILE D 1445 -8.27 -42.91 -2.93
CA ILE D 1445 -7.11 -43.56 -2.32
C ILE D 1445 -7.42 -45.03 -2.06
N LEU D 1446 -8.60 -45.32 -1.53
CA LEU D 1446 -8.97 -46.70 -1.27
C LEU D 1446 -9.02 -47.52 -2.56
N VAL D 1447 -9.54 -46.92 -3.64
CA VAL D 1447 -9.60 -47.61 -4.92
C VAL D 1447 -8.19 -47.89 -5.45
N CYS D 1448 -7.29 -46.92 -5.30
CA CYS D 1448 -5.92 -47.13 -5.73
C CYS D 1448 -5.25 -48.25 -4.93
N ILE D 1449 -5.51 -48.28 -3.61
CA ILE D 1449 -4.94 -49.34 -2.78
C ILE D 1449 -5.48 -50.71 -3.20
N MET D 1450 -6.79 -50.79 -3.48
CA MET D 1450 -7.36 -52.06 -3.92
C MET D 1450 -6.77 -52.49 -5.26
N LEU D 1451 -6.59 -51.54 -6.19
CA LEU D 1451 -6.00 -51.87 -7.47
C LEU D 1451 -4.57 -52.37 -7.30
N PHE D 1452 -3.80 -51.72 -6.43
CA PHE D 1452 -2.42 -52.14 -6.20
C PHE D 1452 -2.38 -53.55 -5.62
N THR D 1453 -3.23 -53.82 -4.62
CA THR D 1453 -3.22 -55.13 -3.97
C THR D 1453 -3.92 -56.21 -4.79
N PHE D 1454 -4.65 -55.83 -5.84
CA PHE D 1454 -5.31 -56.81 -6.69
C PHE D 1454 -4.51 -57.14 -7.93
N VAL D 1455 -3.71 -56.19 -8.43
CA VAL D 1455 -2.87 -56.43 -9.60
C VAL D 1455 -1.54 -57.04 -9.16
N ILE D 1456 -0.80 -56.31 -8.33
CA ILE D 1456 0.47 -56.82 -7.83
C ILE D 1456 0.24 -57.99 -6.87
N GLY D 1457 -0.70 -57.83 -5.94
CA GLY D 1457 -1.01 -58.89 -5.00
C GLY D 1457 -0.94 -58.47 -3.54
N LYS D 1458 -1.64 -59.19 -2.68
CA LYS D 1458 -1.61 -58.89 -1.25
C LYS D 1458 -0.22 -59.14 -0.69
N PRO D 1459 0.33 -58.23 0.12
CA PRO D 1459 1.68 -58.42 0.63
C PRO D 1459 1.73 -59.43 1.77
N SER D 1460 2.95 -59.83 2.12
CA SER D 1460 3.17 -60.72 3.25
C SER D 1460 3.19 -59.92 4.54
N MET D 1461 2.51 -60.44 5.56
CA MET D 1461 2.40 -59.74 6.83
C MET D 1461 3.70 -59.70 7.61
N GLU D 1462 4.72 -60.45 7.18
CA GLU D 1462 5.97 -60.49 7.93
C GLU D 1462 6.65 -59.13 7.95
N PHE D 1463 6.64 -58.42 6.82
CA PHE D 1463 7.31 -57.13 6.75
C PHE D 1463 6.55 -56.08 7.54
N GLU D 1464 7.30 -55.15 8.13
CA GLU D 1464 6.73 -54.05 8.90
C GLU D 1464 7.52 -52.78 8.57
N PRO D 1465 6.96 -51.88 7.76
CA PRO D 1465 7.72 -50.68 7.38
C PRO D 1465 8.10 -49.79 8.54
N TYR D 1466 7.29 -49.73 9.59
CA TYR D 1466 7.53 -48.86 10.74
C TYR D 1466 7.43 -49.68 12.02
N PRO D 1467 8.44 -50.49 12.33
CA PRO D 1467 8.41 -51.28 13.56
C PRO D 1467 8.46 -50.39 14.79
N GLN D 1468 7.85 -50.87 15.87
CA GLN D 1468 7.76 -50.11 17.11
C GLN D 1468 9.15 -50.05 17.75
N GLN D 1469 9.73 -48.86 17.80
CA GLN D 1469 11.00 -48.68 18.46
C GLN D 1469 10.79 -48.21 19.91
N PRO D 1470 11.67 -48.59 20.83
CA PRO D 1470 11.45 -48.21 22.23
C PRO D 1470 11.50 -46.72 22.50
N ASP D 1471 12.14 -45.92 21.64
CA ASP D 1471 12.33 -44.50 21.89
C ASP D 1471 11.64 -43.59 20.90
N THR D 1472 11.46 -44.03 19.65
CA THR D 1472 10.85 -43.21 18.61
C THR D 1472 9.45 -43.74 18.30
N VAL D 1473 8.49 -42.83 18.19
CA VAL D 1473 7.11 -43.16 17.86
C VAL D 1473 6.86 -42.77 16.41
N TRP D 1474 6.44 -43.74 15.60
CA TRP D 1474 6.26 -43.49 14.18
C TRP D 1474 4.97 -42.73 13.89
N ASN D 1475 3.85 -43.18 14.46
CA ASN D 1475 2.55 -42.58 14.23
C ASN D 1475 1.92 -42.21 15.55
N GLN D 1476 1.41 -40.98 15.64
CA GLN D 1476 0.68 -40.55 16.83
C GLN D 1476 -0.74 -41.10 16.88
N ASN D 1477 -1.21 -41.70 15.79
CA ASN D 1477 -2.53 -42.32 15.73
C ASN D 1477 -2.41 -43.83 15.50
N GLN D 1478 -1.47 -44.46 16.21
CA GLN D 1478 -1.16 -45.87 15.97
C GLN D 1478 -2.37 -46.78 16.15
N LEU D 1479 -3.29 -46.42 17.05
CA LEU D 1479 -4.48 -47.22 17.24
C LEU D 1479 -5.31 -47.30 15.97
N PHE D 1480 -5.58 -46.15 15.34
CA PHE D 1480 -6.32 -46.17 14.09
C PHE D 1480 -5.50 -46.75 12.95
N GLN D 1481 -4.17 -46.65 13.03
CA GLN D 1481 -3.32 -47.33 12.04
C GLN D 1481 -3.53 -48.83 12.10
N TYR D 1482 -3.54 -49.40 13.31
CA TYR D 1482 -3.82 -50.82 13.45
C TYR D 1482 -5.24 -51.15 13.02
N ILE D 1483 -6.19 -50.26 13.31
CA ILE D 1483 -7.57 -50.50 12.90
C ILE D 1483 -7.65 -50.62 11.38
N VAL D 1484 -7.01 -49.70 10.67
CA VAL D 1484 -7.01 -49.74 9.21
C VAL D 1484 -6.29 -50.99 8.70
N ARG D 1485 -5.14 -51.33 9.31
CA ARG D 1485 -4.40 -52.50 8.86
C ARG D 1485 -5.23 -53.78 9.02
N SER D 1486 -5.90 -53.93 10.16
CA SER D 1486 -6.72 -55.11 10.39
C SER D 1486 -7.95 -55.11 9.48
N ALA D 1487 -8.56 -53.95 9.27
CA ALA D 1487 -9.75 -53.90 8.42
C ALA D 1487 -9.41 -54.21 6.98
N LEU D 1488 -8.21 -53.84 6.53
CA LEU D 1488 -7.85 -54.06 5.14
C LEU D 1488 -7.30 -55.47 4.91
N PHE D 1489 -6.37 -55.92 5.75
CA PHE D 1489 -5.65 -57.16 5.50
C PHE D 1489 -6.17 -58.34 6.32
N SER D 1490 -6.49 -58.14 7.59
CA SER D 1490 -6.98 -59.25 8.42
C SER D 1490 -8.35 -59.71 7.92
N PRO D 1491 -8.56 -61.02 7.73
CA PRO D 1491 -9.83 -61.48 7.16
C PRO D 1491 -11.05 -61.25 8.05
N VAL D 1492 -10.86 -60.98 9.34
CA VAL D 1492 -11.99 -60.85 10.24
C VAL D 1492 -12.70 -59.52 10.01
N SER D 1493 -13.99 -59.49 10.34
CA SER D 1493 -14.83 -58.32 10.11
C SER D 1493 -14.33 -57.11 10.91
N LEU D 1494 -14.82 -55.94 10.53
CA LEU D 1494 -14.35 -54.70 11.16
C LEU D 1494 -14.77 -54.59 12.62
N ARG D 1495 -15.94 -55.13 12.98
CA ARG D 1495 -16.42 -54.99 14.34
C ARG D 1495 -15.44 -55.63 15.34
N GLN D 1496 -14.94 -56.82 15.01
CA GLN D 1496 -13.99 -57.48 15.91
C GLN D 1496 -12.70 -56.68 16.03
N THR D 1497 -12.19 -56.17 14.91
CA THR D 1497 -10.94 -55.42 14.94
C THR D 1497 -11.08 -54.15 15.78
N VAL D 1498 -12.17 -53.40 15.56
CA VAL D 1498 -12.36 -52.16 16.30
C VAL D 1498 -12.62 -52.46 17.77
N THR D 1499 -13.33 -53.55 18.07
CA THR D 1499 -13.55 -53.92 19.47
C THR D 1499 -12.24 -54.25 20.16
N GLU D 1500 -11.39 -55.03 19.50
CA GLU D 1500 -10.09 -55.38 20.07
C GLU D 1500 -9.25 -54.13 20.31
N ALA D 1501 -9.18 -53.25 19.30
CA ALA D 1501 -8.36 -52.05 19.41
C ALA D 1501 -8.87 -51.14 20.54
N LEU D 1502 -10.19 -50.92 20.59
CA LEU D 1502 -10.75 -50.06 21.62
C LEU D 1502 -10.58 -50.64 23.01
N THR D 1503 -10.76 -51.96 23.15
CA THR D 1503 -10.57 -52.59 24.46
C THR D 1503 -9.13 -52.45 24.93
N THR D 1504 -8.17 -52.75 24.04
CA THR D 1504 -6.77 -52.65 24.42
C THR D 1504 -6.40 -51.21 24.77
N PHE D 1505 -6.85 -50.24 23.96
CA PHE D 1505 -6.50 -48.85 24.24
C PHE D 1505 -7.14 -48.36 25.53
N SER D 1506 -8.39 -48.75 25.80
CA SER D 1506 -9.04 -48.34 27.03
C SER D 1506 -8.33 -48.93 28.24
N ARG D 1507 -7.95 -50.20 28.17
CA ARG D 1507 -7.24 -50.81 29.29
C ARG D 1507 -5.87 -50.17 29.50
N GLN D 1508 -5.14 -49.90 28.41
CA GLN D 1508 -3.84 -49.26 28.55
C GLN D 1508 -3.98 -47.85 29.12
N PHE D 1509 -4.98 -47.10 28.67
CA PHE D 1509 -5.20 -45.76 29.18
C PHE D 1509 -5.56 -45.79 30.66
N LEU D 1510 -6.43 -46.72 31.06
CA LEU D 1510 -6.80 -46.84 32.46
C LEU D 1510 -5.59 -47.22 33.33
N ARG D 1511 -4.75 -48.12 32.83
CA ARG D 1511 -3.54 -48.48 33.58
C ARG D 1511 -2.60 -47.30 33.70
N ASP D 1512 -2.43 -46.53 32.63
CA ASP D 1512 -1.48 -45.43 32.65
C ASP D 1512 -1.96 -44.27 33.52
N PHE D 1513 -3.27 -43.99 33.50
CA PHE D 1513 -3.78 -42.86 34.27
C PHE D 1513 -3.87 -43.18 35.76
N LEU D 1514 -4.22 -44.42 36.11
CA LEU D 1514 -4.44 -44.77 37.51
C LEU D 1514 -3.15 -45.04 38.27
N GLN D 1515 -2.00 -44.87 37.65
CA GLN D 1515 -0.70 -44.98 38.32
C GLN D 1515 -0.05 -43.61 38.51
N GLY D 1516 -0.86 -42.59 38.83
CA GLY D 1516 -0.34 -41.26 39.00
C GLY D 1516 0.66 -41.17 40.14
N LEU D 1517 1.44 -40.08 40.09
CA LEU D 1517 2.56 -39.91 41.03
C LEU D 1517 2.07 -39.96 42.49
N SER D 1518 1.04 -39.19 42.80
CA SER D 1518 0.47 -39.16 44.14
C SER D 1518 -1.03 -39.32 44.06
N ASP D 1519 -1.58 -40.18 44.91
CA ASP D 1519 -3.02 -40.44 44.93
C ASP D 1519 -3.77 -39.59 45.93
N ALA D 1520 -3.09 -38.65 46.61
CA ALA D 1520 -3.71 -37.84 47.64
C ALA D 1520 -3.86 -36.37 47.25
N GLU D 1521 -2.77 -35.73 46.83
CA GLU D 1521 -2.80 -34.30 46.53
C GLU D 1521 -2.83 -34.01 45.04
N GLN D 1522 -2.04 -34.73 44.24
CA GLN D 1522 -2.01 -34.48 42.80
C GLN D 1522 -3.38 -34.71 42.18
N VAL D 1523 -4.06 -35.78 42.57
CA VAL D 1523 -5.40 -36.04 42.05
C VAL D 1523 -6.38 -34.97 42.49
N THR D 1524 -6.21 -34.42 43.70
CA THR D 1524 -7.09 -33.34 44.14
C THR D 1524 -6.90 -32.09 43.29
N LYS D 1525 -5.64 -31.73 42.98
CA LYS D 1525 -5.39 -30.60 42.11
C LYS D 1525 -5.93 -30.85 40.71
N LEU D 1526 -5.78 -32.08 40.21
CA LEU D 1526 -6.30 -32.41 38.90
C LEU D 1526 -7.82 -32.27 38.86
N TYR D 1527 -8.50 -32.74 39.90
CA TYR D 1527 -9.97 -32.61 39.95
C TYR D 1527 -10.39 -31.15 40.08
N ALA D 1528 -9.65 -30.36 40.85
CA ALA D 1528 -9.97 -28.94 40.96
C ALA D 1528 -9.83 -28.25 39.62
N LYS D 1529 -8.75 -28.54 38.89
CA LYS D 1529 -8.58 -27.96 37.55
C LYS D 1529 -9.67 -28.45 36.61
N ALA D 1530 -10.05 -29.72 36.71
CA ALA D 1530 -11.12 -30.26 35.87
C ALA D 1530 -12.43 -29.55 36.11
N SER D 1531 -12.78 -29.34 37.39
CA SER D 1531 -14.01 -28.64 37.71
C SER D 1531 -13.96 -27.18 37.27
N LYS D 1532 -12.79 -26.55 37.36
CA LYS D 1532 -12.64 -25.18 36.89
C LYS D 1532 -12.83 -25.09 35.38
N ILE D 1533 -12.30 -26.05 34.63
CA ILE D 1533 -12.36 -25.97 33.17
C ILE D 1533 -13.73 -26.41 32.66
N GLY D 1534 -14.12 -27.65 32.96
CA GLY D 1534 -15.36 -28.18 32.41
C GLY D 1534 -16.22 -28.92 33.42
N ASP D 1535 -16.94 -29.93 32.94
CA ASP D 1535 -17.88 -30.70 33.75
C ASP D 1535 -17.36 -32.12 33.94
N VAL D 1536 -17.25 -32.55 35.19
CA VAL D 1536 -16.79 -33.89 35.52
C VAL D 1536 -17.98 -34.84 35.51
N LEU D 1537 -17.76 -36.06 35.05
CA LEU D 1537 -18.82 -37.04 34.85
C LEU D 1537 -18.85 -38.02 36.02
N LYS D 1538 -20.02 -38.19 36.62
CA LYS D 1538 -20.21 -39.18 37.68
C LYS D 1538 -20.14 -40.58 37.09
N VAL D 1539 -19.60 -41.51 37.87
CA VAL D 1539 -19.38 -42.89 37.45
C VAL D 1539 -20.37 -43.79 38.16
N SER D 1540 -21.07 -44.61 37.39
CA SER D 1540 -22.04 -45.54 37.96
C SER D 1540 -21.33 -46.64 38.76
N GLU D 1541 -22.12 -47.34 39.59
CA GLU D 1541 -21.55 -48.39 40.43
C GLU D 1541 -20.99 -49.53 39.59
N GLN D 1542 -21.70 -49.93 38.54
CA GLN D 1542 -21.19 -50.99 37.67
C GLN D 1542 -20.05 -50.49 36.80
N MET D 1543 -20.11 -49.23 36.39
CA MET D 1543 -19.00 -48.62 35.65
C MET D 1543 -17.75 -48.58 36.53
N LEU D 1544 -17.91 -48.18 37.79
CA LEU D 1544 -16.80 -48.19 38.73
C LEU D 1544 -16.28 -49.60 38.96
N PHE D 1545 -17.19 -50.57 39.05
CA PHE D 1545 -16.77 -51.97 39.19
C PHE D 1545 -15.93 -52.42 38.01
N ALA D 1546 -16.34 -52.04 36.80
CA ALA D 1546 -15.58 -52.40 35.61
C ALA D 1546 -14.20 -51.76 35.62
N LEU D 1547 -14.11 -50.48 35.98
CA LEU D 1547 -12.80 -49.83 36.05
C LEU D 1547 -11.92 -50.47 37.12
N ARG D 1548 -12.48 -50.78 38.29
CA ARG D 1548 -11.69 -51.42 39.33
C ARG D 1548 -11.25 -52.82 38.91
N THR D 1549 -12.07 -53.51 38.13
CA THR D 1549 -11.65 -54.78 37.55
C THR D 1549 -10.46 -54.59 36.61
N ILE D 1550 -10.52 -53.54 35.77
CA ILE D 1550 -9.39 -53.24 34.90
C ILE D 1550 -8.17 -52.85 35.72
N SER D 1551 -8.36 -51.99 36.73
CA SER D 1551 -7.28 -51.59 37.62
C SER D 1551 -7.89 -51.00 38.87
N ASP D 1552 -7.50 -51.52 40.03
CA ASP D 1552 -8.03 -51.07 41.31
C ASP D 1552 -6.91 -50.42 42.13
N VAL D 1553 -7.15 -49.20 42.60
CA VAL D 1553 -6.23 -48.49 43.46
C VAL D 1553 -6.98 -48.04 44.70
N ARG D 1554 -6.42 -48.34 45.88
CA ARG D 1554 -7.03 -47.96 47.14
C ARG D 1554 -6.08 -47.22 48.06
N MET D 1555 -4.93 -46.76 47.55
CA MET D 1555 -3.96 -46.03 48.35
C MET D 1555 -4.28 -44.55 48.44
N GLU D 1556 -5.33 -44.08 47.78
CA GLU D 1556 -5.70 -42.67 47.84
C GLU D 1556 -6.17 -42.30 49.24
N GLY D 1557 -5.73 -41.15 49.72
CA GLY D 1557 -6.14 -40.62 51.00
C GLY D 1557 -7.36 -39.73 50.96
N LEU D 1558 -8.12 -39.77 49.87
CA LEU D 1558 -9.30 -38.93 49.73
C LEU D 1558 -10.49 -39.54 50.49
N ASP D 1559 -11.64 -38.89 50.39
CA ASP D 1559 -12.86 -39.44 50.97
C ASP D 1559 -13.24 -40.74 50.29
N SER D 1560 -13.09 -40.81 48.97
CA SER D 1560 -13.39 -42.02 48.22
C SER D 1560 -12.60 -42.02 46.92
N GLU D 1561 -12.51 -43.19 46.30
CA GLU D 1561 -11.87 -43.33 45.00
C GLU D 1561 -12.75 -42.82 43.86
N SER D 1562 -13.98 -42.41 44.17
CA SER D 1562 -14.90 -41.95 43.12
C SER D 1562 -14.34 -40.75 42.37
N ILE D 1563 -13.58 -39.88 43.03
CA ILE D 1563 -13.03 -38.70 42.36
C ILE D 1563 -12.05 -39.11 41.26
N ILE D 1564 -11.07 -39.94 41.62
CA ILE D 1564 -10.07 -40.35 40.64
C ILE D 1564 -10.71 -41.23 39.57
N TYR D 1565 -11.71 -42.03 39.92
CA TYR D 1565 -12.34 -42.87 38.91
C TYR D 1565 -13.20 -42.05 37.95
N ASP D 1566 -13.84 -40.99 38.45
CA ASP D 1566 -14.55 -40.08 37.56
C ASP D 1566 -13.59 -39.38 36.60
N LEU D 1567 -12.44 -38.93 37.12
CA LEU D 1567 -11.45 -38.31 36.25
C LEU D 1567 -10.96 -39.29 35.19
N ALA D 1568 -10.68 -40.53 35.59
CA ALA D 1568 -10.24 -41.54 34.65
C ALA D 1568 -11.30 -41.81 33.59
N TYR D 1569 -12.56 -41.92 34.01
CA TYR D 1569 -13.64 -42.23 33.07
C TYR D 1569 -13.82 -41.11 32.06
N THR D 1570 -13.82 -39.86 32.51
CA THR D 1570 -14.02 -38.76 31.57
C THR D 1570 -12.82 -38.59 30.64
N PHE D 1571 -11.60 -38.80 31.16
CA PHE D 1571 -10.43 -38.73 30.29
C PHE D 1571 -10.45 -39.83 29.24
N LEU D 1572 -10.83 -41.05 29.65
CA LEU D 1572 -10.97 -42.14 28.68
C LEU D 1572 -12.06 -41.82 27.66
N LEU D 1573 -13.17 -41.25 28.11
CA LEU D 1573 -14.28 -40.95 27.22
C LEU D 1573 -13.88 -39.95 26.14
N LYS D 1574 -13.14 -38.90 26.51
CA LYS D 1574 -12.72 -37.96 25.48
C LYS D 1574 -11.47 -38.41 24.74
N SER D 1575 -10.73 -39.39 25.26
CA SER D 1575 -9.61 -39.95 24.51
C SER D 1575 -10.08 -40.90 23.43
N LEU D 1576 -11.18 -41.61 23.68
CA LEU D 1576 -11.72 -42.54 22.69
C LEU D 1576 -12.43 -41.84 21.55
N LEU D 1577 -12.81 -40.57 21.72
CA LEU D 1577 -13.60 -39.87 20.72
C LEU D 1577 -12.92 -39.75 19.37
N PRO D 1578 -11.64 -39.33 19.26
CA PRO D 1578 -11.04 -39.23 17.92
C PRO D 1578 -11.00 -40.54 17.16
N THR D 1579 -10.67 -41.65 17.83
CA THR D 1579 -10.63 -42.94 17.14
C THR D 1579 -12.01 -43.36 16.65
N ILE D 1580 -13.03 -43.13 17.48
CA ILE D 1580 -14.40 -43.43 17.07
C ILE D 1580 -14.79 -42.60 15.85
N ARG D 1581 -14.44 -41.31 15.84
CA ARG D 1581 -14.78 -40.48 14.70
C ARG D 1581 -14.05 -40.93 13.43
N ARG D 1582 -12.78 -41.33 13.56
CA ARG D 1582 -12.06 -41.85 12.40
C ARG D 1582 -12.70 -43.15 11.91
N CYS D 1583 -13.15 -44.00 12.83
CA CYS D 1583 -13.84 -45.22 12.43
C CYS D 1583 -15.14 -44.91 11.69
N LEU D 1584 -15.87 -43.89 12.15
CA LEU D 1584 -17.09 -43.48 11.45
C LEU D 1584 -16.78 -42.94 10.06
N VAL D 1585 -15.69 -42.18 9.92
CA VAL D 1585 -15.28 -41.70 8.60
C VAL D 1585 -14.94 -42.87 7.69
N PHE D 1586 -14.25 -43.88 8.24
CA PHE D 1586 -13.96 -45.10 7.48
C PHE D 1586 -15.25 -45.80 7.05
N ILE D 1587 -16.22 -45.87 7.95
CA ILE D 1587 -17.51 -46.48 7.61
C ILE D 1587 -18.18 -45.71 6.48
N LYS D 1588 -18.15 -44.38 6.54
CA LYS D 1588 -18.80 -43.59 5.50
C LYS D 1588 -18.10 -43.76 4.16
N VAL D 1589 -16.77 -43.81 4.15
CA VAL D 1589 -16.07 -43.96 2.87
C VAL D 1589 -16.35 -45.35 2.29
N LEU D 1590 -16.44 -46.37 3.15
CA LEU D 1590 -16.83 -47.69 2.66
C LEU D 1590 -18.25 -47.69 2.10
N HIS D 1591 -19.17 -46.99 2.78
CA HIS D 1591 -20.55 -46.91 2.30
C HIS D 1591 -20.62 -46.20 0.95
N GLU D 1592 -19.88 -45.10 0.80
CA GLU D 1592 -19.83 -44.43 -0.49
C GLU D 1592 -19.15 -45.29 -1.55
N LEU D 1593 -18.33 -46.25 -1.13
CA LEU D 1593 -17.73 -47.18 -2.08
C LEU D 1593 -18.76 -48.16 -2.63
N VAL D 1594 -19.67 -48.64 -1.79
CA VAL D 1594 -20.59 -49.69 -2.19
C VAL D 1594 -22.03 -49.22 -2.08
N LYS D 1595 -22.26 -47.92 -2.29
CA LYS D 1595 -23.61 -47.38 -2.24
C LYS D 1595 -24.48 -47.97 -3.33
N ASP D 1596 -25.75 -48.23 -2.99
CA ASP D 1596 -26.67 -48.84 -3.96
C ASP D 1596 -27.02 -47.87 -5.08
N SER D 1597 -27.35 -46.63 -4.72
CA SER D 1597 -27.65 -45.59 -5.68
C SER D 1597 -26.52 -44.56 -5.69
N GLU D 1598 -26.54 -43.70 -6.71
CA GLU D 1598 -25.53 -42.65 -6.79
C GLU D 1598 -25.63 -41.68 -5.62
N ASN D 1599 -26.83 -41.52 -5.06
CA ASN D 1599 -27.03 -40.77 -3.83
C ASN D 1599 -27.90 -41.61 -2.91
N GLU D 1600 -27.44 -41.80 -1.68
CA GLU D 1600 -28.18 -42.61 -0.72
C GLU D 1600 -27.76 -42.21 0.70
N THR D 1601 -28.63 -42.53 1.65
CA THR D 1601 -28.35 -42.23 3.05
C THR D 1601 -27.51 -43.34 3.67
N LEU D 1602 -26.98 -43.06 4.86
CA LEU D 1602 -26.15 -44.01 5.59
C LEU D 1602 -26.97 -44.57 6.76
N VAL D 1603 -27.21 -45.88 6.74
CA VAL D 1603 -28.01 -46.55 7.75
C VAL D 1603 -27.18 -47.68 8.34
N ILE D 1604 -27.07 -47.71 9.67
CA ILE D 1604 -26.41 -48.78 10.39
C ILE D 1604 -27.38 -49.35 11.41
N ASN D 1605 -27.55 -50.68 11.40
CA ASN D 1605 -28.47 -51.38 12.29
C ASN D 1605 -29.89 -50.81 12.17
N GLY D 1606 -30.28 -50.44 10.96
CA GLY D 1606 -31.61 -49.92 10.72
C GLY D 1606 -31.84 -48.49 11.16
N HIS D 1607 -30.78 -47.76 11.51
CA HIS D 1607 -30.91 -46.40 12.00
C HIS D 1607 -30.02 -45.46 11.20
N GLU D 1608 -30.53 -44.27 10.89
CA GLU D 1608 -29.73 -43.23 10.28
C GLU D 1608 -28.71 -42.72 11.30
N VAL D 1609 -27.43 -42.75 10.92
CA VAL D 1609 -26.38 -42.39 11.87
C VAL D 1609 -26.46 -40.91 12.24
N GLU D 1610 -26.68 -40.05 11.25
CA GLU D 1610 -26.73 -38.61 11.52
C GLU D 1610 -27.89 -38.26 12.44
N GLU D 1611 -29.05 -38.87 12.22
CA GLU D 1611 -30.21 -38.58 13.06
C GLU D 1611 -29.99 -39.06 14.49
N GLU D 1612 -29.40 -40.24 14.65
CA GLU D 1612 -29.21 -40.82 15.98
C GLU D 1612 -27.96 -40.34 16.68
N LEU D 1613 -27.13 -39.50 16.04
CA LEU D 1613 -25.93 -38.99 16.67
C LEU D 1613 -25.87 -37.48 16.79
N GLU D 1614 -26.75 -36.73 16.11
CA GLU D 1614 -26.60 -35.28 16.01
C GLU D 1614 -26.88 -34.56 17.33
N PHE D 1615 -27.59 -35.19 18.26
CA PHE D 1615 -28.02 -34.50 19.48
C PHE D 1615 -27.69 -35.33 20.72
N GLU D 1616 -26.45 -35.80 20.83
CA GLU D 1616 -26.04 -36.63 21.96
C GLU D 1616 -24.88 -35.98 22.71
N ASP D 1617 -24.88 -36.15 24.03
CA ASP D 1617 -23.78 -35.70 24.86
C ASP D 1617 -22.57 -36.60 24.65
N THR D 1618 -21.48 -36.28 25.34
CA THR D 1618 -20.20 -36.95 25.08
C THR D 1618 -20.18 -38.40 25.54
N ALA D 1619 -21.10 -38.81 26.40
CA ALA D 1619 -21.17 -40.19 26.87
C ALA D 1619 -22.15 -41.04 26.09
N GLU D 1620 -23.37 -40.54 25.90
CA GLU D 1620 -24.34 -41.27 25.09
C GLU D 1620 -23.90 -41.36 23.63
N PHE D 1621 -23.19 -40.35 23.12
CA PHE D 1621 -22.58 -40.47 21.80
C PHE D 1621 -21.62 -41.66 21.75
N VAL D 1622 -20.76 -41.79 22.77
CA VAL D 1622 -19.80 -42.89 22.78
C VAL D 1622 -20.53 -44.23 22.84
N ASN D 1623 -21.58 -44.31 23.66
CA ASN D 1623 -22.34 -45.56 23.77
C ASN D 1623 -23.00 -45.93 22.45
N LYS D 1624 -23.65 -44.95 21.79
CA LYS D 1624 -24.30 -45.22 20.52
C LYS D 1624 -23.28 -45.60 19.45
N ALA D 1625 -22.13 -44.94 19.44
CA ALA D 1625 -21.11 -45.25 18.46
C ALA D 1625 -20.53 -46.65 18.68
N LEU D 1626 -20.35 -47.04 19.95
CA LEU D 1626 -19.92 -48.40 20.24
C LEU D 1626 -20.96 -49.41 19.77
N LYS D 1627 -22.24 -49.09 19.95
CA LYS D 1627 -23.29 -49.93 19.38
C LYS D 1627 -23.14 -50.05 17.87
N MET D 1628 -22.86 -48.93 17.20
CA MET D 1628 -22.83 -48.94 15.74
C MET D 1628 -21.62 -49.69 15.20
N ILE D 1629 -20.44 -49.48 15.78
CA ILE D 1629 -19.20 -49.96 15.19
C ILE D 1629 -18.62 -51.18 15.90
N THR D 1630 -18.86 -51.34 17.20
CA THR D 1630 -18.31 -52.46 17.94
C THR D 1630 -19.39 -53.52 18.17
N GLU D 1631 -19.00 -54.58 18.88
CA GLU D 1631 -19.90 -55.67 19.22
C GLU D 1631 -20.51 -55.50 20.60
N LYS D 1632 -20.25 -54.39 21.27
CA LYS D 1632 -20.75 -54.13 22.62
C LYS D 1632 -21.69 -52.93 22.60
N GLU D 1633 -22.65 -52.95 23.52
CA GLU D 1633 -23.72 -51.94 23.52
C GLU D 1633 -23.34 -50.66 24.25
N SER D 1634 -22.23 -50.64 24.98
CA SER D 1634 -21.86 -49.46 25.75
C SER D 1634 -20.41 -49.63 26.19
N LEU D 1635 -19.91 -48.61 26.90
CA LEU D 1635 -18.55 -48.69 27.46
C LEU D 1635 -18.50 -49.64 28.64
N VAL D 1636 -19.61 -49.81 29.36
CA VAL D 1636 -19.67 -50.78 30.45
C VAL D 1636 -19.49 -52.19 29.89
N ASP D 1637 -20.19 -52.50 28.80
CA ASP D 1637 -20.08 -53.82 28.19
C ASP D 1637 -18.73 -54.03 27.53
N LEU D 1638 -18.16 -52.97 26.94
CA LEU D 1638 -16.86 -53.09 26.28
C LEU D 1638 -15.77 -53.43 27.29
N LEU D 1639 -15.80 -52.80 28.47
CA LEU D 1639 -14.75 -53.04 29.46
C LEU D 1639 -14.88 -54.41 30.11
N THR D 1640 -16.10 -54.96 30.14
CA THR D 1640 -16.33 -56.26 30.76
C THR D 1640 -15.69 -57.41 30.00
N THR D 1641 -15.31 -57.18 28.74
CA THR D 1641 -14.73 -58.24 27.91
C THR D 1641 -13.38 -58.68 28.49
N GLN D 1642 -13.06 -59.96 28.26
CA GLN D 1642 -11.85 -60.56 28.79
C GLN D 1642 -10.60 -59.84 28.30
N GLU D 1643 -9.46 -60.19 28.90
CA GLU D 1643 -8.19 -59.52 28.66
C GLU D 1643 -7.26 -60.35 27.77
N SER D 1644 -7.83 -61.00 26.75
CA SER D 1644 -7.03 -61.81 25.84
C SER D 1644 -5.94 -60.97 25.19
N ILE D 1645 -4.72 -61.52 25.14
CA ILE D 1645 -3.59 -60.79 24.59
C ILE D 1645 -3.76 -60.64 23.08
N VAL D 1646 -3.09 -59.63 22.54
CA VAL D 1646 -3.13 -59.30 21.12
C VAL D 1646 -1.70 -59.39 20.56
N SER D 1647 -1.57 -59.92 19.35
CA SER D 1647 -0.27 -60.20 18.77
C SER D 1647 0.32 -59.05 17.97
N HIS D 1648 -0.51 -58.17 17.42
CA HIS D 1648 0.01 -57.11 16.56
C HIS D 1648 0.81 -56.12 17.39
N PRO D 1649 2.03 -55.77 16.97
CA PRO D 1649 2.86 -54.85 17.78
C PRO D 1649 2.30 -53.44 17.90
N TYR D 1650 1.36 -53.05 17.02
CA TYR D 1650 0.81 -51.70 17.09
C TYR D 1650 0.03 -51.45 18.38
N LEU D 1651 -0.46 -52.51 19.02
CA LEU D 1651 -1.25 -52.37 20.25
C LEU D 1651 -0.40 -52.36 21.50
N GLU D 1652 0.92 -52.42 21.37
CA GLU D 1652 1.83 -52.38 22.51
C GLU D 1652 2.35 -50.95 22.68
N ASN D 1653 2.07 -50.36 23.84
CA ASN D 1653 2.49 -49.00 24.15
C ASN D 1653 1.93 -48.01 23.12
N ILE D 1654 0.61 -47.95 23.07
CA ILE D 1654 -0.08 -47.11 22.09
C ILE D 1654 0.10 -45.64 22.45
N PRO D 1655 0.55 -44.79 21.53
CA PRO D 1655 0.72 -43.37 21.84
C PRO D 1655 -0.59 -42.67 22.08
N TYR D 1656 -0.52 -41.55 22.80
CA TYR D 1656 -1.69 -40.74 23.14
C TYR D 1656 -1.66 -39.47 22.30
N GLU D 1657 -2.51 -39.41 21.27
CA GLU D 1657 -2.57 -38.25 20.41
C GLU D 1657 -3.27 -37.09 21.12
N TYR D 1658 -2.93 -35.88 20.67
CA TYR D 1658 -3.52 -34.67 21.21
C TYR D 1658 -5.03 -34.67 21.00
N CYS D 1659 -5.80 -34.71 22.09
CA CYS D 1659 -7.25 -34.85 22.01
C CYS D 1659 -7.98 -33.51 22.02
N GLY D 1660 -7.26 -32.39 22.06
CA GLY D 1660 -7.87 -31.09 21.99
C GLY D 1660 -8.04 -30.63 20.55
N ILE D 1661 -8.39 -29.35 20.40
CA ILE D 1661 -8.52 -28.76 19.07
C ILE D 1661 -7.14 -28.41 18.54
N ILE D 1662 -6.81 -28.92 17.37
CA ILE D 1662 -5.56 -28.59 16.70
C ILE D 1662 -5.83 -27.43 15.76
N LYS D 1663 -5.10 -26.33 15.97
CA LYS D 1663 -5.34 -25.11 15.20
C LYS D 1663 -4.09 -24.24 15.32
N LEU D 1664 -4.12 -23.10 14.63
CA LEU D 1664 -3.04 -22.13 14.72
C LEU D 1664 -3.06 -21.46 16.09
N ILE D 1665 -2.07 -20.59 16.32
CA ILE D 1665 -1.92 -19.95 17.62
C ILE D 1665 -3.09 -19.01 17.89
N ASP D 1666 -3.24 -18.63 19.16
CA ASP D 1666 -4.31 -17.75 19.60
C ASP D 1666 -3.85 -16.31 19.41
N LEU D 1667 -4.24 -15.71 18.29
CA LEU D 1667 -3.86 -14.34 18.00
C LEU D 1667 -4.59 -13.37 18.93
N SER D 1668 -4.02 -12.18 19.07
CA SER D 1668 -4.58 -11.17 19.96
C SER D 1668 -5.89 -10.62 19.40
N LYS D 1669 -6.74 -10.13 20.30
CA LYS D 1669 -8.02 -9.56 19.89
C LYS D 1669 -7.81 -8.36 18.97
N TYR D 1670 -6.90 -7.46 19.33
CA TYR D 1670 -6.57 -6.30 18.52
C TYR D 1670 -5.17 -6.47 17.96
N LEU D 1671 -5.05 -6.32 16.63
CA LEU D 1671 -3.74 -6.41 16.00
C LEU D 1671 -2.80 -5.30 16.45
N ASN D 1672 -3.37 -4.17 16.89
CA ASN D 1672 -2.55 -3.05 17.33
C ASN D 1672 -1.76 -3.34 18.59
N THR D 1673 -2.11 -4.39 19.33
CA THR D 1673 -1.36 -4.73 20.54
C THR D 1673 0.07 -5.14 20.20
N TYR D 1674 0.25 -5.87 19.10
CA TYR D 1674 1.57 -6.38 18.75
C TYR D 1674 2.56 -5.28 18.39
N VAL D 1675 2.09 -4.09 18.05
CA VAL D 1675 2.96 -2.98 17.70
C VAL D 1675 2.93 -1.86 18.74
N THR D 1676 1.74 -1.54 19.27
CA THR D 1676 1.65 -0.52 20.30
C THR D 1676 2.21 -1.01 21.62
N GLN D 1677 2.03 -2.31 21.91
CA GLN D 1677 2.45 -2.88 23.18
C GLN D 1677 3.36 -4.08 22.94
N SER D 1678 4.36 -3.90 22.08
CA SER D 1678 5.24 -5.00 21.68
C SER D 1678 6.09 -5.54 22.82
N LYS D 1679 6.19 -4.83 23.94
CA LYS D 1679 7.06 -5.26 25.03
C LYS D 1679 6.32 -5.98 26.14
N GLU D 1680 5.05 -5.68 26.37
CA GLU D 1680 4.28 -6.38 27.39
C GLU D 1680 3.60 -7.64 26.85
N ILE D 1681 3.71 -7.89 25.54
CA ILE D 1681 3.18 -9.10 24.95
C ILE D 1681 4.21 -10.22 25.13
N LYS D 1682 3.85 -11.24 25.90
CA LYS D 1682 4.76 -12.33 26.19
C LYS D 1682 4.66 -13.39 25.10
N LEU D 1683 5.79 -13.69 24.46
CA LEU D 1683 5.81 -14.59 23.32
C LEU D 1683 7.19 -15.18 23.17
N ARG D 1684 7.25 -16.43 22.74
CA ARG D 1684 8.53 -17.09 22.53
C ARG D 1684 9.34 -16.36 21.46
N GLU D 1685 10.61 -16.13 21.76
CA GLU D 1685 11.49 -15.36 20.89
C GLU D 1685 12.41 -16.28 20.11
N GLU D 1686 12.53 -16.03 18.81
CA GLU D 1686 13.43 -16.81 17.98
C GLU D 1686 14.88 -16.60 18.41
N ARG D 1687 15.62 -17.70 18.51
CA ARG D 1687 17.01 -17.62 18.94
C ARG D 1687 17.87 -16.85 17.93
N SER D 1688 17.51 -16.91 16.65
CA SER D 1688 18.20 -16.09 15.65
C SER D 1688 17.94 -14.61 15.92
N GLN D 1689 18.94 -13.79 15.59
CA GLN D 1689 18.96 -12.36 15.91
C GLN D 1689 18.83 -12.25 17.43
N HIS D 1690 17.81 -11.57 17.96
CA HIS D 1690 17.59 -11.46 19.40
C HIS D 1690 18.80 -10.87 20.12
N MET D 1691 19.55 -10.02 19.44
CA MET D 1691 20.75 -9.42 19.99
C MET D 1691 20.81 -7.96 19.56
N LYS D 1692 21.76 -7.23 20.15
CA LYS D 1692 21.94 -5.80 19.89
C LYS D 1692 20.65 -5.02 20.16
N ASN D 1693 19.99 -5.36 21.25
CA ASN D 1693 18.73 -4.73 21.66
C ASN D 1693 17.68 -4.84 20.56
N ALA D 1694 17.41 -6.07 20.13
CA ALA D 1694 16.34 -6.32 19.17
C ALA D 1694 14.96 -6.13 19.77
N ASP D 1695 14.86 -5.97 21.09
CA ASP D 1695 13.56 -5.78 21.73
C ASP D 1695 12.87 -4.51 21.28
N ASN D 1696 13.62 -3.51 20.80
CA ASN D 1696 13.05 -2.24 20.37
C ASN D 1696 12.73 -2.19 18.89
N ARG D 1697 12.93 -3.29 18.16
CA ARG D 1697 12.66 -3.33 16.73
C ARG D 1697 11.34 -4.05 16.47
N LEU D 1698 10.62 -3.60 15.45
CA LEU D 1698 9.34 -4.18 15.06
C LEU D 1698 9.40 -4.89 13.72
N ASP D 1699 10.61 -5.18 13.22
CA ASP D 1699 10.78 -5.90 11.96
C ASP D 1699 10.73 -7.40 12.19
N PHE D 1700 9.57 -7.87 12.66
CA PHE D 1700 9.39 -9.27 13.03
C PHE D 1700 8.07 -9.80 12.50
N LYS D 1701 8.04 -11.11 12.28
CA LYS D 1701 6.82 -11.83 11.94
C LYS D 1701 6.52 -12.86 13.02
N ILE D 1702 5.24 -13.09 13.27
CA ILE D 1702 4.79 -14.07 14.25
C ILE D 1702 4.39 -15.34 13.51
N CYS D 1703 5.00 -16.46 13.86
CA CYS D 1703 4.66 -17.72 13.23
C CYS D 1703 3.31 -18.22 13.76
N LEU D 1704 2.39 -18.51 12.84
CA LEU D 1704 1.05 -18.93 13.25
C LEU D 1704 1.02 -20.38 13.71
N THR D 1705 1.95 -21.21 13.21
CA THR D 1705 1.94 -22.62 13.59
C THR D 1705 2.38 -22.82 15.04
N CYS D 1706 3.43 -22.11 15.46
CA CYS D 1706 4.03 -22.33 16.77
C CYS D 1706 3.99 -21.13 17.70
N GLY D 1707 3.92 -19.92 17.17
CA GLY D 1707 3.88 -18.74 18.00
C GLY D 1707 5.23 -18.10 18.31
N VAL D 1708 6.28 -18.49 17.61
CA VAL D 1708 7.61 -17.94 17.85
C VAL D 1708 7.73 -16.60 17.13
N LYS D 1709 8.04 -15.55 17.87
CA LYS D 1709 8.25 -14.23 17.29
C LYS D 1709 9.57 -14.23 16.52
N VAL D 1710 9.49 -14.22 15.20
CA VAL D 1710 10.66 -14.34 14.33
C VAL D 1710 11.06 -12.95 13.87
N HIS D 1711 12.26 -12.51 14.25
CA HIS D 1711 12.78 -11.23 13.83
C HIS D 1711 13.44 -11.36 12.46
N LEU D 1712 13.10 -10.45 11.55
CA LEU D 1712 13.53 -10.55 10.16
C LEU D 1712 14.91 -9.94 10.00
N ARG D 1713 15.83 -10.71 9.42
CA ARG D 1713 17.16 -10.23 9.06
C ARG D 1713 17.25 -9.80 7.61
N ALA D 1714 16.13 -9.81 6.88
CA ALA D 1714 16.11 -9.46 5.45
C ALA D 1714 17.08 -10.32 4.65
N ASP D 1715 17.12 -11.60 4.96
CA ASP D 1715 18.04 -12.52 4.28
C ASP D 1715 17.42 -13.91 4.26
N ARG D 1716 17.98 -14.76 3.40
CA ARG D 1716 17.60 -16.17 3.29
C ARG D 1716 16.14 -16.33 2.90
N HIS D 1717 15.79 -15.74 1.76
CA HIS D 1717 14.49 -15.91 1.10
C HIS D 1717 13.34 -15.61 2.07
N GLU D 1718 13.29 -14.34 2.51
CA GLU D 1718 12.25 -13.86 3.42
C GLU D 1718 12.20 -14.70 4.70
N MET D 1719 13.37 -14.91 5.30
CA MET D 1719 13.51 -15.62 6.57
C MET D 1719 12.95 -17.03 6.47
N THR D 1720 13.57 -17.84 5.60
CA THR D 1720 13.24 -19.25 5.49
C THR D 1720 13.90 -20.08 6.60
N LYS D 1721 14.81 -19.48 7.36
CA LYS D 1721 15.52 -20.21 8.40
C LYS D 1721 14.58 -20.73 9.48
N HIS D 1722 13.50 -20.00 9.77
CA HIS D 1722 12.54 -20.48 10.76
C HIS D 1722 11.83 -21.73 10.28
N LEU D 1723 11.67 -21.90 8.97
CA LEU D 1723 11.09 -23.14 8.46
C LEU D 1723 12.12 -24.25 8.35
N ASN D 1724 13.36 -23.91 7.96
CA ASN D 1724 14.41 -24.92 7.89
C ASN D 1724 14.71 -25.51 9.26
N LYS D 1725 14.76 -24.67 10.30
CA LYS D 1725 15.02 -25.13 11.65
C LYS D 1725 14.06 -24.45 12.60
N ASN D 1726 13.72 -25.17 13.68
CA ASN D 1726 12.89 -24.73 14.81
C ASN D 1726 11.39 -24.71 14.52
N CYS D 1727 10.93 -25.21 13.38
CA CYS D 1727 9.51 -25.22 13.07
C CYS D 1727 9.25 -26.23 11.95
N PHE D 1728 8.00 -26.25 11.48
CA PHE D 1728 7.59 -27.16 10.42
C PHE D 1728 8.20 -26.71 9.08
N LYS D 1729 8.89 -27.63 8.41
CA LYS D 1729 9.65 -27.23 7.22
C LYS D 1729 8.78 -27.05 5.98
N PRO D 1730 7.95 -28.02 5.57
CA PRO D 1730 7.33 -27.91 4.24
C PRO D 1730 6.52 -26.65 4.00
N PHE D 1731 5.77 -26.17 5.00
CA PHE D 1731 5.02 -24.92 4.81
C PHE D 1731 4.72 -24.32 6.17
N GLY D 1732 4.34 -23.04 6.13
CA GLY D 1732 3.99 -22.32 7.33
C GLY D 1732 3.31 -21.02 6.98
N ALA D 1733 2.84 -20.33 8.02
CA ALA D 1733 2.16 -19.05 7.86
C ALA D 1733 2.63 -18.09 8.94
N PHE D 1734 3.05 -16.90 8.53
CA PHE D 1734 3.56 -15.90 9.45
C PHE D 1734 2.68 -14.66 9.39
N LEU D 1735 2.29 -14.16 10.56
CA LEU D 1735 1.51 -12.93 10.66
C LEU D 1735 2.45 -11.73 10.71
N MET D 1736 2.10 -10.68 9.98
CA MET D 1736 2.86 -9.43 10.00
C MET D 1736 2.03 -8.36 10.69
N PRO D 1737 2.29 -8.08 11.96
CA PRO D 1737 1.40 -7.17 12.71
C PRO D 1737 1.36 -5.76 12.13
N ASN D 1738 2.48 -5.25 11.60
CA ASN D 1738 2.50 -3.87 11.13
C ASN D 1738 1.78 -3.73 9.79
N SER D 1739 1.95 -4.69 8.89
CA SER D 1739 1.34 -4.62 7.57
C SER D 1739 -0.05 -5.25 7.53
N SER D 1740 -0.49 -5.90 8.60
CA SER D 1740 -1.78 -6.58 8.66
C SER D 1740 -1.93 -7.59 7.53
N GLU D 1741 -0.84 -8.30 7.23
CA GLU D 1741 -0.83 -9.33 6.20
C GLU D 1741 -0.29 -10.63 6.77
N VAL D 1742 -0.73 -11.73 6.18
CA VAL D 1742 -0.24 -13.06 6.52
C VAL D 1742 0.45 -13.64 5.29
N CYS D 1743 1.70 -14.06 5.46
CA CYS D 1743 2.47 -14.61 4.36
C CYS D 1743 2.48 -16.14 4.46
N LEU D 1744 2.07 -16.80 3.38
CA LEU D 1744 2.04 -18.26 3.30
C LEU D 1744 3.30 -18.71 2.58
N HIS D 1745 4.12 -19.51 3.26
CA HIS D 1745 5.41 -19.93 2.73
C HIS D 1745 5.37 -21.41 2.35
N LEU D 1746 5.96 -21.72 1.20
CA LEU D 1746 6.17 -23.10 0.76
C LEU D 1746 7.65 -23.32 0.55
N THR D 1747 8.15 -24.47 1.01
CA THR D 1747 9.59 -24.68 1.15
C THR D 1747 10.21 -25.35 -0.08
N GLN D 1748 9.71 -26.52 -0.47
CA GLN D 1748 10.41 -27.31 -1.47
C GLN D 1748 10.59 -26.56 -2.79
N PRO D 1749 9.55 -26.00 -3.41
CA PRO D 1749 9.78 -24.88 -4.32
C PRO D 1749 9.74 -23.57 -3.57
N PRO D 1750 10.85 -22.82 -3.55
CA PRO D 1750 10.87 -21.56 -2.78
C PRO D 1750 9.86 -20.56 -3.30
N SER D 1751 8.82 -20.30 -2.51
CA SER D 1751 7.74 -19.41 -2.95
C SER D 1751 6.94 -18.95 -1.73
N ASN D 1752 6.31 -17.79 -1.88
CA ASN D 1752 5.42 -17.28 -0.85
C ASN D 1752 4.46 -16.29 -1.46
N ILE D 1753 3.32 -16.08 -0.79
CA ILE D 1753 2.32 -15.10 -1.19
C ILE D 1753 1.88 -14.32 0.03
N PHE D 1754 1.22 -13.20 -0.20
CA PHE D 1754 0.69 -12.35 0.85
C PHE D 1754 -0.82 -12.33 0.77
N ILE D 1755 -1.47 -12.54 1.91
CA ILE D 1755 -2.92 -12.45 2.02
C ILE D 1755 -3.26 -11.51 3.17
N SER D 1756 -4.44 -10.90 3.11
CA SER D 1756 -4.89 -10.03 4.18
C SER D 1756 -5.08 -10.84 5.45
N ALA D 1757 -4.60 -10.30 6.57
CA ALA D 1757 -4.72 -10.99 7.83
C ALA D 1757 -6.18 -11.09 8.25
N PRO D 1758 -6.53 -12.09 9.07
CA PRO D 1758 -7.93 -12.20 9.52
C PRO D 1758 -8.29 -11.13 10.53
N TYR D 1759 -8.02 -9.88 10.17
CA TYR D 1759 -8.22 -8.73 11.04
C TYR D 1759 -9.03 -7.69 10.28
N LEU D 1760 -10.07 -7.17 10.93
CA LEU D 1760 -10.98 -6.21 10.31
C LEU D 1760 -10.92 -4.91 11.08
N ASN D 1761 -10.50 -3.84 10.40
CA ASN D 1761 -10.38 -2.52 10.99
C ASN D 1761 -11.77 -2.02 11.43
N SER D 1762 -11.77 -1.01 12.31
CA SER D 1762 -13.03 -0.43 12.77
C SER D 1762 -13.86 0.06 11.59
N HIS D 1763 -13.23 0.81 10.67
CA HIS D 1763 -13.95 1.35 9.49
C HIS D 1763 -14.23 0.24 8.46
N GLY D 1764 -13.72 -0.98 8.69
CA GLY D 1764 -13.99 -2.11 7.78
C GLY D 1764 -12.91 -2.29 6.73
N GLU D 1765 -11.79 -1.57 6.84
CA GLU D 1765 -10.66 -1.73 5.90
C GLU D 1765 -9.93 -3.05 6.18
N VAL D 1766 -9.38 -3.69 5.14
CA VAL D 1766 -8.59 -4.93 5.33
C VAL D 1766 -7.23 -4.76 4.65
N GLY D 1767 -6.23 -5.55 5.07
CA GLY D 1767 -4.91 -5.50 4.43
C GLY D 1767 -4.07 -4.34 4.95
N ARG D 1768 -3.19 -3.80 4.10
CA ARG D 1768 -2.30 -2.72 4.54
C ARG D 1768 -3.10 -1.47 4.92
N ASN D 1769 -4.24 -1.25 4.25
CA ASN D 1769 -5.06 -0.09 4.54
C ASN D 1769 -5.65 -0.12 5.94
N ALA D 1770 -5.74 -1.31 6.56
CA ALA D 1770 -6.32 -1.41 7.90
C ALA D 1770 -5.42 -0.76 8.94
N MET D 1771 -4.13 -1.08 8.92
CA MET D 1771 -3.20 -0.52 9.88
C MET D 1771 -2.72 0.88 9.51
N ARG D 1772 -2.90 1.29 8.26
CA ARG D 1772 -2.57 2.65 7.88
C ARG D 1772 -3.50 3.64 8.59
N ARG D 1773 -2.96 4.80 8.92
CA ARG D 1773 -3.63 5.86 9.67
C ARG D 1773 -3.93 5.48 11.11
N GLY D 1774 -3.38 4.37 11.60
CA GLY D 1774 -3.47 4.05 13.01
C GLY D 1774 -4.83 3.66 13.52
N ASP D 1775 -5.75 3.25 12.64
CA ASP D 1775 -7.07 2.86 13.08
C ASP D 1775 -7.02 1.57 13.89
N LEU D 1776 -8.00 1.40 14.79
CA LEU D 1776 -8.07 0.20 15.60
C LEU D 1776 -8.45 -1.00 14.75
N THR D 1777 -7.62 -2.03 14.78
CA THR D 1777 -7.83 -3.24 14.00
C THR D 1777 -8.23 -4.38 14.93
N THR D 1778 -9.28 -5.10 14.56
CA THR D 1778 -9.87 -6.12 15.42
C THR D 1778 -9.88 -7.47 14.70
N LEU D 1779 -9.80 -8.55 15.49
CA LEU D 1779 -9.80 -9.89 14.93
C LEU D 1779 -11.20 -10.31 14.50
N ASN D 1780 -11.27 -11.04 13.39
CA ASN D 1780 -12.51 -11.61 12.88
C ASN D 1780 -12.42 -13.12 13.01
N LEU D 1781 -13.39 -13.72 13.70
CA LEU D 1781 -13.33 -15.15 13.97
C LEU D 1781 -13.57 -15.97 12.70
N LYS D 1782 -14.47 -15.51 11.83
CA LYS D 1782 -14.77 -16.27 10.62
C LYS D 1782 -13.56 -16.33 9.68
N ARG D 1783 -12.86 -15.22 9.51
CA ARG D 1783 -11.71 -15.20 8.62
C ARG D 1783 -10.57 -16.05 9.18
N TYR D 1784 -10.37 -16.00 10.49
CA TYR D 1784 -9.30 -16.81 11.09
C TYR D 1784 -9.68 -18.28 11.08
N GLU D 1785 -10.97 -18.60 11.18
CA GLU D 1785 -11.42 -19.97 11.01
C GLU D 1785 -11.19 -20.44 9.58
N HIS D 1786 -11.41 -19.56 8.60
CA HIS D 1786 -11.11 -19.90 7.21
C HIS D 1786 -9.62 -20.16 7.02
N LEU D 1787 -8.78 -19.35 7.64
CA LEU D 1787 -7.34 -19.57 7.57
C LEU D 1787 -6.95 -20.90 8.22
N ASN D 1788 -7.57 -21.23 9.35
CA ASN D 1788 -7.29 -22.49 10.01
C ASN D 1788 -7.74 -23.67 9.16
N ARG D 1789 -8.89 -23.55 8.50
CA ARG D 1789 -9.35 -24.61 7.62
C ARG D 1789 -8.46 -24.75 6.39
N LEU D 1790 -7.89 -23.65 5.93
CA LEU D 1790 -6.91 -23.72 4.85
C LEU D 1790 -5.62 -24.37 5.31
N TRP D 1791 -5.25 -24.17 6.58
CA TRP D 1791 -3.98 -24.70 7.07
C TRP D 1791 -4.06 -26.19 7.42
N ILE D 1792 -5.12 -26.60 8.14
CA ILE D 1792 -5.20 -27.98 8.62
C ILE D 1792 -5.17 -28.96 7.46
N ASN D 1793 -6.03 -28.73 6.47
CA ASN D 1793 -5.90 -29.43 5.20
C ASN D 1793 -4.63 -28.96 4.50
N ASN D 1794 -3.98 -29.87 3.79
CA ASN D 1794 -2.73 -29.50 3.12
C ASN D 1794 -3.03 -28.71 1.86
N GLU D 1795 -3.78 -27.62 2.01
CA GLU D 1795 -4.16 -26.77 0.89
C GLU D 1795 -3.25 -25.57 0.72
N ILE D 1796 -2.43 -25.24 1.72
CA ILE D 1796 -1.55 -24.08 1.61
C ILE D 1796 -0.57 -24.21 0.44
N PRO D 1797 0.09 -25.36 0.21
CA PRO D 1797 0.91 -25.47 -1.01
C PRO D 1797 0.11 -25.28 -2.27
N GLY D 1798 -1.07 -25.92 -2.37
CA GLY D 1798 -1.90 -25.74 -3.55
C GLY D 1798 -2.43 -24.33 -3.68
N TYR D 1799 -2.80 -23.71 -2.55
CA TYR D 1799 -3.26 -22.33 -2.57
C TYR D 1799 -2.16 -21.41 -3.09
N ILE D 1800 -0.93 -21.59 -2.61
CA ILE D 1800 0.19 -20.78 -3.07
C ILE D 1800 0.44 -21.00 -4.56
N SER D 1801 0.40 -22.26 -5.00
CA SER D 1801 0.63 -22.57 -6.40
C SER D 1801 -0.43 -21.94 -7.29
N ARG D 1802 -1.69 -21.94 -6.85
CA ARG D 1802 -2.75 -21.36 -7.65
C ARG D 1802 -2.65 -19.83 -7.69
N VAL D 1803 -2.43 -19.19 -6.55
CA VAL D 1803 -2.39 -17.72 -6.52
C VAL D 1803 -1.25 -17.19 -7.37
N MET D 1804 -0.06 -17.77 -7.25
CA MET D 1804 1.08 -17.29 -8.04
C MET D 1804 0.86 -17.52 -9.52
N GLY D 1805 0.27 -18.65 -9.91
CA GLY D 1805 0.07 -18.93 -11.31
C GLY D 1805 1.35 -19.21 -12.06
N ASP D 1806 1.66 -18.39 -13.06
CA ASP D 1806 2.85 -18.61 -13.88
C ASP D 1806 4.14 -18.38 -13.11
N GLU D 1807 4.11 -17.55 -12.06
CA GLU D 1807 5.31 -17.35 -11.25
C GLU D 1807 5.74 -18.64 -10.57
N PHE D 1808 4.76 -19.43 -10.11
CA PHE D 1808 5.07 -20.75 -9.56
C PHE D 1808 5.59 -21.71 -10.63
N ARG D 1809 5.07 -21.59 -11.85
CA ARG D 1809 5.46 -22.51 -12.92
C ARG D 1809 6.95 -22.39 -13.24
N VAL D 1810 7.48 -21.17 -13.27
CA VAL D 1810 8.90 -20.98 -13.55
C VAL D 1810 9.75 -21.59 -12.44
N THR D 1811 9.28 -21.51 -11.19
CA THR D 1811 9.99 -22.13 -10.09
C THR D 1811 10.03 -23.64 -10.22
N ILE D 1812 9.08 -24.22 -10.94
CA ILE D 1812 9.08 -25.66 -11.19
C ILE D 1812 9.80 -25.96 -12.49
#